data_7A1Y
# 
_entry.id   7A1Y 
# 
_audit_conform.dict_name       mmcif_pdbx.dic 
_audit_conform.dict_version    5.397 
_audit_conform.dict_location   http://mmcif.pdb.org/dictionaries/ascii/mmcif_pdbx.dic 
# 
loop_
_database_2.database_id 
_database_2.database_code 
_database_2.pdbx_database_accession 
_database_2.pdbx_DOI 
PDB   7A1Y         pdb_00007a1y 10.2210/pdb7a1y/pdb 
WWPDB D_1292110741 ?            ?                   
# 
loop_
_pdbx_audit_revision_history.ordinal 
_pdbx_audit_revision_history.data_content_type 
_pdbx_audit_revision_history.major_revision 
_pdbx_audit_revision_history.minor_revision 
_pdbx_audit_revision_history.revision_date 
1 'Structure model' 1 0 2021-10-13 
2 'Structure model' 1 1 2022-01-12 
3 'Structure model' 1 2 2024-05-01 
4 'Structure model' 1 3 2024-10-23 
# 
_pdbx_audit_revision_details.ordinal             1 
_pdbx_audit_revision_details.revision_ordinal    1 
_pdbx_audit_revision_details.data_content_type   'Structure model' 
_pdbx_audit_revision_details.provider            repository 
_pdbx_audit_revision_details.type                'Initial release' 
_pdbx_audit_revision_details.description         ? 
_pdbx_audit_revision_details.details             ? 
# 
loop_
_pdbx_audit_revision_group.ordinal 
_pdbx_audit_revision_group.revision_ordinal 
_pdbx_audit_revision_group.data_content_type 
_pdbx_audit_revision_group.group 
1 2 'Structure model' 'Database references'    
2 3 'Structure model' 'Data collection'        
3 3 'Structure model' 'Refinement description' 
4 4 'Structure model' 'Structure summary'      
# 
loop_
_pdbx_audit_revision_category.ordinal 
_pdbx_audit_revision_category.revision_ordinal 
_pdbx_audit_revision_category.data_content_type 
_pdbx_audit_revision_category.category 
1 2 'Structure model' citation                      
2 2 'Structure model' citation_author               
3 3 'Structure model' chem_comp_atom                
4 3 'Structure model' chem_comp_bond                
5 3 'Structure model' pdbx_initial_refinement_model 
6 4 'Structure model' pdbx_entry_details            
7 4 'Structure model' pdbx_modification_feature     
# 
loop_
_pdbx_audit_revision_item.ordinal 
_pdbx_audit_revision_item.revision_ordinal 
_pdbx_audit_revision_item.data_content_type 
_pdbx_audit_revision_item.item 
1 2 'Structure model' '_citation.country'                            
2 2 'Structure model' '_citation.journal_abbrev'                     
3 2 'Structure model' '_citation.journal_volume'                     
4 2 'Structure model' '_citation.page_first'                         
5 2 'Structure model' '_citation.page_last'                          
6 2 'Structure model' '_citation.year'                               
7 2 'Structure model' '_citation_author.identifier_ORCID'            
8 4 'Structure model' '_pdbx_entry_details.has_protein_modification' 
# 
_pdbx_database_status.status_code                     REL 
_pdbx_database_status.status_code_sf                  REL 
_pdbx_database_status.status_code_mr                  ? 
_pdbx_database_status.entry_id                        7A1Y 
_pdbx_database_status.recvd_initial_deposition_date   2020-08-14 
_pdbx_database_status.SG_entry                        N 
_pdbx_database_status.deposit_site                    PDBE 
_pdbx_database_status.process_site                    PDBE 
_pdbx_database_status.status_code_cs                  ? 
_pdbx_database_status.status_code_nmr_data            ? 
_pdbx_database_status.methods_development_category    ? 
_pdbx_database_status.pdb_format_compatible           Y 
# 
loop_
_audit_author.name 
_audit_author.pdbx_ordinal 
_audit_author.identifier_ORCID 
'Mathieu, M.' 1 0000-0003-4960-0632 
'Steier, V.'  2 ?                   
# 
_citation.abstract                  ? 
_citation.abstract_id_CAS           ? 
_citation.book_id_ISBN              ? 
_citation.book_publisher            ? 
_citation.book_publisher_city       ? 
_citation.book_title                ? 
_citation.coordinate_linkage        ? 
_citation.country                   US 
_citation.database_id_Medline       ? 
_citation.details                   ? 
_citation.id                        primary 
_citation.journal_abbrev            'Small Gtpases' 
_citation.journal_id_ASTM           ? 
_citation.journal_id_CSD            ? 
_citation.journal_id_ISSN           2154-1256 
_citation.journal_full              ? 
_citation.journal_issue             ? 
_citation.journal_volume            13 
_citation.language                  ? 
_citation.page_first                225 
_citation.page_last                 238 
_citation.title                     'KRAS G12C fragment screening renders new binding pockets.' 
_citation.year                      2022 
_citation.database_id_CSD           ? 
_citation.pdbx_database_id_DOI      10.1080/21541248.2021.1979360 
_citation.pdbx_database_id_PubMed   34558391 
_citation.unpublished_flag          ? 
# 
loop_
_citation_author.citation_id 
_citation_author.name 
_citation_author.ordinal 
_citation_author.identifier_ORCID 
primary 'Mathieu, M.'     1  ? 
primary 'Steier, V.'      2  ? 
primary 'Fassy, F.'       3  ? 
primary 'Delorme, C.'     4  ? 
primary 'Papin, D.'       5  ? 
primary 'Genet, B.'       6  ? 
primary 'Duffieux, F.'    7  ? 
primary 'Bertrand, T.'    8  ? 
primary 'Delarbre, L.'    9  ? 
primary 'Le-Borgne, H.'   10 ? 
primary 'Parent, A.'      11 ? 
primary 'Didier, P.'      12 ? 
primary 'Marquette, J.P.' 13 ? 
primary 'Lowinski, M.'    14 ? 
primary 'Houtmann, J.'    15 ? 
primary 'Lamberton, A.'   16 ? 
primary 'Debussche, L.'   17 ? 
primary 'Alexey, R.'      18 ? 
# 
loop_
_entity.id 
_entity.type 
_entity.src_method 
_entity.pdbx_description 
_entity.formula_weight 
_entity.pdbx_number_of_molecules 
_entity.pdbx_ec 
_entity.pdbx_mutation 
_entity.pdbx_fragment 
_entity.details 
1 polymer     man 'GTPase KRas'                                            19374.902 1  3.6.5.2 G12C ? ? 
2 non-polymer syn '~{N}-(3-bromanyl-2,6-dimethyl-pyridin-4-yl)propanamide' 257.127   1  ?       ?    ? ? 
3 non-polymer syn "GUANOSINE-5'-DIPHOSPHATE"                               443.201   1  ?       ?    ? ? 
4 non-polymer syn 'MAGNESIUM ION'                                          24.305    1  ?       ?    ? ? 
5 non-polymer syn 'SULFATE ION'                                            96.063    1  ?       ?    ? ? 
6 water       nat water                                                    18.015    96 ?       ?    ? ? 
# 
_entity_name_com.entity_id   1 
_entity_name_com.name        'K-Ras 2,Ki-Ras,c-K-ras,c-Ki-ras' 
# 
_entity_poly.entity_id                      1 
_entity_poly.type                           'polypeptide(L)' 
_entity_poly.nstd_linkage                   no 
_entity_poly.nstd_monomer                   no 
_entity_poly.pdbx_seq_one_letter_code       
;GMTEYKLVVVGACGVGKSALTIQLIQNHFVDEYDPTIEDSYRKQVVIDGETCLLDILDTAGQEEYSAMRDQYMRTGEGFL
CVFAINNTKSFEDIHHYREQIKRVKDSEDVPMVLVGNKCDLPSRTVDTKQAQDLARSYGIPFIETSAKTRQGVDDAFYTL
VREIRKHKEK
;
_entity_poly.pdbx_seq_one_letter_code_can   
;GMTEYKLVVVGACGVGKSALTIQLIQNHFVDEYDPTIEDSYRKQVVIDGETCLLDILDTAGQEEYSAMRDQYMRTGEGFL
CVFAINNTKSFEDIHHYREQIKRVKDSEDVPMVLVGNKCDLPSRTVDTKQAQDLARSYGIPFIETSAKTRQGVDDAFYTL
VREIRKHKEK
;
_entity_poly.pdbx_strand_id                 A 
_entity_poly.pdbx_target_identifier         ? 
# 
loop_
_pdbx_entity_nonpoly.entity_id 
_pdbx_entity_nonpoly.name 
_pdbx_entity_nonpoly.comp_id 
2 '~{N}-(3-bromanyl-2,6-dimethyl-pyridin-4-yl)propanamide' QWH 
3 "GUANOSINE-5'-DIPHOSPHATE"                               GDP 
4 'MAGNESIUM ION'                                          MG  
5 'SULFATE ION'                                            SO4 
6 water                                                    HOH 
# 
loop_
_entity_poly_seq.entity_id 
_entity_poly_seq.num 
_entity_poly_seq.mon_id 
_entity_poly_seq.hetero 
1 1   GLY n 
1 2   MET n 
1 3   THR n 
1 4   GLU n 
1 5   TYR n 
1 6   LYS n 
1 7   LEU n 
1 8   VAL n 
1 9   VAL n 
1 10  VAL n 
1 11  GLY n 
1 12  ALA n 
1 13  CYS n 
1 14  GLY n 
1 15  VAL n 
1 16  GLY n 
1 17  LYS n 
1 18  SER n 
1 19  ALA n 
1 20  LEU n 
1 21  THR n 
1 22  ILE n 
1 23  GLN n 
1 24  LEU n 
1 25  ILE n 
1 26  GLN n 
1 27  ASN n 
1 28  HIS n 
1 29  PHE n 
1 30  VAL n 
1 31  ASP n 
1 32  GLU n 
1 33  TYR n 
1 34  ASP n 
1 35  PRO n 
1 36  THR n 
1 37  ILE n 
1 38  GLU n 
1 39  ASP n 
1 40  SER n 
1 41  TYR n 
1 42  ARG n 
1 43  LYS n 
1 44  GLN n 
1 45  VAL n 
1 46  VAL n 
1 47  ILE n 
1 48  ASP n 
1 49  GLY n 
1 50  GLU n 
1 51  THR n 
1 52  CYS n 
1 53  LEU n 
1 54  LEU n 
1 55  ASP n 
1 56  ILE n 
1 57  LEU n 
1 58  ASP n 
1 59  THR n 
1 60  ALA n 
1 61  GLY n 
1 62  GLN n 
1 63  GLU n 
1 64  GLU n 
1 65  TYR n 
1 66  SER n 
1 67  ALA n 
1 68  MET n 
1 69  ARG n 
1 70  ASP n 
1 71  GLN n 
1 72  TYR n 
1 73  MET n 
1 74  ARG n 
1 75  THR n 
1 76  GLY n 
1 77  GLU n 
1 78  GLY n 
1 79  PHE n 
1 80  LEU n 
1 81  CYS n 
1 82  VAL n 
1 83  PHE n 
1 84  ALA n 
1 85  ILE n 
1 86  ASN n 
1 87  ASN n 
1 88  THR n 
1 89  LYS n 
1 90  SER n 
1 91  PHE n 
1 92  GLU n 
1 93  ASP n 
1 94  ILE n 
1 95  HIS n 
1 96  HIS n 
1 97  TYR n 
1 98  ARG n 
1 99  GLU n 
1 100 GLN n 
1 101 ILE n 
1 102 LYS n 
1 103 ARG n 
1 104 VAL n 
1 105 LYS n 
1 106 ASP n 
1 107 SER n 
1 108 GLU n 
1 109 ASP n 
1 110 VAL n 
1 111 PRO n 
1 112 MET n 
1 113 VAL n 
1 114 LEU n 
1 115 VAL n 
1 116 GLY n 
1 117 ASN n 
1 118 LYS n 
1 119 CYS n 
1 120 ASP n 
1 121 LEU n 
1 122 PRO n 
1 123 SER n 
1 124 ARG n 
1 125 THR n 
1 126 VAL n 
1 127 ASP n 
1 128 THR n 
1 129 LYS n 
1 130 GLN n 
1 131 ALA n 
1 132 GLN n 
1 133 ASP n 
1 134 LEU n 
1 135 ALA n 
1 136 ARG n 
1 137 SER n 
1 138 TYR n 
1 139 GLY n 
1 140 ILE n 
1 141 PRO n 
1 142 PHE n 
1 143 ILE n 
1 144 GLU n 
1 145 THR n 
1 146 SER n 
1 147 ALA n 
1 148 LYS n 
1 149 THR n 
1 150 ARG n 
1 151 GLN n 
1 152 GLY n 
1 153 VAL n 
1 154 ASP n 
1 155 ASP n 
1 156 ALA n 
1 157 PHE n 
1 158 TYR n 
1 159 THR n 
1 160 LEU n 
1 161 VAL n 
1 162 ARG n 
1 163 GLU n 
1 164 ILE n 
1 165 ARG n 
1 166 LYS n 
1 167 HIS n 
1 168 LYS n 
1 169 GLU n 
1 170 LYS n 
# 
_entity_src_gen.entity_id                          1 
_entity_src_gen.pdbx_src_id                        1 
_entity_src_gen.pdbx_alt_source_flag               sample 
_entity_src_gen.pdbx_seq_type                      'Biological sequence' 
_entity_src_gen.pdbx_beg_seq_num                   1 
_entity_src_gen.pdbx_end_seq_num                   170 
_entity_src_gen.gene_src_common_name               Human 
_entity_src_gen.gene_src_genus                     ? 
_entity_src_gen.pdbx_gene_src_gene                 'KRAS, KRAS2, RASK2' 
_entity_src_gen.gene_src_species                   ? 
_entity_src_gen.gene_src_strain                    ? 
_entity_src_gen.gene_src_tissue                    ? 
_entity_src_gen.gene_src_tissue_fraction           ? 
_entity_src_gen.gene_src_details                   ? 
_entity_src_gen.pdbx_gene_src_fragment             ? 
_entity_src_gen.pdbx_gene_src_scientific_name      'Homo sapiens' 
_entity_src_gen.pdbx_gene_src_ncbi_taxonomy_id     9606 
_entity_src_gen.pdbx_gene_src_variant              ? 
_entity_src_gen.pdbx_gene_src_cell_line            ? 
_entity_src_gen.pdbx_gene_src_atcc                 ? 
_entity_src_gen.pdbx_gene_src_organ                ? 
_entity_src_gen.pdbx_gene_src_organelle            ? 
_entity_src_gen.pdbx_gene_src_cell                 ? 
_entity_src_gen.pdbx_gene_src_cellular_location    ? 
_entity_src_gen.host_org_common_name               ? 
_entity_src_gen.pdbx_host_org_scientific_name      'Escherichia coli BL21(DE3)' 
_entity_src_gen.pdbx_host_org_ncbi_taxonomy_id     469008 
_entity_src_gen.host_org_genus                     ? 
_entity_src_gen.pdbx_host_org_gene                 ? 
_entity_src_gen.pdbx_host_org_organ                NA 
_entity_src_gen.host_org_species                   ? 
_entity_src_gen.pdbx_host_org_tissue               NA 
_entity_src_gen.pdbx_host_org_tissue_fraction      ? 
_entity_src_gen.pdbx_host_org_strain               ? 
_entity_src_gen.pdbx_host_org_variant              NA 
_entity_src_gen.pdbx_host_org_cell_line            NA 
_entity_src_gen.pdbx_host_org_atcc                 NA 
_entity_src_gen.pdbx_host_org_culture_collection   ? 
_entity_src_gen.pdbx_host_org_cell                 NA 
_entity_src_gen.pdbx_host_org_organelle            ? 
_entity_src_gen.pdbx_host_org_cellular_location    ? 
_entity_src_gen.pdbx_host_org_vector_type          'Episomal low copy number' 
_entity_src_gen.pdbx_host_org_vector               ? 
_entity_src_gen.host_org_details                   'T7 promoter' 
_entity_src_gen.expression_system_id               ? 
_entity_src_gen.plasmid_name                       pET-28a 
_entity_src_gen.plasmid_details                    ? 
_entity_src_gen.pdbx_description                   ? 
# 
loop_
_chem_comp.id 
_chem_comp.type 
_chem_comp.mon_nstd_flag 
_chem_comp.name 
_chem_comp.pdbx_synonyms 
_chem_comp.formula 
_chem_comp.formula_weight 
ALA 'L-peptide linking' y ALANINE                                                  ?     'C3 H7 N O2'        89.093  
ARG 'L-peptide linking' y ARGININE                                                 ?     'C6 H15 N4 O2 1'    175.209 
ASN 'L-peptide linking' y ASPARAGINE                                               ?     'C4 H8 N2 O3'       132.118 
ASP 'L-peptide linking' y 'ASPARTIC ACID'                                          ?     'C4 H7 N O4'        133.103 
CYS 'L-peptide linking' y CYSTEINE                                                 ?     'C3 H7 N O2 S'      121.158 
GDP 'RNA linking'       n "GUANOSINE-5'-DIPHOSPHATE"                               ?     'C10 H15 N5 O11 P2' 443.201 
GLN 'L-peptide linking' y GLUTAMINE                                                ?     'C5 H10 N2 O3'      146.144 
GLU 'L-peptide linking' y 'GLUTAMIC ACID'                                          ?     'C5 H9 N O4'        147.129 
GLY 'peptide linking'   y GLYCINE                                                  ?     'C2 H5 N O2'        75.067  
HIS 'L-peptide linking' y HISTIDINE                                                ?     'C6 H10 N3 O2 1'    156.162 
HOH non-polymer         . WATER                                                    ?     'H2 O'              18.015  
ILE 'L-peptide linking' y ISOLEUCINE                                               ?     'C6 H13 N O2'       131.173 
LEU 'L-peptide linking' y LEUCINE                                                  ?     'C6 H13 N O2'       131.173 
LYS 'L-peptide linking' y LYSINE                                                   ?     'C6 H15 N2 O2 1'    147.195 
MET 'L-peptide linking' y METHIONINE                                               ?     'C5 H11 N O2 S'     149.211 
MG  non-polymer         . 'MAGNESIUM ION'                                          ?     'Mg 2'              24.305  
PHE 'L-peptide linking' y PHENYLALANINE                                            ?     'C9 H11 N O2'       165.189 
PRO 'L-peptide linking' y PROLINE                                                  ?     'C5 H9 N O2'        115.130 
QWH non-polymer         . '~{N}-(3-bromanyl-2,6-dimethyl-pyridin-4-yl)propanamide' RA399 'C10 H13 Br N2 O'   257.127 
SER 'L-peptide linking' y SERINE                                                   ?     'C3 H7 N O3'        105.093 
SO4 non-polymer         . 'SULFATE ION'                                            ?     'O4 S -2'           96.063  
THR 'L-peptide linking' y THREONINE                                                ?     'C4 H9 N O3'        119.119 
TYR 'L-peptide linking' y TYROSINE                                                 ?     'C9 H11 N O3'       181.189 
VAL 'L-peptide linking' y VALINE                                                   ?     'C5 H11 N O2'       117.146 
# 
loop_
_pdbx_poly_seq_scheme.asym_id 
_pdbx_poly_seq_scheme.entity_id 
_pdbx_poly_seq_scheme.seq_id 
_pdbx_poly_seq_scheme.mon_id 
_pdbx_poly_seq_scheme.ndb_seq_num 
_pdbx_poly_seq_scheme.pdb_seq_num 
_pdbx_poly_seq_scheme.auth_seq_num 
_pdbx_poly_seq_scheme.pdb_mon_id 
_pdbx_poly_seq_scheme.auth_mon_id 
_pdbx_poly_seq_scheme.pdb_strand_id 
_pdbx_poly_seq_scheme.pdb_ins_code 
_pdbx_poly_seq_scheme.hetero 
A 1 1   GLY 1   0   ?   ?   ?   A . n 
A 1 2   MET 2   1   1   MET MET A . n 
A 1 3   THR 3   2   2   THR THR A . n 
A 1 4   GLU 4   3   3   GLU GLU A . n 
A 1 5   TYR 5   4   4   TYR TYR A . n 
A 1 6   LYS 6   5   5   LYS LYS A . n 
A 1 7   LEU 7   6   6   LEU LEU A . n 
A 1 8   VAL 8   7   7   VAL VAL A . n 
A 1 9   VAL 9   8   8   VAL VAL A . n 
A 1 10  VAL 10  9   9   VAL VAL A . n 
A 1 11  GLY 11  10  10  GLY GLY A . n 
A 1 12  ALA 12  11  11  ALA ALA A . n 
A 1 13  CYS 13  12  12  CYS CYS A . n 
A 1 14  GLY 14  13  13  GLY GLY A . n 
A 1 15  VAL 15  14  14  VAL VAL A . n 
A 1 16  GLY 16  15  15  GLY GLY A . n 
A 1 17  LYS 17  16  16  LYS LYS A . n 
A 1 18  SER 18  17  17  SER SER A . n 
A 1 19  ALA 19  18  18  ALA ALA A . n 
A 1 20  LEU 20  19  19  LEU LEU A . n 
A 1 21  THR 21  20  20  THR THR A . n 
A 1 22  ILE 22  21  21  ILE ILE A . n 
A 1 23  GLN 23  22  22  GLN GLN A . n 
A 1 24  LEU 24  23  23  LEU LEU A . n 
A 1 25  ILE 25  24  24  ILE ILE A . n 
A 1 26  GLN 26  25  25  GLN GLN A . n 
A 1 27  ASN 27  26  26  ASN ASN A . n 
A 1 28  HIS 28  27  27  HIS HIS A . n 
A 1 29  PHE 29  28  28  PHE PHE A . n 
A 1 30  VAL 30  29  29  VAL VAL A . n 
A 1 31  ASP 31  30  30  ASP ASP A . n 
A 1 32  GLU 32  31  31  GLU GLU A . n 
A 1 33  TYR 33  32  32  TYR TYR A . n 
A 1 34  ASP 34  33  33  ASP ASP A . n 
A 1 35  PRO 35  34  34  PRO PRO A . n 
A 1 36  THR 36  35  35  THR THR A . n 
A 1 37  ILE 37  36  36  ILE ILE A . n 
A 1 38  GLU 38  37  37  GLU GLU A . n 
A 1 39  ASP 39  38  38  ASP ASP A . n 
A 1 40  SER 40  39  39  SER SER A . n 
A 1 41  TYR 41  40  40  TYR TYR A . n 
A 1 42  ARG 42  41  41  ARG ARG A . n 
A 1 43  LYS 43  42  42  LYS LYS A . n 
A 1 44  GLN 44  43  43  GLN GLN A . n 
A 1 45  VAL 45  44  44  VAL VAL A . n 
A 1 46  VAL 46  45  45  VAL VAL A . n 
A 1 47  ILE 47  46  46  ILE ILE A . n 
A 1 48  ASP 48  47  47  ASP ASP A . n 
A 1 49  GLY 49  48  48  GLY GLY A . n 
A 1 50  GLU 50  49  49  GLU GLU A . n 
A 1 51  THR 51  50  50  THR THR A . n 
A 1 52  CYS 52  51  51  CYS CYS A . n 
A 1 53  LEU 53  52  52  LEU LEU A . n 
A 1 54  LEU 54  53  53  LEU LEU A . n 
A 1 55  ASP 55  54  54  ASP ASP A . n 
A 1 56  ILE 56  55  55  ILE ILE A . n 
A 1 57  LEU 57  56  56  LEU LEU A . n 
A 1 58  ASP 58  57  57  ASP ASP A . n 
A 1 59  THR 59  58  58  THR THR A . n 
A 1 60  ALA 60  59  59  ALA ALA A . n 
A 1 61  GLY 61  60  60  GLY GLY A . n 
A 1 62  GLN 62  61  61  GLN GLN A . n 
A 1 63  GLU 63  62  62  GLU GLU A . n 
A 1 64  GLU 64  63  63  GLU GLU A . n 
A 1 65  TYR 65  64  64  TYR TYR A . n 
A 1 66  SER 66  65  ?   ?   ?   A . n 
A 1 67  ALA 67  66  ?   ?   ?   A . n 
A 1 68  MET 68  67  67  MET MET A . n 
A 1 69  ARG 69  68  68  ARG ARG A . n 
A 1 70  ASP 70  69  69  ASP ASP A . n 
A 1 71  GLN 71  70  70  GLN GLN A . n 
A 1 72  TYR 72  71  71  TYR TYR A . n 
A 1 73  MET 73  72  72  MET MET A . n 
A 1 74  ARG 74  73  73  ARG ARG A . n 
A 1 75  THR 75  74  74  THR THR A . n 
A 1 76  GLY 76  75  75  GLY GLY A . n 
A 1 77  GLU 77  76  76  GLU GLU A . n 
A 1 78  GLY 78  77  77  GLY GLY A . n 
A 1 79  PHE 79  78  78  PHE PHE A . n 
A 1 80  LEU 80  79  79  LEU LEU A . n 
A 1 81  CYS 81  80  80  CYS CYS A . n 
A 1 82  VAL 82  81  81  VAL VAL A . n 
A 1 83  PHE 83  82  82  PHE PHE A . n 
A 1 84  ALA 84  83  83  ALA ALA A . n 
A 1 85  ILE 85  84  84  ILE ILE A . n 
A 1 86  ASN 86  85  85  ASN ASN A . n 
A 1 87  ASN 87  86  86  ASN ASN A . n 
A 1 88  THR 88  87  87  THR THR A . n 
A 1 89  LYS 89  88  88  LYS LYS A . n 
A 1 90  SER 90  89  89  SER SER A . n 
A 1 91  PHE 91  90  90  PHE PHE A . n 
A 1 92  GLU 92  91  91  GLU GLU A . n 
A 1 93  ASP 93  92  92  ASP ASP A . n 
A 1 94  ILE 94  93  93  ILE ILE A . n 
A 1 95  HIS 95  94  94  HIS HIS A . n 
A 1 96  HIS 96  95  95  HIS HIS A . n 
A 1 97  TYR 97  96  96  TYR TYR A . n 
A 1 98  ARG 98  97  97  ARG ARG A . n 
A 1 99  GLU 99  98  98  GLU GLU A . n 
A 1 100 GLN 100 99  99  GLN GLN A . n 
A 1 101 ILE 101 100 100 ILE ILE A . n 
A 1 102 LYS 102 101 101 LYS LYS A . n 
A 1 103 ARG 103 102 102 ARG ARG A . n 
A 1 104 VAL 104 103 103 VAL VAL A . n 
A 1 105 LYS 105 104 104 LYS LYS A . n 
A 1 106 ASP 106 105 105 ASP ASP A . n 
A 1 107 SER 107 106 106 SER SER A . n 
A 1 108 GLU 108 107 107 GLU GLU A . n 
A 1 109 ASP 109 108 108 ASP ASP A . n 
A 1 110 VAL 110 109 109 VAL VAL A . n 
A 1 111 PRO 111 110 110 PRO PRO A . n 
A 1 112 MET 112 111 111 MET MET A . n 
A 1 113 VAL 113 112 112 VAL VAL A . n 
A 1 114 LEU 114 113 113 LEU LEU A . n 
A 1 115 VAL 115 114 114 VAL VAL A . n 
A 1 116 GLY 116 115 115 GLY GLY A . n 
A 1 117 ASN 117 116 116 ASN ASN A . n 
A 1 118 LYS 118 117 117 LYS LYS A . n 
A 1 119 CYS 119 118 118 CYS CYS A . n 
A 1 120 ASP 120 119 119 ASP ASP A . n 
A 1 121 LEU 121 120 120 LEU LEU A . n 
A 1 122 PRO 122 121 121 PRO PRO A . n 
A 1 123 SER 123 122 122 SER SER A . n 
A 1 124 ARG 124 123 123 ARG ARG A . n 
A 1 125 THR 125 124 124 THR THR A . n 
A 1 126 VAL 126 125 125 VAL VAL A . n 
A 1 127 ASP 127 126 126 ASP ASP A . n 
A 1 128 THR 128 127 127 THR THR A . n 
A 1 129 LYS 129 128 128 LYS LYS A . n 
A 1 130 GLN 130 129 129 GLN GLN A . n 
A 1 131 ALA 131 130 130 ALA ALA A . n 
A 1 132 GLN 132 131 131 GLN GLN A . n 
A 1 133 ASP 133 132 132 ASP ASP A . n 
A 1 134 LEU 134 133 133 LEU LEU A . n 
A 1 135 ALA 135 134 134 ALA ALA A . n 
A 1 136 ARG 136 135 135 ARG ARG A . n 
A 1 137 SER 137 136 136 SER SER A . n 
A 1 138 TYR 138 137 137 TYR TYR A . n 
A 1 139 GLY 139 138 138 GLY GLY A . n 
A 1 140 ILE 140 139 139 ILE ILE A . n 
A 1 141 PRO 141 140 140 PRO PRO A . n 
A 1 142 PHE 142 141 141 PHE PHE A . n 
A 1 143 ILE 143 142 142 ILE ILE A . n 
A 1 144 GLU 144 143 143 GLU GLU A . n 
A 1 145 THR 145 144 144 THR THR A . n 
A 1 146 SER 146 145 145 SER SER A . n 
A 1 147 ALA 147 146 146 ALA ALA A . n 
A 1 148 LYS 148 147 147 LYS LYS A . n 
A 1 149 THR 149 148 148 THR THR A . n 
A 1 150 ARG 150 149 149 ARG ARG A . n 
A 1 151 GLN 151 150 150 GLN GLN A . n 
A 1 152 GLY 152 151 151 GLY GLY A . n 
A 1 153 VAL 153 152 152 VAL VAL A . n 
A 1 154 ASP 154 153 153 ASP ASP A . n 
A 1 155 ASP 155 154 154 ASP ASP A . n 
A 1 156 ALA 156 155 155 ALA ALA A . n 
A 1 157 PHE 157 156 156 PHE PHE A . n 
A 1 158 TYR 158 157 157 TYR TYR A . n 
A 1 159 THR 159 158 158 THR THR A . n 
A 1 160 LEU 160 159 159 LEU LEU A . n 
A 1 161 VAL 161 160 160 VAL VAL A . n 
A 1 162 ARG 162 161 161 ARG ARG A . n 
A 1 163 GLU 163 162 162 GLU GLU A . n 
A 1 164 ILE 164 163 163 ILE ILE A . n 
A 1 165 ARG 165 164 164 ARG ARG A . n 
A 1 166 LYS 166 165 165 LYS LYS A . n 
A 1 167 HIS 167 166 166 HIS HIS A . n 
A 1 168 LYS 168 167 167 LYS LYS A . n 
A 1 169 GLU 169 168 168 GLU GLU A . n 
A 1 170 LYS 170 169 169 LYS LYS A . n 
# 
_pdbx_entity_instance_feature.ordinal        1 
_pdbx_entity_instance_feature.comp_id        QWH 
_pdbx_entity_instance_feature.asym_id        ? 
_pdbx_entity_instance_feature.seq_num        ? 
_pdbx_entity_instance_feature.auth_comp_id   QWH 
_pdbx_entity_instance_feature.auth_asym_id   ? 
_pdbx_entity_instance_feature.auth_seq_num   ? 
_pdbx_entity_instance_feature.feature_type   'SUBJECT OF INVESTIGATION' 
_pdbx_entity_instance_feature.details        ? 
# 
loop_
_pdbx_nonpoly_scheme.asym_id 
_pdbx_nonpoly_scheme.entity_id 
_pdbx_nonpoly_scheme.mon_id 
_pdbx_nonpoly_scheme.ndb_seq_num 
_pdbx_nonpoly_scheme.pdb_seq_num 
_pdbx_nonpoly_scheme.auth_seq_num 
_pdbx_nonpoly_scheme.pdb_mon_id 
_pdbx_nonpoly_scheme.auth_mon_id 
_pdbx_nonpoly_scheme.pdb_strand_id 
_pdbx_nonpoly_scheme.pdb_ins_code 
B 2 QWH 1  201 201 QWH INH A . 
C 3 GDP 1  202 3   GDP GDP A . 
D 4 MG  1  203 1   MG  MG  A . 
E 5 SO4 1  204 1   SO4 SO4 A . 
F 6 HOH 1  301 34  HOH HOH A . 
F 6 HOH 2  302 57  HOH HOH A . 
F 6 HOH 3  303 43  HOH HOH A . 
F 6 HOH 4  304 79  HOH HOH A . 
F 6 HOH 5  305 91  HOH HOH A . 
F 6 HOH 6  306 94  HOH HOH A . 
F 6 HOH 7  307 1   HOH HOH A . 
F 6 HOH 8  308 33  HOH HOH A . 
F 6 HOH 9  309 41  HOH HOH A . 
F 6 HOH 10 310 6   HOH HOH A . 
F 6 HOH 11 311 73  HOH HOH A . 
F 6 HOH 12 312 50  HOH HOH A . 
F 6 HOH 13 313 36  HOH HOH A . 
F 6 HOH 14 314 35  HOH HOH A . 
F 6 HOH 15 315 39  HOH HOH A . 
F 6 HOH 16 316 47  HOH HOH A . 
F 6 HOH 17 317 63  HOH HOH A . 
F 6 HOH 18 318 15  HOH HOH A . 
F 6 HOH 19 319 44  HOH HOH A . 
F 6 HOH 20 320 26  HOH HOH A . 
F 6 HOH 21 321 65  HOH HOH A . 
F 6 HOH 22 322 27  HOH HOH A . 
F 6 HOH 23 323 8   HOH HOH A . 
F 6 HOH 24 324 19  HOH HOH A . 
F 6 HOH 25 325 52  HOH HOH A . 
F 6 HOH 26 326 48  HOH HOH A . 
F 6 HOH 27 327 25  HOH HOH A . 
F 6 HOH 28 328 95  HOH HOH A . 
F 6 HOH 29 329 83  HOH HOH A . 
F 6 HOH 30 330 72  HOH HOH A . 
F 6 HOH 31 331 29  HOH HOH A . 
F 6 HOH 32 332 59  HOH HOH A . 
F 6 HOH 33 333 64  HOH HOH A . 
F 6 HOH 34 334 71  HOH HOH A . 
F 6 HOH 35 335 10  HOH HOH A . 
F 6 HOH 36 336 7   HOH HOH A . 
F 6 HOH 37 337 46  HOH HOH A . 
F 6 HOH 38 338 3   HOH HOH A . 
F 6 HOH 39 339 42  HOH HOH A . 
F 6 HOH 40 340 9   HOH HOH A . 
F 6 HOH 41 341 31  HOH HOH A . 
F 6 HOH 42 342 5   HOH HOH A . 
F 6 HOH 43 343 62  HOH HOH A . 
F 6 HOH 44 344 53  HOH HOH A . 
F 6 HOH 45 345 92  HOH HOH A . 
F 6 HOH 46 346 20  HOH HOH A . 
F 6 HOH 47 347 40  HOH HOH A . 
F 6 HOH 48 348 60  HOH HOH A . 
F 6 HOH 49 349 22  HOH HOH A . 
F 6 HOH 50 350 4   HOH HOH A . 
F 6 HOH 51 351 75  HOH HOH A . 
F 6 HOH 52 352 90  HOH HOH A . 
F 6 HOH 53 353 76  HOH HOH A . 
F 6 HOH 54 354 11  HOH HOH A . 
F 6 HOH 55 355 82  HOH HOH A . 
F 6 HOH 56 356 66  HOH HOH A . 
F 6 HOH 57 357 80  HOH HOH A . 
F 6 HOH 58 358 45  HOH HOH A . 
F 6 HOH 59 359 54  HOH HOH A . 
F 6 HOH 60 360 70  HOH HOH A . 
F 6 HOH 61 361 85  HOH HOH A . 
F 6 HOH 62 362 55  HOH HOH A . 
F 6 HOH 63 363 81  HOH HOH A . 
F 6 HOH 64 364 14  HOH HOH A . 
F 6 HOH 65 365 12  HOH HOH A . 
F 6 HOH 66 366 87  HOH HOH A . 
F 6 HOH 67 367 16  HOH HOH A . 
F 6 HOH 68 368 2   HOH HOH A . 
F 6 HOH 69 369 67  HOH HOH A . 
F 6 HOH 70 370 37  HOH HOH A . 
F 6 HOH 71 371 38  HOH HOH A . 
F 6 HOH 72 372 58  HOH HOH A . 
F 6 HOH 73 373 28  HOH HOH A . 
F 6 HOH 74 374 18  HOH HOH A . 
F 6 HOH 75 375 23  HOH HOH A . 
F 6 HOH 76 376 17  HOH HOH A . 
F 6 HOH 77 377 93  HOH HOH A . 
F 6 HOH 78 378 69  HOH HOH A . 
F 6 HOH 79 379 49  HOH HOH A . 
F 6 HOH 80 380 74  HOH HOH A . 
F 6 HOH 81 381 61  HOH HOH A . 
F 6 HOH 82 382 51  HOH HOH A . 
F 6 HOH 83 383 13  HOH HOH A . 
F 6 HOH 84 384 56  HOH HOH A . 
F 6 HOH 85 385 30  HOH HOH A . 
F 6 HOH 86 386 24  HOH HOH A . 
F 6 HOH 87 387 77  HOH HOH A . 
F 6 HOH 88 388 68  HOH HOH A . 
F 6 HOH 89 389 97  HOH HOH A . 
F 6 HOH 90 390 88  HOH HOH A . 
F 6 HOH 91 391 86  HOH HOH A . 
F 6 HOH 92 392 96  HOH HOH A . 
F 6 HOH 93 393 21  HOH HOH A . 
F 6 HOH 94 394 89  HOH HOH A . 
F 6 HOH 95 395 32  HOH HOH A . 
F 6 HOH 96 396 78  HOH HOH A . 
# 
loop_
_software.citation_id 
_software.classification 
_software.compiler_name 
_software.compiler_version 
_software.contact_author 
_software.contact_author_email 
_software.date 
_software.description 
_software.dependencies 
_software.hardware 
_software.language 
_software.location 
_software.mods 
_software.name 
_software.os 
_software.os_version 
_software.type 
_software.version 
_software.pdbx_ordinal 
? refinement       ? ? ? ? ? ? ? ? ? ? ? BUSTER  ? ? ? 2.11.7 1 
? 'data reduction' ? ? ? ? ? ? ? ? ? ? ? XDS     ? ? ? .      2 
? 'data scaling'   ? ? ? ? ? ? ? ? ? ? ? Aimless ? ? ? .      3 
? phasing          ? ? ? ? ? ? ? ? ? ? ? PHASER  ? ? ? .      4 
# 
_cell.angle_alpha                  90 
_cell.angle_alpha_esd              ? 
_cell.angle_beta                   90 
_cell.angle_beta_esd               ? 
_cell.angle_gamma                  120 
_cell.angle_gamma_esd              ? 
_cell.entry_id                     7A1Y 
_cell.details                      ? 
_cell.formula_units_Z              ? 
_cell.length_a                     91.754 
_cell.length_a_esd                 ? 
_cell.length_b                     91.754 
_cell.length_b_esd                 ? 
_cell.length_c                     120.763 
_cell.length_c_esd                 ? 
_cell.volume                       ? 
_cell.volume_esd                   ? 
_cell.Z_PDB                        18 
_cell.reciprocal_angle_alpha       ? 
_cell.reciprocal_angle_beta        ? 
_cell.reciprocal_angle_gamma       ? 
_cell.reciprocal_angle_alpha_esd   ? 
_cell.reciprocal_angle_beta_esd    ? 
_cell.reciprocal_angle_gamma_esd   ? 
_cell.reciprocal_length_a          ? 
_cell.reciprocal_length_b          ? 
_cell.reciprocal_length_c          ? 
_cell.reciprocal_length_a_esd      ? 
_cell.reciprocal_length_b_esd      ? 
_cell.reciprocal_length_c_esd      ? 
_cell.pdbx_unique_axis             ? 
# 
_symmetry.entry_id                         7A1Y 
_symmetry.cell_setting                     ? 
_symmetry.Int_Tables_number                155 
_symmetry.space_group_name_Hall            ? 
_symmetry.space_group_name_H-M             'H 3 2' 
_symmetry.pdbx_full_space_group_name_H-M   ? 
# 
_exptl.absorpt_coefficient_mu     ? 
_exptl.absorpt_correction_T_max   ? 
_exptl.absorpt_correction_T_min   ? 
_exptl.absorpt_correction_type    ? 
_exptl.absorpt_process_details    ? 
_exptl.entry_id                   7A1Y 
_exptl.crystals_number            1 
_exptl.details                    ? 
_exptl.method                     'X-RAY DIFFRACTION' 
_exptl.method_details             ? 
# 
_exptl_crystal.colour                      ? 
_exptl_crystal.density_diffrn              ? 
_exptl_crystal.density_Matthews            2.52 
_exptl_crystal.density_method              ? 
_exptl_crystal.density_percent_sol         51.28 
_exptl_crystal.description                 ? 
_exptl_crystal.F_000                       ? 
_exptl_crystal.id                          1 
_exptl_crystal.preparation                 ? 
_exptl_crystal.size_max                    ? 
_exptl_crystal.size_mid                    ? 
_exptl_crystal.size_min                    ? 
_exptl_crystal.size_rad                    ? 
_exptl_crystal.colour_lustre               ? 
_exptl_crystal.colour_modifier             ? 
_exptl_crystal.colour_primary              ? 
_exptl_crystal.density_meas                ? 
_exptl_crystal.density_meas_esd            ? 
_exptl_crystal.density_meas_gt             ? 
_exptl_crystal.density_meas_lt             ? 
_exptl_crystal.density_meas_temp           ? 
_exptl_crystal.density_meas_temp_esd       ? 
_exptl_crystal.density_meas_temp_gt        ? 
_exptl_crystal.density_meas_temp_lt        ? 
_exptl_crystal.pdbx_crystal_image_url      ? 
_exptl_crystal.pdbx_crystal_image_format   ? 
_exptl_crystal.pdbx_mosaicity              ? 
_exptl_crystal.pdbx_mosaicity_esd          ? 
# 
_exptl_crystal_grow.apparatus       ? 
_exptl_crystal_grow.atmosphere      ? 
_exptl_crystal_grow.crystal_id      1 
_exptl_crystal_grow.details         ? 
_exptl_crystal_grow.method          'VAPOR DIFFUSION, SITTING DROP' 
_exptl_crystal_grow.method_ref      ? 
_exptl_crystal_grow.pH              7.5 
_exptl_crystal_grow.pressure        ? 
_exptl_crystal_grow.pressure_esd    ? 
_exptl_crystal_grow.seeding         ? 
_exptl_crystal_grow.seeding_ref     ? 
_exptl_crystal_grow.temp            293 
_exptl_crystal_grow.temp_details    ? 
_exptl_crystal_grow.temp_esd        ? 
_exptl_crystal_grow.time            ? 
_exptl_crystal_grow.pdbx_details    'HEPES 100mM - (NH4)2SO4 2.25M - pH7.5' 
_exptl_crystal_grow.pdbx_pH_range   ? 
# 
_diffrn.ambient_environment              ? 
_diffrn.ambient_temp                     100 
_diffrn.ambient_temp_details             ? 
_diffrn.ambient_temp_esd                 ? 
_diffrn.crystal_id                       1 
_diffrn.crystal_support                  ? 
_diffrn.crystal_treatment                ? 
_diffrn.details                          ? 
_diffrn.id                               1 
_diffrn.ambient_pressure                 ? 
_diffrn.ambient_pressure_esd             ? 
_diffrn.ambient_pressure_gt              ? 
_diffrn.ambient_pressure_lt              ? 
_diffrn.ambient_temp_gt                  ? 
_diffrn.ambient_temp_lt                  ? 
_diffrn.pdbx_serial_crystal_experiment   N 
# 
_diffrn_detector.details                      ? 
_diffrn_detector.detector                     PIXEL 
_diffrn_detector.diffrn_id                    1 
_diffrn_detector.type                         'DECTRIS PILATUS 6M' 
_diffrn_detector.area_resol_mean              ? 
_diffrn_detector.dtime                        ? 
_diffrn_detector.pdbx_frames_total            ? 
_diffrn_detector.pdbx_collection_time_total   ? 
_diffrn_detector.pdbx_collection_date         2014-05-14 
_diffrn_detector.pdbx_frequency               ? 
# 
_diffrn_radiation.collimation                      ? 
_diffrn_radiation.diffrn_id                        1 
_diffrn_radiation.filter_edge                      ? 
_diffrn_radiation.inhomogeneity                    ? 
_diffrn_radiation.monochromator                    ? 
_diffrn_radiation.polarisn_norm                    ? 
_diffrn_radiation.polarisn_ratio                   ? 
_diffrn_radiation.probe                            ? 
_diffrn_radiation.type                             ? 
_diffrn_radiation.xray_symbol                      ? 
_diffrn_radiation.wavelength_id                    1 
_diffrn_radiation.pdbx_monochromatic_or_laue_m_l   M 
_diffrn_radiation.pdbx_wavelength_list             ? 
_diffrn_radiation.pdbx_wavelength                  ? 
_diffrn_radiation.pdbx_diffrn_protocol             'SINGLE WAVELENGTH' 
_diffrn_radiation.pdbx_analyzer                    ? 
_diffrn_radiation.pdbx_scattering_type             x-ray 
# 
_diffrn_radiation_wavelength.id           1 
_diffrn_radiation_wavelength.wavelength   0.976251 
_diffrn_radiation_wavelength.wt           1.0 
# 
_diffrn_source.current                     ? 
_diffrn_source.details                     ? 
_diffrn_source.diffrn_id                   1 
_diffrn_source.power                       ? 
_diffrn_source.size                        ? 
_diffrn_source.source                      SYNCHROTRON 
_diffrn_source.target                      ? 
_diffrn_source.type                        'ESRF BEAMLINE ID29' 
_diffrn_source.voltage                     ? 
_diffrn_source.take-off_angle              ? 
_diffrn_source.pdbx_wavelength_list        0.976251 
_diffrn_source.pdbx_wavelength             ? 
_diffrn_source.pdbx_synchrotron_beamline   ID29 
_diffrn_source.pdbx_synchrotron_site       ESRF 
# 
_reflns.B_iso_Wilson_estimate            ? 
_reflns.entry_id                         7A1Y 
_reflns.data_reduction_details           ? 
_reflns.data_reduction_method            ? 
_reflns.d_resolution_high                2.00 
_reflns.d_resolution_low                 48.08 
_reflns.details                          ? 
_reflns.limit_h_max                      ? 
_reflns.limit_h_min                      ? 
_reflns.limit_k_max                      ? 
_reflns.limit_k_min                      ? 
_reflns.limit_l_max                      ? 
_reflns.limit_l_min                      ? 
_reflns.number_all                       ? 
_reflns.number_obs                       12999 
_reflns.observed_criterion               ? 
_reflns.observed_criterion_F_max         ? 
_reflns.observed_criterion_F_min         ? 
_reflns.observed_criterion_I_max         ? 
_reflns.observed_criterion_I_min         ? 
_reflns.observed_criterion_sigma_F       ? 
_reflns.observed_criterion_sigma_I       ? 
_reflns.percent_possible_obs             97.9 
_reflns.R_free_details                   ? 
_reflns.Rmerge_F_all                     ? 
_reflns.Rmerge_F_obs                     ? 
_reflns.Friedel_coverage                 ? 
_reflns.number_gt                        ? 
_reflns.threshold_expression             ? 
_reflns.pdbx_redundancy                  4.8 
_reflns.pdbx_Rmerge_I_obs                0.082 
_reflns.pdbx_Rmerge_I_all                ? 
_reflns.pdbx_Rsym_value                  ? 
_reflns.pdbx_netI_over_av_sigmaI         ? 
_reflns.pdbx_netI_over_sigmaI            11.9 
_reflns.pdbx_res_netI_over_av_sigmaI_2   ? 
_reflns.pdbx_res_netI_over_sigmaI_2      ? 
_reflns.pdbx_chi_squared                 ? 
_reflns.pdbx_scaling_rejects             ? 
_reflns.pdbx_d_res_high_opt              ? 
_reflns.pdbx_d_res_low_opt               ? 
_reflns.pdbx_d_res_opt_method            ? 
_reflns.phase_calculation_details        ? 
_reflns.pdbx_Rrim_I_all                  ? 
_reflns.pdbx_Rpim_I_all                  ? 
_reflns.pdbx_d_opt                       ? 
_reflns.pdbx_number_measured_all         ? 
_reflns.pdbx_diffrn_id                   1 
_reflns.pdbx_ordinal                     1 
_reflns.pdbx_CC_half                     ? 
_reflns.pdbx_CC_star                     ? 
_reflns.pdbx_R_split                     ? 
# 
_reflns_shell.d_res_high                  2.00 
_reflns_shell.d_res_low                   2.11 
_reflns_shell.meanI_over_sigI_all         ? 
_reflns_shell.meanI_over_sigI_obs         3.1 
_reflns_shell.number_measured_all         ? 
_reflns_shell.number_measured_obs         ? 
_reflns_shell.number_possible             ? 
_reflns_shell.number_unique_all           ? 
_reflns_shell.number_unique_obs           1899 
_reflns_shell.percent_possible_all        99.0 
_reflns_shell.percent_possible_obs        ? 
_reflns_shell.Rmerge_F_all                ? 
_reflns_shell.Rmerge_F_obs                ? 
_reflns_shell.Rmerge_I_all                ? 
_reflns_shell.Rmerge_I_obs                0.368 
_reflns_shell.meanI_over_sigI_gt          ? 
_reflns_shell.meanI_over_uI_all           ? 
_reflns_shell.meanI_over_uI_gt            ? 
_reflns_shell.number_measured_gt          ? 
_reflns_shell.number_unique_gt            ? 
_reflns_shell.percent_possible_gt         ? 
_reflns_shell.Rmerge_F_gt                 ? 
_reflns_shell.Rmerge_I_gt                 ? 
_reflns_shell.pdbx_redundancy             4.7 
_reflns_shell.pdbx_Rsym_value             ? 
_reflns_shell.pdbx_chi_squared            ? 
_reflns_shell.pdbx_netI_over_sigmaI_all   ? 
_reflns_shell.pdbx_netI_over_sigmaI_obs   ? 
_reflns_shell.pdbx_Rrim_I_all             ? 
_reflns_shell.pdbx_Rpim_I_all             ? 
_reflns_shell.pdbx_rejects                ? 
_reflns_shell.pdbx_ordinal                1 
_reflns_shell.pdbx_diffrn_id              1 
_reflns_shell.pdbx_CC_half                ? 
_reflns_shell.pdbx_CC_star                ? 
_reflns_shell.pdbx_R_split                ? 
# 
_refine.aniso_B[1][1]                            3.9865 
_refine.aniso_B[1][2]                            0 
_refine.aniso_B[1][3]                            0 
_refine.aniso_B[2][2]                            3.9865 
_refine.aniso_B[2][3]                            0 
_refine.aniso_B[3][3]                            -7.973 
_refine.B_iso_max                                ? 
_refine.B_iso_mean                               25.63 
_refine.B_iso_min                                ? 
_refine.correlation_coeff_Fo_to_Fc               0.932 
_refine.correlation_coeff_Fo_to_Fc_free          0.922 
_refine.details                                  ? 
_refine.diff_density_max                         ? 
_refine.diff_density_max_esd                     ? 
_refine.diff_density_min                         ? 
_refine.diff_density_min_esd                     ? 
_refine.diff_density_rms                         ? 
_refine.diff_density_rms_esd                     ? 
_refine.entry_id                                 7A1Y 
_refine.pdbx_refine_id                           'X-RAY DIFFRACTION' 
_refine.ls_abs_structure_details                 ? 
_refine.ls_abs_structure_Flack                   ? 
_refine.ls_abs_structure_Flack_esd               ? 
_refine.ls_abs_structure_Rogers                  ? 
_refine.ls_abs_structure_Rogers_esd              ? 
_refine.ls_d_res_high                            2.004 
_refine.ls_d_res_low                             48.08 
_refine.ls_extinction_coef                       ? 
_refine.ls_extinction_coef_esd                   ? 
_refine.ls_extinction_expression                 ? 
_refine.ls_extinction_method                     ? 
_refine.ls_goodness_of_fit_all                   ? 
_refine.ls_goodness_of_fit_all_esd               ? 
_refine.ls_goodness_of_fit_obs                   ? 
_refine.ls_goodness_of_fit_obs_esd               ? 
_refine.ls_hydrogen_treatment                    ? 
_refine.ls_matrix_type                           ? 
_refine.ls_number_constraints                    ? 
_refine.ls_number_parameters                     ? 
_refine.ls_number_reflns_all                     ? 
_refine.ls_number_reflns_obs                     12990 
_refine.ls_number_reflns_R_free                  636 
_refine.ls_number_reflns_R_work                  ? 
_refine.ls_number_restraints                     ? 
_refine.ls_percent_reflns_obs                    97.1 
_refine.ls_percent_reflns_R_free                 ? 
_refine.ls_R_factor_all                          ? 
_refine.ls_R_factor_obs                          0.1898 
_refine.ls_R_factor_R_free                       0.21 
_refine.ls_R_factor_R_free_error                 ? 
_refine.ls_R_factor_R_free_error_details         ? 
_refine.ls_R_factor_R_work                       0.1888 
_refine.ls_R_Fsqd_factor_obs                     ? 
_refine.ls_R_I_factor_obs                        ? 
_refine.ls_redundancy_reflns_all                 ? 
_refine.ls_redundancy_reflns_obs                 ? 
_refine.ls_restrained_S_all                      ? 
_refine.ls_restrained_S_obs                      ? 
_refine.ls_shift_over_esd_max                    ? 
_refine.ls_shift_over_esd_mean                   ? 
_refine.ls_structure_factor_coef                 ? 
_refine.ls_weighting_details                     ? 
_refine.ls_weighting_scheme                      ? 
_refine.ls_wR_factor_all                         ? 
_refine.ls_wR_factor_obs                         ? 
_refine.ls_wR_factor_R_free                      ? 
_refine.ls_wR_factor_R_work                      ? 
_refine.occupancy_max                            ? 
_refine.occupancy_min                            ? 
_refine.solvent_model_details                    ? 
_refine.solvent_model_param_bsol                 ? 
_refine.solvent_model_param_ksol                 ? 
_refine.pdbx_R_complete                          ? 
_refine.ls_R_factor_gt                           ? 
_refine.ls_goodness_of_fit_gt                    ? 
_refine.ls_goodness_of_fit_ref                   ? 
_refine.ls_shift_over_su_max                     ? 
_refine.ls_shift_over_su_max_lt                  ? 
_refine.ls_shift_over_su_mean                    ? 
_refine.ls_shift_over_su_mean_lt                 ? 
_refine.pdbx_ls_sigma_I                          ? 
_refine.pdbx_ls_sigma_F                          ? 
_refine.pdbx_ls_sigma_Fsqd                       ? 
_refine.pdbx_data_cutoff_high_absF               ? 
_refine.pdbx_data_cutoff_high_rms_absF           ? 
_refine.pdbx_data_cutoff_low_absF                ? 
_refine.pdbx_isotropic_thermal_model             ? 
_refine.pdbx_ls_cross_valid_method               THROUGHOUT 
_refine.pdbx_method_to_determine_struct          'MOLECULAR REPLACEMENT' 
_refine.pdbx_starting_model                      'internal model' 
_refine.pdbx_stereochemistry_target_values       ? 
_refine.pdbx_R_Free_selection_details            RANDOM 
_refine.pdbx_stereochem_target_val_spec_case     ? 
_refine.pdbx_overall_ESU_R                       ? 
_refine.pdbx_overall_ESU_R_Free                  ? 
_refine.pdbx_solvent_vdw_probe_radii             ? 
_refine.pdbx_solvent_ion_probe_radii             ? 
_refine.pdbx_solvent_shrinkage_radii             ? 
_refine.pdbx_real_space_R                        ? 
_refine.pdbx_density_correlation                 ? 
_refine.pdbx_pd_number_of_powder_patterns        ? 
_refine.pdbx_pd_number_of_points                 ? 
_refine.pdbx_pd_meas_number_of_points            ? 
_refine.pdbx_pd_proc_ls_prof_R_factor            ? 
_refine.pdbx_pd_proc_ls_prof_wR_factor           ? 
_refine.pdbx_pd_Marquardt_correlation_coeff      ? 
_refine.pdbx_pd_Fsqrd_R_factor                   ? 
_refine.pdbx_pd_ls_matrix_band_width             ? 
_refine.pdbx_overall_phase_error                 ? 
_refine.pdbx_overall_SU_R_free_Cruickshank_DPI   0.143 
_refine.pdbx_overall_SU_R_free_Blow_DPI          0.146 
_refine.pdbx_overall_SU_R_Blow_DPI               0.184 
_refine.pdbx_TLS_residual_ADP_flag               ? 
_refine.pdbx_diffrn_id                           1 
_refine.overall_SU_B                             ? 
_refine.overall_SU_ML                            ? 
_refine.overall_SU_R_Cruickshank_DPI             0.176 
_refine.overall_SU_R_free                        ? 
_refine.overall_FOM_free_R_set                   ? 
_refine.overall_FOM_work_R_set                   ? 
_refine.pdbx_average_fsc_overall                 ? 
_refine.pdbx_average_fsc_work                    ? 
_refine.pdbx_average_fsc_free                    ? 
# 
_refine_analyze.entry_id                        7A1Y 
_refine_analyze.pdbx_refine_id                  'X-RAY DIFFRACTION' 
_refine_analyze.Luzzati_coordinate_error_free   ? 
_refine_analyze.Luzzati_coordinate_error_obs    0.26 
_refine_analyze.Luzzati_d_res_low_free          ? 
_refine_analyze.Luzzati_d_res_low_obs           ? 
_refine_analyze.Luzzati_sigma_a_free            ? 
_refine_analyze.Luzzati_sigma_a_free_details    ? 
_refine_analyze.Luzzati_sigma_a_obs             ? 
_refine_analyze.Luzzati_sigma_a_obs_details     ? 
_refine_analyze.number_disordered_residues      ? 
_refine_analyze.occupancy_sum_hydrogen          ? 
_refine_analyze.occupancy_sum_non_hydrogen      ? 
_refine_analyze.RG_d_res_high                   ? 
_refine_analyze.RG_d_res_low                    ? 
_refine_analyze.RG_free                         ? 
_refine_analyze.RG_work                         ? 
_refine_analyze.RG_free_work_ratio              ? 
_refine_analyze.pdbx_Luzzati_d_res_high_obs     ? 
# 
_refine_hist.pdbx_refine_id                   'X-RAY DIFFRACTION' 
_refine_hist.cycle_id                         LAST 
_refine_hist.details                          ? 
_refine_hist.d_res_high                       2.004 
_refine_hist.d_res_low                        48.08 
_refine_hist.number_atoms_solvent             96 
_refine_hist.number_atoms_total               1485 
_refine_hist.number_reflns_all                ? 
_refine_hist.number_reflns_obs                ? 
_refine_hist.number_reflns_R_free             ? 
_refine_hist.number_reflns_R_work             ? 
_refine_hist.R_factor_all                     ? 
_refine_hist.R_factor_obs                     ? 
_refine_hist.R_factor_R_free                  ? 
_refine_hist.R_factor_R_work                  ? 
_refine_hist.pdbx_number_residues_total       ? 
_refine_hist.pdbx_B_iso_mean_ligand           ? 
_refine_hist.pdbx_B_iso_mean_solvent          ? 
_refine_hist.pdbx_number_atoms_protein        1341 
_refine_hist.pdbx_number_atoms_nucleic_acid   0 
_refine_hist.pdbx_number_atoms_ligand         48 
_refine_hist.pdbx_number_atoms_lipid          ? 
_refine_hist.pdbx_number_atoms_carb           ? 
_refine_hist.pdbx_pseudo_atom_details         ? 
# 
loop_
_refine_ls_restr.pdbx_refine_id 
_refine_ls_restr.criterion 
_refine_ls_restr.dev_ideal 
_refine_ls_restr.dev_ideal_target 
_refine_ls_restr.number 
_refine_ls_restr.rejects 
_refine_ls_restr.type 
_refine_ls_restr.weight 
_refine_ls_restr.pdbx_restraint_function 
'X-RAY DIFFRACTION' ? 0.008 ? 1428 ? t_bond_d                  2  HARMONIC     
'X-RAY DIFFRACTION' ? 0.9   ? 1939 ? t_angle_deg               2  HARMONIC     
'X-RAY DIFFRACTION' ? ?     ? 518  ? t_dihedral_angle_d        2  SINUSOIDAL   
'X-RAY DIFFRACTION' ? ?     ? 256  ? t_gen_planes              5  HARMONIC     
'X-RAY DIFFRACTION' ? ?     ? 1416 ? t_it                      10 HARMONIC     
'X-RAY DIFFRACTION' ? ?     ? 185  ? t_chiral_improper_torsion 5  SEMIHARMONIC 
'X-RAY DIFFRACTION' ? ?     ? 1301 ? t_ideal_dist_contact      4  SEMIHARMONIC 
'X-RAY DIFFRACTION' ? 3.43  ? ?    ? t_omega_torsion           ?  ?            
'X-RAY DIFFRACTION' ? 16.56 ? ?    ? t_other_torsion           ?  ?            
# 
_refine_ls_shell.pdbx_refine_id                   'X-RAY DIFFRACTION' 
_refine_ls_shell.d_res_high                       2.004 
_refine_ls_shell.d_res_low                        2.02 
_refine_ls_shell.number_reflns_all                ? 
_refine_ls_shell.number_reflns_obs                ? 
_refine_ls_shell.number_reflns_R_free             25 
_refine_ls_shell.number_reflns_R_work             420 
_refine_ls_shell.percent_reflns_obs               97.64 
_refine_ls_shell.percent_reflns_R_free            5.95 
_refine_ls_shell.R_factor_all                     ? 
_refine_ls_shell.R_factor_obs                     ? 
_refine_ls_shell.R_factor_R_free                  0.3647 
_refine_ls_shell.R_factor_R_free_error            ? 
_refine_ls_shell.R_factor_R_work                  0.2458 
_refine_ls_shell.redundancy_reflns_all            ? 
_refine_ls_shell.redundancy_reflns_obs            ? 
_refine_ls_shell.wR_factor_all                    ? 
_refine_ls_shell.wR_factor_obs                    ? 
_refine_ls_shell.wR_factor_R_free                 ? 
_refine_ls_shell.wR_factor_R_work                 ? 
_refine_ls_shell.pdbx_R_complete                  ? 
_refine_ls_shell.pdbx_total_number_of_bins_used   ? 
_refine_ls_shell.pdbx_phase_error                 ? 
_refine_ls_shell.pdbx_fsc_work                    ? 
_refine_ls_shell.pdbx_fsc_free                    ? 
# 
_struct.entry_id                     7A1Y 
_struct.title                        'KRASG12C GDP form in complex with Cpd2' 
_struct.pdbx_model_details           ? 
_struct.pdbx_formula_weight          ? 
_struct.pdbx_formula_weight_method   ? 
_struct.pdbx_model_type_details      ? 
_struct.pdbx_CASP_flag               N 
# 
_struct_keywords.entry_id        7A1Y 
_struct_keywords.text            'inhibitor, mutant, ONCOPROTEIN' 
_struct_keywords.pdbx_keywords   ONCOPROTEIN 
# 
loop_
_struct_asym.id 
_struct_asym.pdbx_blank_PDB_chainid_flag 
_struct_asym.pdbx_modified 
_struct_asym.entity_id 
_struct_asym.details 
A N N 1 ? 
B N N 2 ? 
C N N 3 ? 
D N N 4 ? 
E N N 5 ? 
F N N 6 ? 
# 
_struct_ref.id                         1 
_struct_ref.db_name                    UNP 
_struct_ref.db_code                    RASK_HUMAN 
_struct_ref.pdbx_db_accession          P01116 
_struct_ref.pdbx_db_isoform            P01116-2 
_struct_ref.entity_id                  1 
_struct_ref.pdbx_seq_one_letter_code   
;MTEYKLVVVGAGGVGKSALTIQLIQNHFVDEYDPTIEDSYRKQVVIDGETCLLDILDTAGQEEYSAMRDQYMRTGEGFLC
VFAINNTKSFEDIHHYREQIKRVKDSEDVPMVLVGNKCDLPSRTVDTKQAQDLARSYGIPFIETSAKTRQRVEDAFYTLV
REIR
;
_struct_ref.pdbx_align_begin           1 
# 
_struct_ref_seq.align_id                      1 
_struct_ref_seq.ref_id                        1 
_struct_ref_seq.pdbx_PDB_id_code              7A1Y 
_struct_ref_seq.pdbx_strand_id                A 
_struct_ref_seq.seq_align_beg                 2 
_struct_ref_seq.pdbx_seq_align_beg_ins_code   ? 
_struct_ref_seq.seq_align_end                 165 
_struct_ref_seq.pdbx_seq_align_end_ins_code   ? 
_struct_ref_seq.pdbx_db_accession             P01116 
_struct_ref_seq.db_align_beg                  1 
_struct_ref_seq.pdbx_db_align_beg_ins_code    ? 
_struct_ref_seq.db_align_end                  164 
_struct_ref_seq.pdbx_db_align_end_ins_code    ? 
_struct_ref_seq.pdbx_auth_seq_align_beg       1 
_struct_ref_seq.pdbx_auth_seq_align_end       164 
# 
loop_
_struct_ref_seq_dif.align_id 
_struct_ref_seq_dif.pdbx_pdb_id_code 
_struct_ref_seq_dif.mon_id 
_struct_ref_seq_dif.pdbx_pdb_strand_id 
_struct_ref_seq_dif.seq_num 
_struct_ref_seq_dif.pdbx_pdb_ins_code 
_struct_ref_seq_dif.pdbx_seq_db_name 
_struct_ref_seq_dif.pdbx_seq_db_accession_code 
_struct_ref_seq_dif.db_mon_id 
_struct_ref_seq_dif.pdbx_seq_db_seq_num 
_struct_ref_seq_dif.details 
_struct_ref_seq_dif.pdbx_auth_seq_num 
_struct_ref_seq_dif.pdbx_ordinal 
1 7A1Y GLY A 1   ? UNP P01116 ?   ?   'expression tag'      0   1 
1 7A1Y CYS A 13  ? UNP P01116 GLY 12  'engineered mutation' 12  2 
1 7A1Y GLY A 152 ? UNP P01116 ARG 151 conflict              151 3 
1 7A1Y ASP A 154 ? UNP P01116 GLU 153 conflict              153 4 
1 7A1Y LYS A 166 ? UNP P01116 ?   ?   'expression tag'      165 5 
1 7A1Y HIS A 167 ? UNP P01116 ?   ?   'expression tag'      166 6 
1 7A1Y LYS A 168 ? UNP P01116 ?   ?   'expression tag'      167 7 
1 7A1Y GLU A 169 ? UNP P01116 ?   ?   'expression tag'      168 8 
1 7A1Y LYS A 170 ? UNP P01116 ?   ?   'expression tag'      169 9 
# 
_pdbx_struct_assembly.id                   1 
_pdbx_struct_assembly.details              author_and_software_defined_assembly 
_pdbx_struct_assembly.method_details       PISA 
_pdbx_struct_assembly.oligomeric_details   monomeric 
_pdbx_struct_assembly.oligomeric_count     1 
# 
loop_
_pdbx_struct_assembly_prop.biol_id 
_pdbx_struct_assembly_prop.type 
_pdbx_struct_assembly_prop.value 
_pdbx_struct_assembly_prop.details 
1 'ABSA (A^2)' 1000 ? 
1 MORE         -27  ? 
1 'SSA (A^2)'  8170 ? 
# 
_pdbx_struct_assembly_gen.assembly_id       1 
_pdbx_struct_assembly_gen.oper_expression   1 
_pdbx_struct_assembly_gen.asym_id_list      A,B,C,D,E,F 
# 
_pdbx_struct_assembly_auth_evidence.id                     1 
_pdbx_struct_assembly_auth_evidence.assembly_id            1 
_pdbx_struct_assembly_auth_evidence.experimental_support   none 
_pdbx_struct_assembly_auth_evidence.details                ? 
# 
_pdbx_struct_oper_list.id                   1 
_pdbx_struct_oper_list.type                 'identity operation' 
_pdbx_struct_oper_list.name                 1_555 
_pdbx_struct_oper_list.symmetry_operation   x,y,z 
_pdbx_struct_oper_list.matrix[1][1]         1.0000000000 
_pdbx_struct_oper_list.matrix[1][2]         0.0000000000 
_pdbx_struct_oper_list.matrix[1][3]         0.0000000000 
_pdbx_struct_oper_list.vector[1]            0.0000000000 
_pdbx_struct_oper_list.matrix[2][1]         0.0000000000 
_pdbx_struct_oper_list.matrix[2][2]         1.0000000000 
_pdbx_struct_oper_list.matrix[2][3]         0.0000000000 
_pdbx_struct_oper_list.vector[2]            0.0000000000 
_pdbx_struct_oper_list.matrix[3][1]         0.0000000000 
_pdbx_struct_oper_list.matrix[3][2]         0.0000000000 
_pdbx_struct_oper_list.matrix[3][3]         1.0000000000 
_pdbx_struct_oper_list.vector[3]            0.0000000000 
# 
loop_
_struct_conf.conf_type_id 
_struct_conf.id 
_struct_conf.pdbx_PDB_helix_id 
_struct_conf.beg_label_comp_id 
_struct_conf.beg_label_asym_id 
_struct_conf.beg_label_seq_id 
_struct_conf.pdbx_beg_PDB_ins_code 
_struct_conf.end_label_comp_id 
_struct_conf.end_label_asym_id 
_struct_conf.end_label_seq_id 
_struct_conf.pdbx_end_PDB_ins_code 
_struct_conf.beg_auth_comp_id 
_struct_conf.beg_auth_asym_id 
_struct_conf.beg_auth_seq_id 
_struct_conf.end_auth_comp_id 
_struct_conf.end_auth_asym_id 
_struct_conf.end_auth_seq_id 
_struct_conf.pdbx_PDB_helix_class 
_struct_conf.details 
_struct_conf.pdbx_PDB_helix_length 
HELX_P HELX_P1 AA1 GLY A 16  ? ASN A 27  ? GLY A 15  ASN A 26  1 ? 12 
HELX_P HELX_P2 AA2 ASN A 87  ? ASP A 93  ? ASN A 86  ASP A 92  1 ? 7  
HELX_P HELX_P3 AA3 ASP A 93  ? ASP A 106 ? ASP A 92  ASP A 105 1 ? 14 
HELX_P HELX_P4 AA4 ASP A 127 ? GLY A 139 ? ASP A 126 GLY A 138 1 ? 13 
HELX_P HELX_P5 AA5 GLY A 152 ? LYS A 168 ? GLY A 151 LYS A 167 1 ? 17 
# 
_struct_conf_type.id          HELX_P 
_struct_conf_type.criteria    ? 
_struct_conf_type.reference   ? 
# 
loop_
_struct_conn.id 
_struct_conn.conn_type_id 
_struct_conn.pdbx_leaving_atom_flag 
_struct_conn.pdbx_PDB_id 
_struct_conn.ptnr1_label_asym_id 
_struct_conn.ptnr1_label_comp_id 
_struct_conn.ptnr1_label_seq_id 
_struct_conn.ptnr1_label_atom_id 
_struct_conn.pdbx_ptnr1_label_alt_id 
_struct_conn.pdbx_ptnr1_PDB_ins_code 
_struct_conn.pdbx_ptnr1_standard_comp_id 
_struct_conn.ptnr1_symmetry 
_struct_conn.ptnr2_label_asym_id 
_struct_conn.ptnr2_label_comp_id 
_struct_conn.ptnr2_label_seq_id 
_struct_conn.ptnr2_label_atom_id 
_struct_conn.pdbx_ptnr2_label_alt_id 
_struct_conn.pdbx_ptnr2_PDB_ins_code 
_struct_conn.ptnr1_auth_asym_id 
_struct_conn.ptnr1_auth_comp_id 
_struct_conn.ptnr1_auth_seq_id 
_struct_conn.ptnr2_auth_asym_id 
_struct_conn.ptnr2_auth_comp_id 
_struct_conn.ptnr2_auth_seq_id 
_struct_conn.ptnr2_symmetry 
_struct_conn.pdbx_ptnr3_label_atom_id 
_struct_conn.pdbx_ptnr3_label_seq_id 
_struct_conn.pdbx_ptnr3_label_comp_id 
_struct_conn.pdbx_ptnr3_label_asym_id 
_struct_conn.pdbx_ptnr3_label_alt_id 
_struct_conn.pdbx_ptnr3_PDB_ins_code 
_struct_conn.details 
_struct_conn.pdbx_dist_value 
_struct_conn.pdbx_value_order 
_struct_conn.pdbx_role 
covale1 covale none ? A CYS 13 SG  ? ? ? 1_555 B QWH . C12 ? ? A CYS 12  A QWH 201 1_555 ? ? ? ? ? ? ? 1.747 ? ? 
metalc1 metalc ?    ? A SER 18 OG  ? ? ? 1_555 D MG  . MG  ? ? A SER 17  A MG  203 1_555 ? ? ? ? ? ? ? 2.122 ? ? 
metalc2 metalc ?    ? C GDP .  O3B ? ? ? 1_555 D MG  . MG  ? ? A GDP 202 A MG  203 1_555 ? ? ? ? ? ? ? 2.055 ? ? 
metalc3 metalc ?    ? D MG  .  MG  ? ? ? 1_555 F HOH . O   ? ? A MG  203 A HOH 310 1_555 ? ? ? ? ? ? ? 2.440 ? ? 
metalc4 metalc ?    ? D MG  .  MG  ? ? ? 1_555 F HOH . O   ? ? A MG  203 A HOH 323 1_555 ? ? ? ? ? ? ? 1.931 ? ? 
metalc5 metalc ?    ? D MG  .  MG  ? ? ? 1_555 F HOH . O   ? ? A MG  203 A HOH 336 1_555 ? ? ? ? ? ? ? 2.200 ? ? 
metalc6 metalc ?    ? D MG  .  MG  ? ? ? 1_555 F HOH . O   ? ? A MG  203 A HOH 340 1_555 ? ? ? ? ? ? ? 2.182 ? ? 
# 
loop_
_struct_conn_type.id 
_struct_conn_type.criteria 
_struct_conn_type.reference 
covale ? ? 
metalc ? ? 
# 
loop_
_pdbx_struct_conn_angle.id 
_pdbx_struct_conn_angle.ptnr1_label_atom_id 
_pdbx_struct_conn_angle.ptnr1_label_alt_id 
_pdbx_struct_conn_angle.ptnr1_label_asym_id 
_pdbx_struct_conn_angle.ptnr1_label_comp_id 
_pdbx_struct_conn_angle.ptnr1_label_seq_id 
_pdbx_struct_conn_angle.ptnr1_auth_atom_id 
_pdbx_struct_conn_angle.ptnr1_auth_asym_id 
_pdbx_struct_conn_angle.ptnr1_auth_comp_id 
_pdbx_struct_conn_angle.ptnr1_auth_seq_id 
_pdbx_struct_conn_angle.ptnr1_PDB_ins_code 
_pdbx_struct_conn_angle.ptnr1_symmetry 
_pdbx_struct_conn_angle.ptnr2_label_atom_id 
_pdbx_struct_conn_angle.ptnr2_label_alt_id 
_pdbx_struct_conn_angle.ptnr2_label_asym_id 
_pdbx_struct_conn_angle.ptnr2_label_comp_id 
_pdbx_struct_conn_angle.ptnr2_label_seq_id 
_pdbx_struct_conn_angle.ptnr2_auth_atom_id 
_pdbx_struct_conn_angle.ptnr2_auth_asym_id 
_pdbx_struct_conn_angle.ptnr2_auth_comp_id 
_pdbx_struct_conn_angle.ptnr2_auth_seq_id 
_pdbx_struct_conn_angle.ptnr2_PDB_ins_code 
_pdbx_struct_conn_angle.ptnr2_symmetry 
_pdbx_struct_conn_angle.ptnr3_label_atom_id 
_pdbx_struct_conn_angle.ptnr3_label_alt_id 
_pdbx_struct_conn_angle.ptnr3_label_asym_id 
_pdbx_struct_conn_angle.ptnr3_label_comp_id 
_pdbx_struct_conn_angle.ptnr3_label_seq_id 
_pdbx_struct_conn_angle.ptnr3_auth_atom_id 
_pdbx_struct_conn_angle.ptnr3_auth_asym_id 
_pdbx_struct_conn_angle.ptnr3_auth_comp_id 
_pdbx_struct_conn_angle.ptnr3_auth_seq_id 
_pdbx_struct_conn_angle.ptnr3_PDB_ins_code 
_pdbx_struct_conn_angle.ptnr3_symmetry 
_pdbx_struct_conn_angle.value 
_pdbx_struct_conn_angle.value_esd 
1  OG  ? A SER 18 ? A SER 17  ? 1_555 MG ? D MG . ? A MG 203 ? 1_555 O3B ? C GDP . ? A GDP 202 ? 1_555 91.4  ? 
2  OG  ? A SER 18 ? A SER 17  ? 1_555 MG ? D MG . ? A MG 203 ? 1_555 O   ? F HOH . ? A HOH 310 ? 1_555 86.9  ? 
3  O3B ? C GDP .  ? A GDP 202 ? 1_555 MG ? D MG . ? A MG 203 ? 1_555 O   ? F HOH . ? A HOH 310 ? 1_555 87.8  ? 
4  OG  ? A SER 18 ? A SER 17  ? 1_555 MG ? D MG . ? A MG 203 ? 1_555 O   ? F HOH . ? A HOH 323 ? 1_555 92.2  ? 
5  O3B ? C GDP .  ? A GDP 202 ? 1_555 MG ? D MG . ? A MG 203 ? 1_555 O   ? F HOH . ? A HOH 323 ? 1_555 95.6  ? 
6  O   ? F HOH .  ? A HOH 310 ? 1_555 MG ? D MG . ? A MG 203 ? 1_555 O   ? F HOH . ? A HOH 323 ? 1_555 176.5 ? 
7  OG  ? A SER 18 ? A SER 17  ? 1_555 MG ? D MG . ? A MG 203 ? 1_555 O   ? F HOH . ? A HOH 336 ? 1_555 92.8  ? 
8  O3B ? C GDP .  ? A GDP 202 ? 1_555 MG ? D MG . ? A MG 203 ? 1_555 O   ? F HOH . ? A HOH 336 ? 1_555 169.2 ? 
9  O   ? F HOH .  ? A HOH 310 ? 1_555 MG ? D MG . ? A MG 203 ? 1_555 O   ? F HOH . ? A HOH 336 ? 1_555 82.5  ? 
10 O   ? F HOH .  ? A HOH 323 ? 1_555 MG ? D MG . ? A MG 203 ? 1_555 O   ? F HOH . ? A HOH 336 ? 1_555 94.2  ? 
11 OG  ? A SER 18 ? A SER 17  ? 1_555 MG ? D MG . ? A MG 203 ? 1_555 O   ? F HOH . ? A HOH 340 ? 1_555 174.7 ? 
12 O3B ? C GDP .  ? A GDP 202 ? 1_555 MG ? D MG . ? A MG 203 ? 1_555 O   ? F HOH . ? A HOH 340 ? 1_555 93.8  ? 
13 O   ? F HOH .  ? A HOH 310 ? 1_555 MG ? D MG . ? A MG 203 ? 1_555 O   ? F HOH . ? A HOH 340 ? 1_555 92.1  ? 
14 O   ? F HOH .  ? A HOH 323 ? 1_555 MG ? D MG . ? A MG 203 ? 1_555 O   ? F HOH . ? A HOH 340 ? 1_555 88.5  ? 
15 O   ? F HOH .  ? A HOH 336 ? 1_555 MG ? D MG . ? A MG 203 ? 1_555 O   ? F HOH . ? A HOH 340 ? 1_555 81.9  ? 
# 
_pdbx_modification_feature.ordinal                            1 
_pdbx_modification_feature.label_comp_id                      QWH 
_pdbx_modification_feature.label_asym_id                      B 
_pdbx_modification_feature.label_seq_id                       . 
_pdbx_modification_feature.label_alt_id                       ? 
_pdbx_modification_feature.modified_residue_label_comp_id     CYS 
_pdbx_modification_feature.modified_residue_label_asym_id     A 
_pdbx_modification_feature.modified_residue_label_seq_id      13 
_pdbx_modification_feature.modified_residue_label_alt_id      ? 
_pdbx_modification_feature.auth_comp_id                       QWH 
_pdbx_modification_feature.auth_asym_id                       A 
_pdbx_modification_feature.auth_seq_id                        201 
_pdbx_modification_feature.PDB_ins_code                       ? 
_pdbx_modification_feature.symmetry                           1_555 
_pdbx_modification_feature.modified_residue_auth_comp_id      CYS 
_pdbx_modification_feature.modified_residue_auth_asym_id      A 
_pdbx_modification_feature.modified_residue_auth_seq_id       12 
_pdbx_modification_feature.modified_residue_PDB_ins_code      ? 
_pdbx_modification_feature.modified_residue_symmetry          1_555 
_pdbx_modification_feature.comp_id_linking_atom               C12 
_pdbx_modification_feature.modified_residue_id_linking_atom   SG 
_pdbx_modification_feature.modified_residue_id                CYS 
_pdbx_modification_feature.ref_pcm_id                         1 
_pdbx_modification_feature.ref_comp_id                        QWH 
_pdbx_modification_feature.type                               None 
_pdbx_modification_feature.category                           'Covalent chemical modification' 
# 
_struct_sheet.id               AA1 
_struct_sheet.type             ? 
_struct_sheet.number_strands   6 
_struct_sheet.details          ? 
# 
loop_
_struct_sheet_order.sheet_id 
_struct_sheet_order.range_id_1 
_struct_sheet_order.range_id_2 
_struct_sheet_order.offset 
_struct_sheet_order.sense 
AA1 1 2 ? anti-parallel 
AA1 2 3 ? parallel      
AA1 3 4 ? parallel      
AA1 4 5 ? parallel      
AA1 5 6 ? parallel      
# 
loop_
_struct_sheet_range.sheet_id 
_struct_sheet_range.id 
_struct_sheet_range.beg_label_comp_id 
_struct_sheet_range.beg_label_asym_id 
_struct_sheet_range.beg_label_seq_id 
_struct_sheet_range.pdbx_beg_PDB_ins_code 
_struct_sheet_range.end_label_comp_id 
_struct_sheet_range.end_label_asym_id 
_struct_sheet_range.end_label_seq_id 
_struct_sheet_range.pdbx_end_PDB_ins_code 
_struct_sheet_range.beg_auth_comp_id 
_struct_sheet_range.beg_auth_asym_id 
_struct_sheet_range.beg_auth_seq_id 
_struct_sheet_range.end_auth_comp_id 
_struct_sheet_range.end_auth_asym_id 
_struct_sheet_range.end_auth_seq_id 
AA1 1 ASP A 39  ? ILE A 47  ? ASP A 38  ILE A 46  
AA1 2 GLU A 50  ? ASP A 58  ? GLU A 49  ASP A 57  
AA1 3 THR A 3   ? GLY A 11  ? THR A 2   GLY A 10  
AA1 4 GLY A 78  ? ALA A 84  ? GLY A 77  ALA A 83  
AA1 5 MET A 112 ? ASN A 117 ? MET A 111 ASN A 116 
AA1 6 PHE A 142 ? GLU A 144 ? PHE A 141 GLU A 143 
# 
loop_
_pdbx_struct_sheet_hbond.sheet_id 
_pdbx_struct_sheet_hbond.range_id_1 
_pdbx_struct_sheet_hbond.range_id_2 
_pdbx_struct_sheet_hbond.range_1_label_atom_id 
_pdbx_struct_sheet_hbond.range_1_label_comp_id 
_pdbx_struct_sheet_hbond.range_1_label_asym_id 
_pdbx_struct_sheet_hbond.range_1_label_seq_id 
_pdbx_struct_sheet_hbond.range_1_PDB_ins_code 
_pdbx_struct_sheet_hbond.range_1_auth_atom_id 
_pdbx_struct_sheet_hbond.range_1_auth_comp_id 
_pdbx_struct_sheet_hbond.range_1_auth_asym_id 
_pdbx_struct_sheet_hbond.range_1_auth_seq_id 
_pdbx_struct_sheet_hbond.range_2_label_atom_id 
_pdbx_struct_sheet_hbond.range_2_label_comp_id 
_pdbx_struct_sheet_hbond.range_2_label_asym_id 
_pdbx_struct_sheet_hbond.range_2_label_seq_id 
_pdbx_struct_sheet_hbond.range_2_PDB_ins_code 
_pdbx_struct_sheet_hbond.range_2_auth_atom_id 
_pdbx_struct_sheet_hbond.range_2_auth_comp_id 
_pdbx_struct_sheet_hbond.range_2_auth_asym_id 
_pdbx_struct_sheet_hbond.range_2_auth_seq_id 
AA1 1 2 N LYS A 43  ? N LYS A 42  O LEU A 54  ? O LEU A 53  
AA1 2 3 O ASP A 55  ? O ASP A 54  N TYR A 5   ? N TYR A 4   
AA1 3 4 N VAL A 10  ? N VAL A 9   O VAL A 82  ? O VAL A 81  
AA1 4 5 N CYS A 81  ? N CYS A 80  O VAL A 113 ? O VAL A 112 
AA1 5 6 N LEU A 114 ? N LEU A 113 O ILE A 143 ? O ILE A 142 
# 
_pdbx_entry_details.entry_id                   7A1Y 
_pdbx_entry_details.has_ligand_of_interest     Y 
_pdbx_entry_details.compound_details           ? 
_pdbx_entry_details.source_details             ? 
_pdbx_entry_details.nonpolymer_details         ? 
_pdbx_entry_details.sequence_details           ? 
_pdbx_entry_details.has_protein_modification   Y 
# 
loop_
_pdbx_validate_torsion.id 
_pdbx_validate_torsion.PDB_model_num 
_pdbx_validate_torsion.auth_comp_id 
_pdbx_validate_torsion.auth_asym_id 
_pdbx_validate_torsion.auth_seq_id 
_pdbx_validate_torsion.PDB_ins_code 
_pdbx_validate_torsion.label_alt_id 
_pdbx_validate_torsion.phi 
_pdbx_validate_torsion.psi 
1 1 ASP A 33  ? ? -39.22 111.26 
2 1 LYS A 117 ? ? 70.49  35.15  
3 1 SER A 122 ? ? -90.63 51.47  
# 
loop_
_pdbx_struct_special_symmetry.id 
_pdbx_struct_special_symmetry.PDB_model_num 
_pdbx_struct_special_symmetry.auth_asym_id 
_pdbx_struct_special_symmetry.auth_comp_id 
_pdbx_struct_special_symmetry.auth_seq_id 
_pdbx_struct_special_symmetry.PDB_ins_code 
_pdbx_struct_special_symmetry.label_asym_id 
_pdbx_struct_special_symmetry.label_comp_id 
_pdbx_struct_special_symmetry.label_seq_id 
1 1 A SO4 204 ? E SO4 . 
2 1 A HOH 388 ? F HOH . 
3 1 A HOH 396 ? F HOH . 
# 
loop_
_pdbx_unobs_or_zero_occ_residues.id 
_pdbx_unobs_or_zero_occ_residues.PDB_model_num 
_pdbx_unobs_or_zero_occ_residues.polymer_flag 
_pdbx_unobs_or_zero_occ_residues.occupancy_flag 
_pdbx_unobs_or_zero_occ_residues.auth_asym_id 
_pdbx_unobs_or_zero_occ_residues.auth_comp_id 
_pdbx_unobs_or_zero_occ_residues.auth_seq_id 
_pdbx_unobs_or_zero_occ_residues.PDB_ins_code 
_pdbx_unobs_or_zero_occ_residues.label_asym_id 
_pdbx_unobs_or_zero_occ_residues.label_comp_id 
_pdbx_unobs_or_zero_occ_residues.label_seq_id 
1 1 Y 1 A GLY 0  ? A GLY 1  
2 1 Y 1 A SER 65 ? A SER 66 
3 1 Y 1 A ALA 66 ? A ALA 67 
# 
loop_
_chem_comp_atom.comp_id 
_chem_comp_atom.atom_id 
_chem_comp_atom.type_symbol 
_chem_comp_atom.pdbx_aromatic_flag 
_chem_comp_atom.pdbx_stereo_config 
_chem_comp_atom.pdbx_ordinal 
ALA N      N  N N 1   
ALA CA     C  N S 2   
ALA C      C  N N 3   
ALA O      O  N N 4   
ALA CB     C  N N 5   
ALA OXT    O  N N 6   
ALA H      H  N N 7   
ALA H2     H  N N 8   
ALA HA     H  N N 9   
ALA HB1    H  N N 10  
ALA HB2    H  N N 11  
ALA HB3    H  N N 12  
ALA HXT    H  N N 13  
ARG N      N  N N 14  
ARG CA     C  N S 15  
ARG C      C  N N 16  
ARG O      O  N N 17  
ARG CB     C  N N 18  
ARG CG     C  N N 19  
ARG CD     C  N N 20  
ARG NE     N  N N 21  
ARG CZ     C  N N 22  
ARG NH1    N  N N 23  
ARG NH2    N  N N 24  
ARG OXT    O  N N 25  
ARG H      H  N N 26  
ARG H2     H  N N 27  
ARG HA     H  N N 28  
ARG HB2    H  N N 29  
ARG HB3    H  N N 30  
ARG HG2    H  N N 31  
ARG HG3    H  N N 32  
ARG HD2    H  N N 33  
ARG HD3    H  N N 34  
ARG HE     H  N N 35  
ARG HH11   H  N N 36  
ARG HH12   H  N N 37  
ARG HH21   H  N N 38  
ARG HH22   H  N N 39  
ARG HXT    H  N N 40  
ASN N      N  N N 41  
ASN CA     C  N S 42  
ASN C      C  N N 43  
ASN O      O  N N 44  
ASN CB     C  N N 45  
ASN CG     C  N N 46  
ASN OD1    O  N N 47  
ASN ND2    N  N N 48  
ASN OXT    O  N N 49  
ASN H      H  N N 50  
ASN H2     H  N N 51  
ASN HA     H  N N 52  
ASN HB2    H  N N 53  
ASN HB3    H  N N 54  
ASN HD21   H  N N 55  
ASN HD22   H  N N 56  
ASN HXT    H  N N 57  
ASP N      N  N N 58  
ASP CA     C  N S 59  
ASP C      C  N N 60  
ASP O      O  N N 61  
ASP CB     C  N N 62  
ASP CG     C  N N 63  
ASP OD1    O  N N 64  
ASP OD2    O  N N 65  
ASP OXT    O  N N 66  
ASP H      H  N N 67  
ASP H2     H  N N 68  
ASP HA     H  N N 69  
ASP HB2    H  N N 70  
ASP HB3    H  N N 71  
ASP HD2    H  N N 72  
ASP HXT    H  N N 73  
CYS N      N  N N 74  
CYS CA     C  N R 75  
CYS C      C  N N 76  
CYS O      O  N N 77  
CYS CB     C  N N 78  
CYS SG     S  N N 79  
CYS OXT    O  N N 80  
CYS H      H  N N 81  
CYS H2     H  N N 82  
CYS HA     H  N N 83  
CYS HB2    H  N N 84  
CYS HB3    H  N N 85  
CYS HG     H  N N 86  
CYS HXT    H  N N 87  
GDP PB     P  N N 88  
GDP O1B    O  N N 89  
GDP O2B    O  N N 90  
GDP O3B    O  N N 91  
GDP O3A    O  N N 92  
GDP PA     P  N N 93  
GDP O1A    O  N N 94  
GDP O2A    O  N N 95  
GDP "O5'"  O  N N 96  
GDP "C5'"  C  N N 97  
GDP "C4'"  C  N R 98  
GDP "O4'"  O  N N 99  
GDP "C3'"  C  N S 100 
GDP "O3'"  O  N N 101 
GDP "C2'"  C  N R 102 
GDP "O2'"  O  N N 103 
GDP "C1'"  C  N R 104 
GDP N9     N  Y N 105 
GDP C8     C  Y N 106 
GDP N7     N  Y N 107 
GDP C5     C  Y N 108 
GDP C6     C  N N 109 
GDP O6     O  N N 110 
GDP N1     N  N N 111 
GDP C2     C  N N 112 
GDP N2     N  N N 113 
GDP N3     N  N N 114 
GDP C4     C  Y N 115 
GDP HOB2   H  N N 116 
GDP HOB3   H  N N 117 
GDP HOA2   H  N N 118 
GDP "H5'"  H  N N 119 
GDP "H5''" H  N N 120 
GDP "H4'"  H  N N 121 
GDP "H3'"  H  N N 122 
GDP "HO3'" H  N N 123 
GDP "H2'"  H  N N 124 
GDP "HO2'" H  N N 125 
GDP "H1'"  H  N N 126 
GDP H8     H  N N 127 
GDP HN1    H  N N 128 
GDP HN21   H  N N 129 
GDP HN22   H  N N 130 
GLN N      N  N N 131 
GLN CA     C  N S 132 
GLN C      C  N N 133 
GLN O      O  N N 134 
GLN CB     C  N N 135 
GLN CG     C  N N 136 
GLN CD     C  N N 137 
GLN OE1    O  N N 138 
GLN NE2    N  N N 139 
GLN OXT    O  N N 140 
GLN H      H  N N 141 
GLN H2     H  N N 142 
GLN HA     H  N N 143 
GLN HB2    H  N N 144 
GLN HB3    H  N N 145 
GLN HG2    H  N N 146 
GLN HG3    H  N N 147 
GLN HE21   H  N N 148 
GLN HE22   H  N N 149 
GLN HXT    H  N N 150 
GLU N      N  N N 151 
GLU CA     C  N S 152 
GLU C      C  N N 153 
GLU O      O  N N 154 
GLU CB     C  N N 155 
GLU CG     C  N N 156 
GLU CD     C  N N 157 
GLU OE1    O  N N 158 
GLU OE2    O  N N 159 
GLU OXT    O  N N 160 
GLU H      H  N N 161 
GLU H2     H  N N 162 
GLU HA     H  N N 163 
GLU HB2    H  N N 164 
GLU HB3    H  N N 165 
GLU HG2    H  N N 166 
GLU HG3    H  N N 167 
GLU HE2    H  N N 168 
GLU HXT    H  N N 169 
GLY N      N  N N 170 
GLY CA     C  N N 171 
GLY C      C  N N 172 
GLY O      O  N N 173 
GLY OXT    O  N N 174 
GLY H      H  N N 175 
GLY H2     H  N N 176 
GLY HA2    H  N N 177 
GLY HA3    H  N N 178 
GLY HXT    H  N N 179 
HIS N      N  N N 180 
HIS CA     C  N S 181 
HIS C      C  N N 182 
HIS O      O  N N 183 
HIS CB     C  N N 184 
HIS CG     C  Y N 185 
HIS ND1    N  Y N 186 
HIS CD2    C  Y N 187 
HIS CE1    C  Y N 188 
HIS NE2    N  Y N 189 
HIS OXT    O  N N 190 
HIS H      H  N N 191 
HIS H2     H  N N 192 
HIS HA     H  N N 193 
HIS HB2    H  N N 194 
HIS HB3    H  N N 195 
HIS HD1    H  N N 196 
HIS HD2    H  N N 197 
HIS HE1    H  N N 198 
HIS HE2    H  N N 199 
HIS HXT    H  N N 200 
HOH O      O  N N 201 
HOH H1     H  N N 202 
HOH H2     H  N N 203 
ILE N      N  N N 204 
ILE CA     C  N S 205 
ILE C      C  N N 206 
ILE O      O  N N 207 
ILE CB     C  N S 208 
ILE CG1    C  N N 209 
ILE CG2    C  N N 210 
ILE CD1    C  N N 211 
ILE OXT    O  N N 212 
ILE H      H  N N 213 
ILE H2     H  N N 214 
ILE HA     H  N N 215 
ILE HB     H  N N 216 
ILE HG12   H  N N 217 
ILE HG13   H  N N 218 
ILE HG21   H  N N 219 
ILE HG22   H  N N 220 
ILE HG23   H  N N 221 
ILE HD11   H  N N 222 
ILE HD12   H  N N 223 
ILE HD13   H  N N 224 
ILE HXT    H  N N 225 
LEU N      N  N N 226 
LEU CA     C  N S 227 
LEU C      C  N N 228 
LEU O      O  N N 229 
LEU CB     C  N N 230 
LEU CG     C  N N 231 
LEU CD1    C  N N 232 
LEU CD2    C  N N 233 
LEU OXT    O  N N 234 
LEU H      H  N N 235 
LEU H2     H  N N 236 
LEU HA     H  N N 237 
LEU HB2    H  N N 238 
LEU HB3    H  N N 239 
LEU HG     H  N N 240 
LEU HD11   H  N N 241 
LEU HD12   H  N N 242 
LEU HD13   H  N N 243 
LEU HD21   H  N N 244 
LEU HD22   H  N N 245 
LEU HD23   H  N N 246 
LEU HXT    H  N N 247 
LYS N      N  N N 248 
LYS CA     C  N S 249 
LYS C      C  N N 250 
LYS O      O  N N 251 
LYS CB     C  N N 252 
LYS CG     C  N N 253 
LYS CD     C  N N 254 
LYS CE     C  N N 255 
LYS NZ     N  N N 256 
LYS OXT    O  N N 257 
LYS H      H  N N 258 
LYS H2     H  N N 259 
LYS HA     H  N N 260 
LYS HB2    H  N N 261 
LYS HB3    H  N N 262 
LYS HG2    H  N N 263 
LYS HG3    H  N N 264 
LYS HD2    H  N N 265 
LYS HD3    H  N N 266 
LYS HE2    H  N N 267 
LYS HE3    H  N N 268 
LYS HZ1    H  N N 269 
LYS HZ2    H  N N 270 
LYS HZ3    H  N N 271 
LYS HXT    H  N N 272 
MET N      N  N N 273 
MET CA     C  N S 274 
MET C      C  N N 275 
MET O      O  N N 276 
MET CB     C  N N 277 
MET CG     C  N N 278 
MET SD     S  N N 279 
MET CE     C  N N 280 
MET OXT    O  N N 281 
MET H      H  N N 282 
MET H2     H  N N 283 
MET HA     H  N N 284 
MET HB2    H  N N 285 
MET HB3    H  N N 286 
MET HG2    H  N N 287 
MET HG3    H  N N 288 
MET HE1    H  N N 289 
MET HE2    H  N N 290 
MET HE3    H  N N 291 
MET HXT    H  N N 292 
MG  MG     MG N N 293 
PHE N      N  N N 294 
PHE CA     C  N S 295 
PHE C      C  N N 296 
PHE O      O  N N 297 
PHE CB     C  N N 298 
PHE CG     C  Y N 299 
PHE CD1    C  Y N 300 
PHE CD2    C  Y N 301 
PHE CE1    C  Y N 302 
PHE CE2    C  Y N 303 
PHE CZ     C  Y N 304 
PHE OXT    O  N N 305 
PHE H      H  N N 306 
PHE H2     H  N N 307 
PHE HA     H  N N 308 
PHE HB2    H  N N 309 
PHE HB3    H  N N 310 
PHE HD1    H  N N 311 
PHE HD2    H  N N 312 
PHE HE1    H  N N 313 
PHE HE2    H  N N 314 
PHE HZ     H  N N 315 
PHE HXT    H  N N 316 
PRO N      N  N N 317 
PRO CA     C  N S 318 
PRO C      C  N N 319 
PRO O      O  N N 320 
PRO CB     C  N N 321 
PRO CG     C  N N 322 
PRO CD     C  N N 323 
PRO OXT    O  N N 324 
PRO H      H  N N 325 
PRO HA     H  N N 326 
PRO HB2    H  N N 327 
PRO HB3    H  N N 328 
PRO HG2    H  N N 329 
PRO HG3    H  N N 330 
PRO HD2    H  N N 331 
PRO HD3    H  N N 332 
PRO HXT    H  N N 333 
QWH C1     C  Y N 334 
QWH C2     C  Y N 335 
QWH C7     C  N N 336 
QWH C8     C  Y N 337 
QWH C9     C  N N 338 
QWH C12    C  N N 339 
QWH C13    C  N N 340 
QWH C14    C  N N 341 
QWH N3     N  Y N 342 
QWH C4     C  Y N 343 
QWH N5     N  N N 344 
QWH C6     C  Y N 345 
QWH O10    O  N N 346 
QWH BR1    BR N N 347 
QWH H18    H  N N 348 
QWH H17    H  N N 349 
QWH H21    H  N N 350 
QWH H20    H  N N 351 
QWH H1     H  N N 352 
QWH H24    H  N N 353 
QWH H23    H  N N 354 
QWH H22    H  N N 355 
QWH H27    H  N N 356 
QWH H26    H  N N 357 
QWH H25    H  N N 358 
QWH H15    H  N N 359 
QWH H16    H  N N 360 
SER N      N  N N 361 
SER CA     C  N S 362 
SER C      C  N N 363 
SER O      O  N N 364 
SER CB     C  N N 365 
SER OG     O  N N 366 
SER OXT    O  N N 367 
SER H      H  N N 368 
SER H2     H  N N 369 
SER HA     H  N N 370 
SER HB2    H  N N 371 
SER HB3    H  N N 372 
SER HG     H  N N 373 
SER HXT    H  N N 374 
SO4 S      S  N N 375 
SO4 O1     O  N N 376 
SO4 O2     O  N N 377 
SO4 O3     O  N N 378 
SO4 O4     O  N N 379 
THR N      N  N N 380 
THR CA     C  N S 381 
THR C      C  N N 382 
THR O      O  N N 383 
THR CB     C  N R 384 
THR OG1    O  N N 385 
THR CG2    C  N N 386 
THR OXT    O  N N 387 
THR H      H  N N 388 
THR H2     H  N N 389 
THR HA     H  N N 390 
THR HB     H  N N 391 
THR HG1    H  N N 392 
THR HG21   H  N N 393 
THR HG22   H  N N 394 
THR HG23   H  N N 395 
THR HXT    H  N N 396 
TYR N      N  N N 397 
TYR CA     C  N S 398 
TYR C      C  N N 399 
TYR O      O  N N 400 
TYR CB     C  N N 401 
TYR CG     C  Y N 402 
TYR CD1    C  Y N 403 
TYR CD2    C  Y N 404 
TYR CE1    C  Y N 405 
TYR CE2    C  Y N 406 
TYR CZ     C  Y N 407 
TYR OH     O  N N 408 
TYR OXT    O  N N 409 
TYR H      H  N N 410 
TYR H2     H  N N 411 
TYR HA     H  N N 412 
TYR HB2    H  N N 413 
TYR HB3    H  N N 414 
TYR HD1    H  N N 415 
TYR HD2    H  N N 416 
TYR HE1    H  N N 417 
TYR HE2    H  N N 418 
TYR HH     H  N N 419 
TYR HXT    H  N N 420 
VAL N      N  N N 421 
VAL CA     C  N S 422 
VAL C      C  N N 423 
VAL O      O  N N 424 
VAL CB     C  N N 425 
VAL CG1    C  N N 426 
VAL CG2    C  N N 427 
VAL OXT    O  N N 428 
VAL H      H  N N 429 
VAL H2     H  N N 430 
VAL HA     H  N N 431 
VAL HB     H  N N 432 
VAL HG11   H  N N 433 
VAL HG12   H  N N 434 
VAL HG13   H  N N 435 
VAL HG21   H  N N 436 
VAL HG22   H  N N 437 
VAL HG23   H  N N 438 
VAL HXT    H  N N 439 
# 
loop_
_chem_comp_bond.comp_id 
_chem_comp_bond.atom_id_1 
_chem_comp_bond.atom_id_2 
_chem_comp_bond.value_order 
_chem_comp_bond.pdbx_aromatic_flag 
_chem_comp_bond.pdbx_stereo_config 
_chem_comp_bond.pdbx_ordinal 
ALA N     CA     sing N N 1   
ALA N     H      sing N N 2   
ALA N     H2     sing N N 3   
ALA CA    C      sing N N 4   
ALA CA    CB     sing N N 5   
ALA CA    HA     sing N N 6   
ALA C     O      doub N N 7   
ALA C     OXT    sing N N 8   
ALA CB    HB1    sing N N 9   
ALA CB    HB2    sing N N 10  
ALA CB    HB3    sing N N 11  
ALA OXT   HXT    sing N N 12  
ARG N     CA     sing N N 13  
ARG N     H      sing N N 14  
ARG N     H2     sing N N 15  
ARG CA    C      sing N N 16  
ARG CA    CB     sing N N 17  
ARG CA    HA     sing N N 18  
ARG C     O      doub N N 19  
ARG C     OXT    sing N N 20  
ARG CB    CG     sing N N 21  
ARG CB    HB2    sing N N 22  
ARG CB    HB3    sing N N 23  
ARG CG    CD     sing N N 24  
ARG CG    HG2    sing N N 25  
ARG CG    HG3    sing N N 26  
ARG CD    NE     sing N N 27  
ARG CD    HD2    sing N N 28  
ARG CD    HD3    sing N N 29  
ARG NE    CZ     sing N N 30  
ARG NE    HE     sing N N 31  
ARG CZ    NH1    sing N N 32  
ARG CZ    NH2    doub N N 33  
ARG NH1   HH11   sing N N 34  
ARG NH1   HH12   sing N N 35  
ARG NH2   HH21   sing N N 36  
ARG NH2   HH22   sing N N 37  
ARG OXT   HXT    sing N N 38  
ASN N     CA     sing N N 39  
ASN N     H      sing N N 40  
ASN N     H2     sing N N 41  
ASN CA    C      sing N N 42  
ASN CA    CB     sing N N 43  
ASN CA    HA     sing N N 44  
ASN C     O      doub N N 45  
ASN C     OXT    sing N N 46  
ASN CB    CG     sing N N 47  
ASN CB    HB2    sing N N 48  
ASN CB    HB3    sing N N 49  
ASN CG    OD1    doub N N 50  
ASN CG    ND2    sing N N 51  
ASN ND2   HD21   sing N N 52  
ASN ND2   HD22   sing N N 53  
ASN OXT   HXT    sing N N 54  
ASP N     CA     sing N N 55  
ASP N     H      sing N N 56  
ASP N     H2     sing N N 57  
ASP CA    C      sing N N 58  
ASP CA    CB     sing N N 59  
ASP CA    HA     sing N N 60  
ASP C     O      doub N N 61  
ASP C     OXT    sing N N 62  
ASP CB    CG     sing N N 63  
ASP CB    HB2    sing N N 64  
ASP CB    HB3    sing N N 65  
ASP CG    OD1    doub N N 66  
ASP CG    OD2    sing N N 67  
ASP OD2   HD2    sing N N 68  
ASP OXT   HXT    sing N N 69  
CYS N     CA     sing N N 70  
CYS N     H      sing N N 71  
CYS N     H2     sing N N 72  
CYS CA    C      sing N N 73  
CYS CA    CB     sing N N 74  
CYS CA    HA     sing N N 75  
CYS C     O      doub N N 76  
CYS C     OXT    sing N N 77  
CYS CB    SG     sing N N 78  
CYS CB    HB2    sing N N 79  
CYS CB    HB3    sing N N 80  
CYS SG    HG     sing N N 81  
CYS OXT   HXT    sing N N 82  
GDP PB    O1B    doub N N 83  
GDP PB    O2B    sing N N 84  
GDP PB    O3B    sing N N 85  
GDP PB    O3A    sing N N 86  
GDP O2B   HOB2   sing N N 87  
GDP O3B   HOB3   sing N N 88  
GDP O3A   PA     sing N N 89  
GDP PA    O1A    doub N N 90  
GDP PA    O2A    sing N N 91  
GDP PA    "O5'"  sing N N 92  
GDP O2A   HOA2   sing N N 93  
GDP "O5'" "C5'"  sing N N 94  
GDP "C5'" "C4'"  sing N N 95  
GDP "C5'" "H5'"  sing N N 96  
GDP "C5'" "H5''" sing N N 97  
GDP "C4'" "O4'"  sing N N 98  
GDP "C4'" "C3'"  sing N N 99  
GDP "C4'" "H4'"  sing N N 100 
GDP "O4'" "C1'"  sing N N 101 
GDP "C3'" "O3'"  sing N N 102 
GDP "C3'" "C2'"  sing N N 103 
GDP "C3'" "H3'"  sing N N 104 
GDP "O3'" "HO3'" sing N N 105 
GDP "C2'" "O2'"  sing N N 106 
GDP "C2'" "C1'"  sing N N 107 
GDP "C2'" "H2'"  sing N N 108 
GDP "O2'" "HO2'" sing N N 109 
GDP "C1'" N9     sing N N 110 
GDP "C1'" "H1'"  sing N N 111 
GDP N9    C8     sing Y N 112 
GDP N9    C4     sing Y N 113 
GDP C8    N7     doub Y N 114 
GDP C8    H8     sing N N 115 
GDP N7    C5     sing Y N 116 
GDP C5    C6     sing N N 117 
GDP C5    C4     doub Y N 118 
GDP C6    O6     doub N N 119 
GDP C6    N1     sing N N 120 
GDP N1    C2     sing N N 121 
GDP N1    HN1    sing N N 122 
GDP C2    N2     sing N N 123 
GDP C2    N3     doub N N 124 
GDP N2    HN21   sing N N 125 
GDP N2    HN22   sing N N 126 
GDP N3    C4     sing N N 127 
GLN N     CA     sing N N 128 
GLN N     H      sing N N 129 
GLN N     H2     sing N N 130 
GLN CA    C      sing N N 131 
GLN CA    CB     sing N N 132 
GLN CA    HA     sing N N 133 
GLN C     O      doub N N 134 
GLN C     OXT    sing N N 135 
GLN CB    CG     sing N N 136 
GLN CB    HB2    sing N N 137 
GLN CB    HB3    sing N N 138 
GLN CG    CD     sing N N 139 
GLN CG    HG2    sing N N 140 
GLN CG    HG3    sing N N 141 
GLN CD    OE1    doub N N 142 
GLN CD    NE2    sing N N 143 
GLN NE2   HE21   sing N N 144 
GLN NE2   HE22   sing N N 145 
GLN OXT   HXT    sing N N 146 
GLU N     CA     sing N N 147 
GLU N     H      sing N N 148 
GLU N     H2     sing N N 149 
GLU CA    C      sing N N 150 
GLU CA    CB     sing N N 151 
GLU CA    HA     sing N N 152 
GLU C     O      doub N N 153 
GLU C     OXT    sing N N 154 
GLU CB    CG     sing N N 155 
GLU CB    HB2    sing N N 156 
GLU CB    HB3    sing N N 157 
GLU CG    CD     sing N N 158 
GLU CG    HG2    sing N N 159 
GLU CG    HG3    sing N N 160 
GLU CD    OE1    doub N N 161 
GLU CD    OE2    sing N N 162 
GLU OE2   HE2    sing N N 163 
GLU OXT   HXT    sing N N 164 
GLY N     CA     sing N N 165 
GLY N     H      sing N N 166 
GLY N     H2     sing N N 167 
GLY CA    C      sing N N 168 
GLY CA    HA2    sing N N 169 
GLY CA    HA3    sing N N 170 
GLY C     O      doub N N 171 
GLY C     OXT    sing N N 172 
GLY OXT   HXT    sing N N 173 
HIS N     CA     sing N N 174 
HIS N     H      sing N N 175 
HIS N     H2     sing N N 176 
HIS CA    C      sing N N 177 
HIS CA    CB     sing N N 178 
HIS CA    HA     sing N N 179 
HIS C     O      doub N N 180 
HIS C     OXT    sing N N 181 
HIS CB    CG     sing N N 182 
HIS CB    HB2    sing N N 183 
HIS CB    HB3    sing N N 184 
HIS CG    ND1    sing Y N 185 
HIS CG    CD2    doub Y N 186 
HIS ND1   CE1    doub Y N 187 
HIS ND1   HD1    sing N N 188 
HIS CD2   NE2    sing Y N 189 
HIS CD2   HD2    sing N N 190 
HIS CE1   NE2    sing Y N 191 
HIS CE1   HE1    sing N N 192 
HIS NE2   HE2    sing N N 193 
HIS OXT   HXT    sing N N 194 
HOH O     H1     sing N N 195 
HOH O     H2     sing N N 196 
ILE N     CA     sing N N 197 
ILE N     H      sing N N 198 
ILE N     H2     sing N N 199 
ILE CA    C      sing N N 200 
ILE CA    CB     sing N N 201 
ILE CA    HA     sing N N 202 
ILE C     O      doub N N 203 
ILE C     OXT    sing N N 204 
ILE CB    CG1    sing N N 205 
ILE CB    CG2    sing N N 206 
ILE CB    HB     sing N N 207 
ILE CG1   CD1    sing N N 208 
ILE CG1   HG12   sing N N 209 
ILE CG1   HG13   sing N N 210 
ILE CG2   HG21   sing N N 211 
ILE CG2   HG22   sing N N 212 
ILE CG2   HG23   sing N N 213 
ILE CD1   HD11   sing N N 214 
ILE CD1   HD12   sing N N 215 
ILE CD1   HD13   sing N N 216 
ILE OXT   HXT    sing N N 217 
LEU N     CA     sing N N 218 
LEU N     H      sing N N 219 
LEU N     H2     sing N N 220 
LEU CA    C      sing N N 221 
LEU CA    CB     sing N N 222 
LEU CA    HA     sing N N 223 
LEU C     O      doub N N 224 
LEU C     OXT    sing N N 225 
LEU CB    CG     sing N N 226 
LEU CB    HB2    sing N N 227 
LEU CB    HB3    sing N N 228 
LEU CG    CD1    sing N N 229 
LEU CG    CD2    sing N N 230 
LEU CG    HG     sing N N 231 
LEU CD1   HD11   sing N N 232 
LEU CD1   HD12   sing N N 233 
LEU CD1   HD13   sing N N 234 
LEU CD2   HD21   sing N N 235 
LEU CD2   HD22   sing N N 236 
LEU CD2   HD23   sing N N 237 
LEU OXT   HXT    sing N N 238 
LYS N     CA     sing N N 239 
LYS N     H      sing N N 240 
LYS N     H2     sing N N 241 
LYS CA    C      sing N N 242 
LYS CA    CB     sing N N 243 
LYS CA    HA     sing N N 244 
LYS C     O      doub N N 245 
LYS C     OXT    sing N N 246 
LYS CB    CG     sing N N 247 
LYS CB    HB2    sing N N 248 
LYS CB    HB3    sing N N 249 
LYS CG    CD     sing N N 250 
LYS CG    HG2    sing N N 251 
LYS CG    HG3    sing N N 252 
LYS CD    CE     sing N N 253 
LYS CD    HD2    sing N N 254 
LYS CD    HD3    sing N N 255 
LYS CE    NZ     sing N N 256 
LYS CE    HE2    sing N N 257 
LYS CE    HE3    sing N N 258 
LYS NZ    HZ1    sing N N 259 
LYS NZ    HZ2    sing N N 260 
LYS NZ    HZ3    sing N N 261 
LYS OXT   HXT    sing N N 262 
MET N     CA     sing N N 263 
MET N     H      sing N N 264 
MET N     H2     sing N N 265 
MET CA    C      sing N N 266 
MET CA    CB     sing N N 267 
MET CA    HA     sing N N 268 
MET C     O      doub N N 269 
MET C     OXT    sing N N 270 
MET CB    CG     sing N N 271 
MET CB    HB2    sing N N 272 
MET CB    HB3    sing N N 273 
MET CG    SD     sing N N 274 
MET CG    HG2    sing N N 275 
MET CG    HG3    sing N N 276 
MET SD    CE     sing N N 277 
MET CE    HE1    sing N N 278 
MET CE    HE2    sing N N 279 
MET CE    HE3    sing N N 280 
MET OXT   HXT    sing N N 281 
PHE N     CA     sing N N 282 
PHE N     H      sing N N 283 
PHE N     H2     sing N N 284 
PHE CA    C      sing N N 285 
PHE CA    CB     sing N N 286 
PHE CA    HA     sing N N 287 
PHE C     O      doub N N 288 
PHE C     OXT    sing N N 289 
PHE CB    CG     sing N N 290 
PHE CB    HB2    sing N N 291 
PHE CB    HB3    sing N N 292 
PHE CG    CD1    doub Y N 293 
PHE CG    CD2    sing Y N 294 
PHE CD1   CE1    sing Y N 295 
PHE CD1   HD1    sing N N 296 
PHE CD2   CE2    doub Y N 297 
PHE CD2   HD2    sing N N 298 
PHE CE1   CZ     doub Y N 299 
PHE CE1   HE1    sing N N 300 
PHE CE2   CZ     sing Y N 301 
PHE CE2   HE2    sing N N 302 
PHE CZ    HZ     sing N N 303 
PHE OXT   HXT    sing N N 304 
PRO N     CA     sing N N 305 
PRO N     CD     sing N N 306 
PRO N     H      sing N N 307 
PRO CA    C      sing N N 308 
PRO CA    CB     sing N N 309 
PRO CA    HA     sing N N 310 
PRO C     O      doub N N 311 
PRO C     OXT    sing N N 312 
PRO CB    CG     sing N N 313 
PRO CB    HB2    sing N N 314 
PRO CB    HB3    sing N N 315 
PRO CG    CD     sing N N 316 
PRO CG    HG2    sing N N 317 
PRO CG    HG3    sing N N 318 
PRO CD    HD2    sing N N 319 
PRO CD    HD3    sing N N 320 
PRO OXT   HXT    sing N N 321 
QWH C13   C4     sing N N 322 
QWH N3    C4     doub Y N 323 
QWH N3    C8     sing Y N 324 
QWH C14   C8     sing N N 325 
QWH C4    C2     sing Y N 326 
QWH C8    C6     doub Y N 327 
QWH C2    C1     doub Y N 328 
QWH C2    BR1    sing N N 329 
QWH C6    C1     sing Y N 330 
QWH C1    N5     sing N N 331 
QWH N5    C7     sing N N 332 
QWH O10   C7     doub N N 333 
QWH C7    C9     sing N N 334 
QWH C9    C12    sing N N 335 
QWH C9    H18    sing N N 336 
QWH C9    H17    sing N N 337 
QWH C12   H21    sing N N 338 
QWH C12   H20    sing N N 339 
QWH C12   H1     sing N N 340 
QWH C13   H24    sing N N 341 
QWH C13   H23    sing N N 342 
QWH C13   H22    sing N N 343 
QWH C14   H27    sing N N 344 
QWH C14   H26    sing N N 345 
QWH C14   H25    sing N N 346 
QWH N5    H15    sing N N 347 
QWH C6    H16    sing N N 348 
SER N     CA     sing N N 349 
SER N     H      sing N N 350 
SER N     H2     sing N N 351 
SER CA    C      sing N N 352 
SER CA    CB     sing N N 353 
SER CA    HA     sing N N 354 
SER C     O      doub N N 355 
SER C     OXT    sing N N 356 
SER CB    OG     sing N N 357 
SER CB    HB2    sing N N 358 
SER CB    HB3    sing N N 359 
SER OG    HG     sing N N 360 
SER OXT   HXT    sing N N 361 
SO4 S     O1     doub N N 362 
SO4 S     O2     doub N N 363 
SO4 S     O3     sing N N 364 
SO4 S     O4     sing N N 365 
THR N     CA     sing N N 366 
THR N     H      sing N N 367 
THR N     H2     sing N N 368 
THR CA    C      sing N N 369 
THR CA    CB     sing N N 370 
THR CA    HA     sing N N 371 
THR C     O      doub N N 372 
THR C     OXT    sing N N 373 
THR CB    OG1    sing N N 374 
THR CB    CG2    sing N N 375 
THR CB    HB     sing N N 376 
THR OG1   HG1    sing N N 377 
THR CG2   HG21   sing N N 378 
THR CG2   HG22   sing N N 379 
THR CG2   HG23   sing N N 380 
THR OXT   HXT    sing N N 381 
TYR N     CA     sing N N 382 
TYR N     H      sing N N 383 
TYR N     H2     sing N N 384 
TYR CA    C      sing N N 385 
TYR CA    CB     sing N N 386 
TYR CA    HA     sing N N 387 
TYR C     O      doub N N 388 
TYR C     OXT    sing N N 389 
TYR CB    CG     sing N N 390 
TYR CB    HB2    sing N N 391 
TYR CB    HB3    sing N N 392 
TYR CG    CD1    doub Y N 393 
TYR CG    CD2    sing Y N 394 
TYR CD1   CE1    sing Y N 395 
TYR CD1   HD1    sing N N 396 
TYR CD2   CE2    doub Y N 397 
TYR CD2   HD2    sing N N 398 
TYR CE1   CZ     doub Y N 399 
TYR CE1   HE1    sing N N 400 
TYR CE2   CZ     sing Y N 401 
TYR CE2   HE2    sing N N 402 
TYR CZ    OH     sing N N 403 
TYR OH    HH     sing N N 404 
TYR OXT   HXT    sing N N 405 
VAL N     CA     sing N N 406 
VAL N     H      sing N N 407 
VAL N     H2     sing N N 408 
VAL CA    C      sing N N 409 
VAL CA    CB     sing N N 410 
VAL CA    HA     sing N N 411 
VAL C     O      doub N N 412 
VAL C     OXT    sing N N 413 
VAL CB    CG1    sing N N 414 
VAL CB    CG2    sing N N 415 
VAL CB    HB     sing N N 416 
VAL CG1   HG11   sing N N 417 
VAL CG1   HG12   sing N N 418 
VAL CG1   HG13   sing N N 419 
VAL CG2   HG21   sing N N 420 
VAL CG2   HG22   sing N N 421 
VAL CG2   HG23   sing N N 422 
VAL OXT   HXT    sing N N 423 
# 
_pdbx_initial_refinement_model.accession_code   ? 
_pdbx_initial_refinement_model.id               1 
_pdbx_initial_refinement_model.entity_id_list   ? 
_pdbx_initial_refinement_model.type             other 
_pdbx_initial_refinement_model.source_name      ? 
_pdbx_initial_refinement_model.details          'internal model' 
# 
_atom_sites.entry_id                    7A1Y 
_atom_sites.Cartn_transf_matrix[1][1]   ? 
_atom_sites.Cartn_transf_matrix[1][2]   ? 
_atom_sites.Cartn_transf_matrix[1][3]   ? 
_atom_sites.Cartn_transf_matrix[2][1]   ? 
_atom_sites.Cartn_transf_matrix[2][2]   ? 
_atom_sites.Cartn_transf_matrix[2][3]   ? 
_atom_sites.Cartn_transf_matrix[3][1]   ? 
_atom_sites.Cartn_transf_matrix[3][2]   ? 
_atom_sites.Cartn_transf_matrix[3][3]   ? 
_atom_sites.Cartn_transf_vector[1]      ? 
_atom_sites.Cartn_transf_vector[2]      ? 
_atom_sites.Cartn_transf_vector[3]      ? 
_atom_sites.fract_transf_matrix[1][1]   -0.00560052 
_atom_sites.fract_transf_matrix[1][2]   0.00925891 
_atom_sites.fract_transf_matrix[1][3]   0.00642529 
_atom_sites.fract_transf_matrix[2][1]   0.00039612 
_atom_sites.fract_transf_matrix[2][2]   0.01180542 
_atom_sites.fract_transf_matrix[2][3]   -0.00434252 
_atom_sites.fract_transf_matrix[3][1]   -0.00700690 
_atom_sites.fract_transf_matrix[3][2]   -0.00131463 
_atom_sites.fract_transf_matrix[3][3]   -0.00421308 
_atom_sites.fract_transf_vector[1]      -0.179837 
_atom_sites.fract_transf_vector[2]      0.216355 
_atom_sites.fract_transf_vector[3]      0.064602 
_atom_sites.solution_primary            ? 
_atom_sites.solution_secondary          ? 
_atom_sites.solution_hydrogens          ? 
_atom_sites.special_details             ? 
# 
loop_
_atom_type.symbol 
BR 
C  
H  
MG 
N  
O  
P  
S  
# 
loop_
_atom_site.group_PDB 
_atom_site.id 
_atom_site.type_symbol 
_atom_site.label_atom_id 
_atom_site.label_alt_id 
_atom_site.label_comp_id 
_atom_site.label_asym_id 
_atom_site.label_entity_id 
_atom_site.label_seq_id 
_atom_site.pdbx_PDB_ins_code 
_atom_site.Cartn_x 
_atom_site.Cartn_y 
_atom_site.Cartn_z 
_atom_site.occupancy 
_atom_site.B_iso_or_equiv 
_atom_site.pdbx_formal_charge 
_atom_site.auth_seq_id 
_atom_site.auth_comp_id 
_atom_site.auth_asym_id 
_atom_site.auth_atom_id 
_atom_site.pdbx_PDB_model_num 
ATOM   1    N  N     . MET A 1 2   ? -9.895  -1.641  21.238  1    39.89  ? 1   MET A N     1 
ATOM   2    C  CA    . MET A 1 2   ? -10.270 -1.791  19.830  1    39.49  ? 1   MET A CA    1 
ATOM   3    C  C     . MET A 1 2   ? -9.340  -2.761  19.074  1    37.76  ? 1   MET A C     1 
ATOM   4    O  O     . MET A 1 2   ? -8.292  -3.156  19.592  1    38.13  ? 1   MET A O     1 
ATOM   5    C  CB    . MET A 1 2   ? -10.388 -0.424  19.129  1    40.83  ? 1   MET A CB    1 
ATOM   6    C  CG    . MET A 1 2   ? -9.224  0.492   19.379  1    44.96  ? 1   MET A CG    1 
ATOM   7    S  SD    . MET A 1 2   ? -9.701  2.241   19.302  1    55.56  ? 1   MET A SD    1 
ATOM   8    C  CE    . MET A 1 2   ? -10.803 2.335   20.702  1    53.5   ? 1   MET A CE    1 
ATOM   9    N  N     . THR A 1 3   ? -9.738  -3.165  17.862  1    35.39  ? 2   THR A N     1 
ATOM   10   C  CA    . THR A 1 3   ? -8.959  -4.103  17.060  1    33.09  ? 2   THR A CA    1 
ATOM   11   C  C     . THR A 1 3   ? -7.841  -3.369  16.359  1    30.27  ? 2   THR A C     1 
ATOM   12   O  O     . THR A 1 3   ? -8.073  -2.313  15.788  1    29.71  ? 2   THR A O     1 
ATOM   13   C  CB    . THR A 1 3   ? -9.840  -4.777  16.009  1    33.86  ? 2   THR A CB    1 
ATOM   14   O  OG1   . THR A 1 3   ? -11.071 -5.197  16.598  1    35.25  ? 2   THR A OG1   1 
ATOM   15   C  CG2   . THR A 1 3   ? -9.159  -5.957  15.332  1    33.59  ? 2   THR A CG2   1 
ATOM   16   N  N     . GLU A 1 4   ? -6.655  -3.944  16.357  1    28.26  ? 3   GLU A N     1 
ATOM   17   C  CA    . GLU A 1 4   ? -5.515  -3.357  15.682  1    27.14  ? 3   GLU A CA    1 
ATOM   18   C  C     . GLU A 1 4   ? -5.271  -4.069  14.342  1    24.36  ? 3   GLU A C     1 
ATOM   19   O  O     . GLU A 1 4   ? -5.296  -5.301  14.291  1    24.19  ? 3   GLU A O     1 
ATOM   20   C  CB    . GLU A 1 4   ? -4.282  -3.466  16.594  1    31.06  ? 3   GLU A CB    1 
ATOM   21   C  CG    . GLU A 1 4   ? -3.029  -2.819  16.036  1    39.22  ? 3   GLU A CG    1 
ATOM   22   C  CD    . GLU A 1 4   ? -1.798  -3.078  16.883  1    49.65  ? 3   GLU A CD    1 
ATOM   23   O  OE1   . GLU A 1 4   ? -1.953  -3.237  18.118  1    52.18  ? 3   GLU A OE1   1 
ATOM   24   O  OE2   . GLU A 1 4   ? -0.681  -3.120  16.315  1    51.93  ? 3   GLU A OE2   1 
ATOM   25   N  N     . TYR A 1 5   ? -5.023  -3.301  13.260  1    21.85  ? 4   TYR A N     1 
ATOM   26   C  CA    . TYR A 1 5   ? -4.695  -3.877  11.948  1    20.63  ? 4   TYR A CA    1 
ATOM   27   C  C     . TYR A 1 5   ? -3.316  -3.375  11.565  1    19.59  ? 4   TYR A C     1 
ATOM   28   O  O     . TYR A 1 5   ? -3.100  -2.163  11.497  1    19.76  ? 4   TYR A O     1 
ATOM   29   C  CB    . TYR A 1 5   ? -5.691  -3.449  10.862  1    20.21  ? 4   TYR A CB    1 
ATOM   30   C  CG    . TYR A 1 5   ? -7.064  -4.074  11.004  1    20.3   ? 4   TYR A CG    1 
ATOM   31   C  CD1   . TYR A 1 5   ? -7.426  -5.184  10.249  1    20.55  ? 4   TYR A CD1   1 
ATOM   32   C  CD2   . TYR A 1 5   ? -8.001  -3.548  11.880  1    20.8   ? 4   TYR A CD2   1 
ATOM   33   C  CE1   . TYR A 1 5   ? -8.691  -5.741  10.352  1    21.55  ? 4   TYR A CE1   1 
ATOM   34   C  CE2   . TYR A 1 5   ? -9.268  -4.108  12.002  1    21.25  ? 4   TYR A CE2   1 
ATOM   35   C  CZ    . TYR A 1 5   ? -9.604  -5.212  11.247  1    21.94  ? 4   TYR A CZ    1 
ATOM   36   O  OH    . TYR A 1 5   ? -10.850 -5.766  11.366  1    22.79  ? 4   TYR A OH    1 
ATOM   37   N  N     . LYS A 1 6   ? -2.392  -4.289  11.325  1    18.2   ? 5   LYS A N     1 
ATOM   38   C  CA    . LYS A 1 6   ? -1.038  -3.928  10.966  1    17.92  ? 5   LYS A CA    1 
ATOM   39   C  C     . LYS A 1 6   ? -0.895  -3.905  9.455   1    16.62  ? 5   LYS A C     1 
ATOM   40   O  O     . LYS A 1 6   ? -0.941  -4.945  8.806   1    15.98  ? 5   LYS A O     1 
ATOM   41   C  CB    . LYS A 1 6   ? -0.042  -4.881  11.635  1    20.62  ? 5   LYS A CB    1 
ATOM   42   C  CG    . LYS A 1 6   ? -0.157  -4.782  13.157  1    27.74  ? 5   LYS A CG    1 
ATOM   43   C  CD    . LYS A 1 6   ? 0.665   -5.853  13.857  1    35.99  ? 5   LYS A CD    1 
ATOM   44   C  CE    . LYS A 1 6   ? 1.575   -5.242  14.888  1    42.26  ? 5   LYS A CE    1 
ATOM   45   N  NZ    . LYS A 1 6   ? 2.370   -4.122  14.307  1    46.37  ? 5   LYS A NZ    1 
ATOM   46   N  N     . LEU A 1 7   ? -0.801  -2.704  8.897   1    15.71  ? 6   LEU A N     1 
ATOM   47   C  CA    . LEU A 1 7   ? -0.707  -2.499  7.466   1    15.78  ? 6   LEU A CA    1 
ATOM   48   C  C     . LEU A 1 7   ? 0.715   -2.119  7.100   1    16.7   ? 6   LEU A C     1 
ATOM   49   O  O     . LEU A 1 7   ? 1.396   -1.454  7.874   1    17.32  ? 6   LEU A O     1 
ATOM   50   C  CB    . LEU A 1 7   ? -1.685  -1.371  7.021   1    15.74  ? 6   LEU A CB    1 
ATOM   51   C  CG    . LEU A 1 7   ? -3.149  -1.488  7.541   1    17.3   ? 6   LEU A CG    1 
ATOM   52   C  CD1   . LEU A 1 7   ? -4.036  -0.409  6.950   1    17.41  ? 6   LEU A CD1   1 
ATOM   53   C  CD2   . LEU A 1 7   ? -3.736  -2.858  7.239   1    17.14  ? 6   LEU A CD2   1 
ATOM   54   N  N     . VAL A 1 8   ? 1.169   -2.515  5.910   1    16.66  ? 7   VAL A N     1 
ATOM   55   C  CA    . VAL A 1 8   ? 2.511   -2.168  5.437   1    16.1   ? 7   VAL A CA    1 
ATOM   56   C  C     . VAL A 1 8   ? 2.390   -1.629  4.031   1    16.03  ? 7   VAL A C     1 
ATOM   57   O  O     . VAL A 1 8   ? 1.742   -2.249  3.190   1    16.8   ? 7   VAL A O     1 
ATOM   58   C  CB    . VAL A 1 8   ? 3.477   -3.395  5.490   1    16.35  ? 7   VAL A CB    1 
ATOM   59   C  CG1   . VAL A 1 8   ? 4.873   -3.038  4.987   1    16.39  ? 7   VAL A CG1   1 
ATOM   60   C  CG2   . VAL A 1 8   ? 3.556   -3.980  6.900   1    16.81  ? 7   VAL A CG2   1 
ATOM   61   N  N     . VAL A 1 9   ? 3.010   -0.493  3.757   1    14.82  ? 8   VAL A N     1 
ATOM   62   C  CA    . VAL A 1 9   ? 2.981   0.116   2.433   1    14.53  ? 8   VAL A CA    1 
ATOM   63   C  C     . VAL A 1 9   ? 4.365   -0.091  1.795   1    15.64  ? 8   VAL A C     1 
ATOM   64   O  O     . VAL A 1 9   ? 5.389   0.319   2.370   1    16.16  ? 8   VAL A O     1 
ATOM   65   C  CB    . VAL A 1 9   ? 2.606   1.617   2.531   1    13.93  ? 8   VAL A CB    1 
ATOM   66   C  CG1   . VAL A 1 9   ? 2.446   2.234   1.134   1    13.71  ? 8   VAL A CG1   1 
ATOM   67   C  CG2   . VAL A 1 9   ? 1.322   1.818   3.368   1    13.48  ? 8   VAL A CG2   1 
ATOM   68   N  N     . VAL A 1 10  ? 4.405   -0.789  0.655   1    14.96  ? 9   VAL A N     1 
ATOM   69   C  CA    . VAL A 1 10  ? 5.652   -1.080  -0.063  1    15.92  ? 9   VAL A CA    1 
ATOM   70   C  C     . VAL A 1 10  ? 5.593   -0.609  -1.525  1    15.78  ? 9   VAL A C     1 
ATOM   71   O  O     . VAL A 1 10  ? 4.515   -0.379  -2.069  1    15.14  ? 9   VAL A O     1 
ATOM   72   C  CB    . VAL A 1 10  ? 5.995   -2.599  0.000   1    17.52  ? 9   VAL A CB    1 
ATOM   73   C  CG1   . VAL A 1 10  ? 6.054   -3.083  1.446   1    18.61  ? 9   VAL A CG1   1 
ATOM   74   C  CG2   . VAL A 1 10  ? 4.989   -3.409  -0.810  1    17.89  ? 9   VAL A CG2   1 
ATOM   75   N  N     . GLY A 1 11  ? 6.760   -0.516  -2.158  1    15.66  ? 10  GLY A N     1 
ATOM   76   C  CA    . GLY A 1 11  ? 6.843   -0.091  -3.537  1    16.16  ? 10  GLY A CA    1 
ATOM   77   C  C     . GLY A 1 11  ? 8.062   0.759   -3.785  1    16.68  ? 10  GLY A C     1 
ATOM   78   O  O     . GLY A 1 11  ? 8.717   1.221   -2.842  1    16.53  ? 10  GLY A O     1 
ATOM   79   N  N     . ALA A 1 12  ? 8.348   1.009   -5.073  1    16.88  ? 11  ALA A N     1 
ATOM   80   C  CA    . ALA A 1 12  ? 9.523   1.757   -5.478  1    16.94  ? 11  ALA A CA    1 
ATOM   81   C  C     . ALA A 1 12  ? 9.576   3.147   -4.868  1    18.43  ? 11  ALA A C     1 
ATOM   82   O  O     . ALA A 1 12  ? 8.560   3.758   -4.568  1    17.84  ? 11  ALA A O     1 
ATOM   83   C  CB    . ALA A 1 12  ? 9.596   1.841   -7.004  1    16.64  ? 11  ALA A CB    1 
ATOM   84   N  N     . CYS A 1 13  ? 10.782  3.664   -4.695  1    19.93  ? 12  CYS A N     1 
ATOM   85   C  CA    . CYS A 1 13  ? 11.002  5.006   -4.180  1    21.69  ? 12  CYS A CA    1 
ATOM   86   C  C     . CYS A 1 13  ? 10.339  6.036   -5.107  1    19.83  ? 12  CYS A C     1 
ATOM   87   O  O     . CYS A 1 13  ? 10.417  5.895   -6.318  1    19.31  ? 12  CYS A O     1 
ATOM   88   C  CB    . CYS A 1 13  ? 12.505  5.253   -4.057  1    26.26  ? 12  CYS A CB    1 
ATOM   89   S  SG    . CYS A 1 13  ? 12.941  6.945   -3.589  1    40.75  ? 12  CYS A SG    1 
ATOM   90   N  N     . GLY A 1 14  ? 9.602   6.973   -4.535  1    19.04  ? 13  GLY A N     1 
ATOM   91   C  CA    . GLY A 1 14  ? 8.940   8.029   -5.293  1    18.46  ? 13  GLY A CA    1 
ATOM   92   C  C     . GLY A 1 14  ? 7.528   7.774   -5.780  1    18     ? 13  GLY A C     1 
ATOM   93   O  O     . GLY A 1 14  ? 6.938   8.662   -6.391  1    18.27  ? 13  GLY A O     1 
ATOM   94   N  N     . VAL A 1 15  ? 6.956   6.584   -5.519  1    16.92  ? 14  VAL A N     1 
ATOM   95   C  CA    . VAL A 1 15  ? 5.600   6.278   -6.012  1    16.24  ? 14  VAL A CA    1 
ATOM   96   C  C     . VAL A 1 15  ? 4.488   6.975   -5.225  1    16.55  ? 14  VAL A C     1 
ATOM   97   O  O     . VAL A 1 15  ? 3.366   7.085   -5.730  1    16.19  ? 14  VAL A O     1 
ATOM   98   C  CB    . VAL A 1 15  ? 5.329   4.763   -6.109  1    15.08  ? 14  VAL A CB    1 
ATOM   99   C  CG1   . VAL A 1 15  ? 6.402   4.071   -6.932  1    14.97  ? 14  VAL A CG1   1 
ATOM   100  C  CG2   . VAL A 1 15  ? 5.221   4.142   -4.721  1    14.93  ? 14  VAL A CG2   1 
ATOM   101  N  N     . GLY A 1 16  ? 4.795   7.405   -3.992  1    16.55  ? 15  GLY A N     1 
ATOM   102  C  CA    . GLY A 1 16  ? 3.844   8.104   -3.148  1    15.99  ? 15  GLY A CA    1 
ATOM   103  C  C     . GLY A 1 16  ? 3.417   7.329   -1.922  1    16.3   ? 15  GLY A C     1 
ATOM   104  O  O     . GLY A 1 16  ? 2.321   7.551   -1.424  1    17.01  ? 15  GLY A O     1 
ATOM   105  N  N     . LYS A 1 17  ? 4.263   6.420   -1.423  1    15.68  ? 16  LYS A N     1 
ATOM   106  C  CA    . LYS A 1 17  ? 3.958   5.655   -0.199  1    15.72  ? 16  LYS A CA    1 
ATOM   107  C  C     . LYS A 1 17  ? 3.704   6.598   1.001   1    15.58  ? 16  LYS A C     1 
ATOM   108  O  O     . LYS A 1 17  ? 2.717   6.434   1.723   1    15.35  ? 16  LYS A O     1 
ATOM   109  C  CB    . LYS A 1 17  ? 5.104   4.698   0.140   1    15.78  ? 16  LYS A CB    1 
ATOM   110  C  CG    . LYS A 1 17  ? 5.333   3.612   -0.919  1    18.54  ? 16  LYS A CG    1 
ATOM   111  C  CD    . LYS A 1 17  ? 6.400   2.621   -0.452  1    19.37  ? 16  LYS A CD    1 
ATOM   112  C  CE    . LYS A 1 17  ? 7.779   3.210   -0.294  1    21.43  ? 16  LYS A CE    1 
ATOM   113  N  NZ    . LYS A 1 17  ? 8.264   3.857   -1.545  1    22.81  ? 16  LYS A NZ    1 
ATOM   114  N  N     . SER A 1 18  ? 4.591   7.572   1.198   1    15.78  ? 17  SER A N     1 
ATOM   115  C  CA    . SER A 1 18  ? 4.510   8.531   2.309   1    16.73  ? 17  SER A CA    1 
ATOM   116  C  C     . SER A 1 18  ? 3.348   9.468   2.115   1    17.42  ? 17  SER A C     1 
ATOM   117  O  O     . SER A 1 18  ? 2.631   9.749   3.066   1    17.63  ? 17  SER A O     1 
ATOM   118  C  CB    . SER A 1 18  ? 5.804   9.342   2.408   1    16.84  ? 17  SER A CB    1 
ATOM   119  O  OG    . SER A 1 18  ? 6.895   8.497   2.744   1    17.93  ? 17  SER A OG    1 
ATOM   120  N  N     . ALA A 1 19  ? 3.141   9.944   0.872   1    16.78  ? 18  ALA A N     1 
ATOM   121  C  CA    . ALA A 1 19  ? 2.054   10.870  0.597   1    16.51  ? 18  ALA A CA    1 
ATOM   122  C  C     . ALA A 1 19  ? 0.692   10.212  0.778   1    16.28  ? 18  ALA A C     1 
ATOM   123  O  O     . ALA A 1 19  ? -0.253  10.876  1.207   1    16.75  ? 18  ALA A O     1 
ATOM   124  C  CB    . ALA A 1 19  ? 2.189   11.468  -0.790  1    16.53  ? 18  ALA A CB    1 
ATOM   125  N  N     . LEU A 1 20  ? 0.579   8.928   0.440   1    15.67  ? 19  LEU A N     1 
ATOM   126  C  CA    . LEU A 1 20  ? -0.677  8.205   0.612   1    15.41  ? 19  LEU A CA    1 
ATOM   127  C  C     . LEU A 1 20  ? -0.972  8.041   2.107   1    15.4   ? 19  LEU A C     1 
ATOM   128  O  O     . LEU A 1 20  ? -2.097  8.244   2.532   1    15.4   ? 19  LEU A O     1 
ATOM   129  C  CB    . LEU A 1 20  ? -0.578  6.817   -0.041  1    14.94  ? 19  LEU A CB    1 
ATOM   130  C  CG    . LEU A 1 20  ? -0.837  6.793   -1.554  1    14.94  ? 19  LEU A CG    1 
ATOM   131  C  CD1   . LEU A 1 20  ? -0.437  5.418   -2.138  1    15.13  ? 19  LEU A CD1   1 
ATOM   132  C  CD2   . LEU A 1 20  ? -2.302  7.125   -1.842  1    13.81  ? 19  LEU A CD2   1 
ATOM   133  N  N     . THR A 1 21  ? 0.040   7.667   2.891   1    16.38  ? 20  THR A N     1 
ATOM   134  C  CA    . THR A 1 21  ? -0.126  7.482   4.327   1    17.76  ? 20  THR A CA    1 
ATOM   135  C  C     . THR A 1 21  ? -0.485  8.781   5.024   1    18.35  ? 20  THR A C     1 
ATOM   136  O  O     . THR A 1 21  ? -1.415  8.798   5.832   1    18.98  ? 20  THR A O     1 
ATOM   137  C  CB    . THR A 1 21  ? 1.128   6.852   4.926   1    19.85  ? 20  THR A CB    1 
ATOM   138  O  OG1   . THR A 1 21  ? 1.391   5.639   4.234   1    20.75  ? 20  THR A OG1   1 
ATOM   139  C  CG2   . THR A 1 21  ? 0.975   6.569   6.448   1    20.37  ? 20  THR A CG2   1 
ATOM   140  N  N     . ILE A 1 22  ? 0.220   9.872   4.693   1    18.85  ? 21  ILE A N     1 
ATOM   141  C  CA    . ILE A 1 22  ? -0.011  11.191  5.286   1    20.54  ? 21  ILE A CA    1 
ATOM   142  C  C     . ILE A 1 22  ? -1.340  11.780  4.846   1    20.97  ? 21  ILE A C     1 
ATOM   143  O  O     . ILE A 1 22  ? -2.009  12.423  5.649   1    21     ? 21  ILE A O     1 
ATOM   144  C  CB    . ILE A 1 22  ? 1.189   12.143  5.050   1    22.17  ? 21  ILE A CB    1 
ATOM   145  C  CG1   . ILE A 1 22  ? 2.431   11.598  5.771   1    23.78  ? 21  ILE A CG1   1 
ATOM   146  C  CG2   . ILE A 1 22  ? 0.883   13.587  5.514   1    22.31  ? 21  ILE A CG2   1 
ATOM   147  C  CD1   . ILE A 1 22  ? 3.677   12.247  5.354   1    25.77  ? 21  ILE A CD1   1 
ATOM   148  N  N     . GLN A 1 23  ? -1.782  11.498  3.603   1    21.15  ? 22  GLN A N     1 
ATOM   149  C  CA    . GLN A 1 23  ? -3.095  11.960  3.150   1    21.61  ? 22  GLN A CA    1 
ATOM   150  C  C     . GLN A 1 23  ? -4.157  11.215  3.965   1    23.36  ? 22  GLN A C     1 
ATOM   151  O  O     . GLN A 1 23  ? -5.050  11.857  4.512   1    24.63  ? 22  GLN A O     1 
ATOM   152  C  CB    . GLN A 1 23  ? -3.272  11.717  1.633   1    21.71  ? 22  GLN A CB    1 
ATOM   153  C  CG    . GLN A 1 23  ? -4.614  12.087  1.038   1    22.81  ? 22  GLN A CG    1 
ATOM   154  C  CD    . GLN A 1 23  ? -5.007  13.538  1.242   1    24.32  ? 22  GLN A CD    1 
ATOM   155  O  OE1   . GLN A 1 23  ? -5.873  13.840  2.059   1    26.01  ? 22  GLN A OE1   1 
ATOM   156  N  NE2   . GLN A 1 23  ? -4.396  14.467  0.507   1    21.32  ? 22  GLN A NE2   1 
ATOM   157  N  N     . LEU A 1 24  ? -4.015  9.893   4.136   1    23.18  ? 23  LEU A N     1 
ATOM   158  C  CA    . LEU A 1 24  ? -4.999  9.130   4.917   1    24.32  ? 23  LEU A CA    1 
ATOM   159  C  C     . LEU A 1 24  ? -5.119  9.649   6.367   1    26.66  ? 23  LEU A C     1 
ATOM   160  O  O     . LEU A 1 24  ? -6.230  9.847   6.872   1    27     ? 23  LEU A O     1 
ATOM   161  C  CB    . LEU A 1 24  ? -4.672  7.623   4.920   1    23.61  ? 23  LEU A CB    1 
ATOM   162  C  CG    . LEU A 1 24  ? -5.611  6.771   5.771   1    24.71  ? 23  LEU A CG    1 
ATOM   163  C  CD1   . LEU A 1 24  ? -6.905  6.480   5.034   1    24.64  ? 23  LEU A CD1   1 
ATOM   164  C  CD2   . LEU A 1 24  ? -4.934  5.522   6.256   1    25.01  ? 23  LEU A CD2   1 
ATOM   165  N  N     . ILE A 1 25  ? -3.983  9.855   7.030   1    28.12  ? 24  ILE A N     1 
ATOM   166  C  CA    . ILE A 1 25  ? -3.979  10.259  8.428   1    30.6   ? 24  ILE A CA    1 
ATOM   167  C  C     . ILE A 1 25  ? -4.241  11.757  8.658   1    32.22  ? 24  ILE A C     1 
ATOM   168  O  O     . ILE A 1 25  ? -5.118  12.086  9.461   1    32.75  ? 24  ILE A O     1 
ATOM   169  C  CB    . ILE A 1 25  ? -2.677  9.776   9.080   1    31.89  ? 24  ILE A CB    1 
ATOM   170  C  CG1   . ILE A 1 25  ? -2.652  8.238   9.048   1    33.06  ? 24  ILE A CG1   1 
ATOM   171  C  CG2   . ILE A 1 25  ? -2.551  10.292  10.511  1    32.83  ? 24  ILE A CG2   1 
ATOM   172  C  CD1   . ILE A 1 25  ? -1.394  7.636   9.454   1    34.54  ? 24  ILE A CD1   1 
ATOM   173  N  N     . GLN A 1 26  ? -3.530  12.658  7.960   1    32.69  ? 25  GLN A N     1 
ATOM   174  C  CA    . GLN A 1 26  ? -3.693  14.104  8.158   1    33.5   ? 25  GLN A CA    1 
ATOM   175  C  C     . GLN A 1 26  ? -4.560  14.844  7.172   1    33.96  ? 25  GLN A C     1 
ATOM   176  O  O     . GLN A 1 26  ? -4.631  16.067  7.294   1    34.9   ? 25  GLN A O     1 
ATOM   177  C  CB    . GLN A 1 26  ? -2.347  14.834  8.203   1    36.11  ? 25  GLN A CB    1 
ATOM   178  C  CG    . GLN A 1 26  ? -1.678  14.821  9.567   1    41.37  ? 25  GLN A CG    1 
ATOM   179  C  CD    . GLN A 1 26  ? -0.958  13.535  9.826   1    47.44  ? 25  GLN A CD    1 
ATOM   180  O  OE1   . GLN A 1 26  ? -0.524  12.839  8.895   1    50.18  ? 25  GLN A OE1   1 
ATOM   181  N  NE2   . GLN A 1 26  ? -0.788  13.195  11.106  1    47.57  ? 25  GLN A NE2   1 
ATOM   182  N  N     . ASN A 1 27  ? -5.176  14.186  6.181   1    33.01  ? 26  ASN A N     1 
ATOM   183  C  CA    . ASN A 1 27  ? -6.010  14.904  5.197   1    32.93  ? 26  ASN A CA    1 
ATOM   184  C  C     . ASN A 1 27  ? -5.244  16.029  4.494   1    31.32  ? 26  ASN A C     1 
ATOM   185  O  O     . ASN A 1 27  ? -5.800  17.096  4.242   1    31.83  ? 26  ASN A O     1 
ATOM   186  C  CB    . ASN A 1 27  ? -7.287  15.441  5.852   1    35.32  ? 26  ASN A CB    1 
ATOM   187  C  CG    . ASN A 1 27  ? -8.275  14.356  6.191   1    40.8   ? 26  ASN A CG    1 
ATOM   188  O  OD1   . ASN A 1 27  ? -9.186  14.057  5.403   1    43.54  ? 26  ASN A OD1   1 
ATOM   189  N  ND2   . ASN A 1 27  ? -8.100  13.717  7.348   1    40.4   ? 26  ASN A ND2   1 
ATOM   190  N  N     . HIS A 1 28  ? -3.954  15.792  4.238   1    29.27  ? 27  HIS A N     1 
ATOM   191  C  CA    . HIS A 1 28  ? -3.053  16.752  3.634   1    27.99  ? 27  HIS A CA    1 
ATOM   192  C  C     . HIS A 1 28  ? -2.082  16.085  2.633   1    25.75  ? 27  HIS A C     1 
ATOM   193  O  O     . HIS A 1 28  ? -1.518  15.027  2.907   1    25.52  ? 27  HIS A O     1 
ATOM   194  C  CB    . HIS A 1 28  ? -2.261  17.463  4.754   1    28.36  ? 27  HIS A CB    1 
ATOM   195  C  CG    . HIS A 1 28  ? -1.136  18.322  4.270   1    30.37  ? 27  HIS A CG    1 
ATOM   196  N  ND1   . HIS A 1 28  ? -1.372  19.491  3.563   1    32.22  ? 27  HIS A ND1   1 
ATOM   197  C  CD2   . HIS A 1 28  ? 0.199   18.141  4.385   1    31.22  ? 27  HIS A CD2   1 
ATOM   198  C  CE1   . HIS A 1 28  ? -0.177  19.968  3.257   1    32.59  ? 27  HIS A CE1   1 
ATOM   199  N  NE2   . HIS A 1 28  ? 0.796   19.203  3.746   1    32.29  ? 27  HIS A NE2   1 
ATOM   200  N  N     . PHE A 1 29  ? -1.841  16.752  1.518   1    24.56  ? 28  PHE A N     1 
ATOM   201  C  CA    . PHE A 1 29  ? -0.910  16.279  0.505   1    24.23  ? 28  PHE A CA    1 
ATOM   202  C  C     . PHE A 1 29  ? 0.479   16.887  0.699   1    25.63  ? 28  PHE A C     1 
ATOM   203  O  O     . PHE A 1 29  ? 0.603   18.098  0.691   1    25.61  ? 28  PHE A O     1 
ATOM   204  C  CB    . PHE A 1 29  ? -1.436  16.616  -0.895  1    23.07  ? 28  PHE A CB    1 
ATOM   205  C  CG    . PHE A 1 29  ? -0.473  16.292  -2.015  1    22.65  ? 28  PHE A CG    1 
ATOM   206  C  CD1   . PHE A 1 29  ? -0.027  14.997  -2.215  1    23.14  ? 28  PHE A CD1   1 
ATOM   207  C  CD2   . PHE A 1 29  ? -0.014  17.283  -2.865  1    23.21  ? 28  PHE A CD2   1 
ATOM   208  C  CE1   . PHE A 1 29  ? 0.833   14.692  -3.265  1    23.4   ? 28  PHE A CE1   1 
ATOM   209  C  CE2   . PHE A 1 29  ? 0.852   16.977  -3.909  1    23.77  ? 28  PHE A CE2   1 
ATOM   210  C  CZ    . PHE A 1 29  ? 1.267   15.683  -4.104  1    23.37  ? 28  PHE A CZ    1 
ATOM   211  N  N     . VAL A 1 30  ? 1.523   16.059  0.814   1    26.96  ? 29  VAL A N     1 
ATOM   212  C  CA    . VAL A 1 30  ? 2.888   16.564  0.922   1    29.19  ? 29  VAL A CA    1 
ATOM   213  C  C     . VAL A 1 30  ? 3.580   16.633  -0.468  1    31.22  ? 29  VAL A C     1 
ATOM   214  O  O     . VAL A 1 30  ? 3.634   15.631  -1.187  1    30.96  ? 29  VAL A O     1 
ATOM   215  C  CB    . VAL A 1 30  ? 3.737   15.791  1.962   1    30.39  ? 29  VAL A CB    1 
ATOM   216  C  CG1   . VAL A 1 30  ? 3.122   15.895  3.358   1    30.95  ? 29  VAL A CG1   1 
ATOM   217  C  CG2   . VAL A 1 30  ? 3.923   14.323  1.565   1    31.12  ? 29  VAL A CG2   1 
ATOM   218  N  N     . ASP A 1 31  ? 4.081   17.822  -0.847  1    32.67  ? 30  ASP A N     1 
ATOM   219  C  CA    . ASP A 1 31  ? 4.854   18.019  -2.091  1    34.72  ? 30  ASP A CA    1 
ATOM   220  C  C     . ASP A 1 31  ? 6.221   17.307  -2.038  1    35.6   ? 30  ASP A C     1 
ATOM   221  O  O     . ASP A 1 31  ? 6.834   17.049  -3.076  1    35.74  ? 30  ASP A O     1 
ATOM   222  C  CB    . ASP A 1 31  ? 5.079   19.509  -2.366  1    38.05  ? 30  ASP A CB    1 
ATOM   223  C  CG    . ASP A 1 31  ? 3.833   20.231  -2.812  1    46.7   ? 30  ASP A CG    1 
ATOM   224  O  OD1   . ASP A 1 31  ? 2.961   19.582  -3.428  1    48.67  ? 30  ASP A OD1   1 
ATOM   225  O  OD2   . ASP A 1 31  ? 3.731   21.451  -2.558  1    50.42  ? 30  ASP A OD2   1 
ATOM   226  N  N     . GLU A 1 32  ? 6.721   17.034  -0.829  1    36     ? 31  GLU A N     1 
ATOM   227  C  CA    . GLU A 1 32  ? 7.968   16.324  -0.600  1    36.87  ? 31  GLU A CA    1 
ATOM   228  C  C     . GLU A 1 32  ? 7.953   15.705  0.782   1    36.29  ? 31  GLU A C     1 
ATOM   229  O  O     . GLU A 1 32  ? 7.306   16.217  1.706   1    37.39  ? 31  GLU A O     1 
ATOM   230  C  CB    . GLU A 1 32  ? 9.216   17.226  -0.773  1    41.29  ? 31  GLU A CB    1 
ATOM   231  C  CG    . GLU A 1 32  ? 9.073   18.649  -0.256  1    48.71  ? 31  GLU A CG    1 
ATOM   232  C  CD    . GLU A 1 32  ? 9.378   19.695  -1.314  1    58.16  ? 31  GLU A CD    1 
ATOM   233  O  OE1   . GLU A 1 32  ? 10.279  20.537  -1.086  1    60.75  ? 31  GLU A OE1   1 
ATOM   234  O  OE2   . GLU A 1 32  ? 8.721   19.662  -2.381  1    59.97  ? 31  GLU A OE2   1 
ATOM   235  N  N     . TYR A 1 33  ? 8.633   14.586  0.919   1    34.32  ? 32  TYR A N     1 
ATOM   236  C  CA    . TYR A 1 33  ? 8.762   13.917  2.197   1    33.44  ? 32  TYR A CA    1 
ATOM   237  C  C     . TYR A 1 33  ? 10.046  13.148  2.122   1    33.4   ? 32  TYR A C     1 
ATOM   238  O  O     . TYR A 1 33  ? 10.236  12.381  1.173   1    33.85  ? 32  TYR A O     1 
ATOM   239  C  CB    . TYR A 1 33  ? 7.580   12.967  2.495   1    32.6   ? 32  TYR A CB    1 
ATOM   240  C  CG    . TYR A 1 33  ? 7.662   12.376  3.889   1    32.14  ? 32  TYR A CG    1 
ATOM   241  C  CD1   . TYR A 1 33  ? 7.187   13.073  4.991   1    32.76  ? 32  TYR A CD1   1 
ATOM   242  C  CD2   . TYR A 1 33  ? 8.271   11.149  4.113   1    32.53  ? 32  TYR A CD2   1 
ATOM   243  C  CE1   . TYR A 1 33  ? 7.272   12.542  6.274   1    33.43  ? 32  TYR A CE1   1 
ATOM   244  C  CE2   . TYR A 1 33  ? 8.377   10.614  5.392   1    33.49  ? 32  TYR A CE2   1 
ATOM   245  C  CZ    . TYR A 1 33  ? 7.895   11.326  6.476   1    34.47  ? 32  TYR A CZ    1 
ATOM   246  O  OH    . TYR A 1 33  ? 7.993   10.807  7.747   1    35.53  ? 32  TYR A OH    1 
ATOM   247  N  N     . ASP A 1 34  ? 10.921  13.294  3.130   1    32.75  ? 33  ASP A N     1 
ATOM   248  C  CA    . ASP A 1 34  ? 12.219  12.597  3.212   1    32.47  ? 33  ASP A CA    1 
ATOM   249  C  C     . ASP A 1 34  ? 12.148  11.133  2.726   1    32.24  ? 33  ASP A C     1 
ATOM   250  O  O     . ASP A 1 34  ? 11.448  10.320  3.323   1    32.8   ? 33  ASP A O     1 
ATOM   251  C  CB    . ASP A 1 34  ? 12.786  12.682  4.644   1    32.74  ? 33  ASP A CB    1 
ATOM   252  C  CG    . ASP A 1 34  ? 14.224  12.216  4.824   1    36.02  ? 33  ASP A CG    1 
ATOM   253  O  OD1   . ASP A 1 34  ? 14.637  11.272  4.123   1    35.58  ? 33  ASP A OD1   1 
ATOM   254  O  OD2   . ASP A 1 34  ? 14.927  12.778  5.694   1    38.94  ? 33  ASP A OD2   1 
ATOM   255  N  N     . PRO A 1 35  ? 12.786  10.843  1.584   1    31.28  ? 34  PRO A N     1 
ATOM   256  C  CA    . PRO A 1 35  ? 12.707  9.488   1.006   1    30.57  ? 34  PRO A CA    1 
ATOM   257  C  C     . PRO A 1 35  ? 13.263  8.363   1.862   1    29.62  ? 34  PRO A C     1 
ATOM   258  O  O     . PRO A 1 35  ? 12.898  7.211   1.660   1    28.79  ? 34  PRO A O     1 
ATOM   259  C  CB    . PRO A 1 35  ? 13.523  9.604   -0.292  1    31.58  ? 34  PRO A CB    1 
ATOM   260  C  CG    . PRO A 1 35  ? 13.582  11.077  -0.597  1    32.54  ? 34  PRO A CG    1 
ATOM   261  C  CD    . PRO A 1 35  ? 13.585  11.754  0.737   1    30.99  ? 34  PRO A CD    1 
ATOM   262  N  N     . THR A 1 36  ? 14.139  8.685   2.811   1    29.33  ? 35  THR A N     1 
ATOM   263  C  CA    . THR A 1 36  ? 14.764  7.676   3.657   1    29.71  ? 35  THR A CA    1 
ATOM   264  C  C     . THR A 1 36  ? 14.012  7.400   4.956   1    30.46  ? 35  THR A C     1 
ATOM   265  O  O     . THR A 1 36  ? 14.344  6.421   5.621   1    31.24  ? 35  THR A O     1 
ATOM   266  C  CB    . THR A 1 36  ? 16.223  8.089   3.955   1    30.2   ? 35  THR A CB    1 
ATOM   267  O  OG1   . THR A 1 36  ? 16.204  9.263   4.770   1    29.88  ? 35  THR A OG1   1 
ATOM   268  C  CG2   . THR A 1 36  ? 17.020  8.349   2.680   1    30.26  ? 35  THR A CG2   1 
ATOM   269  N  N     . ILE A 1 37  ? 13.030  8.242   5.340   1    30.27  ? 36  ILE A N     1 
ATOM   270  C  CA    . ILE A 1 37  ? 12.320  8.026   6.602   1    30.59  ? 36  ILE A CA    1 
ATOM   271  C  C     . ILE A 1 37  ? 11.287  6.874   6.538   1    29.74  ? 36  ILE A C     1 
ATOM   272  O  O     . ILE A 1 37  ? 10.334  6.897   5.751   1    29.09  ? 36  ILE A O     1 
ATOM   273  C  CB    . ILE A 1 37  ? 11.686  9.322   7.181   1    32     ? 36  ILE A CB    1 
ATOM   274  C  CG1   . ILE A 1 37  ? 12.772  10.372  7.529   1    33.56  ? 36  ILE A CG1   1 
ATOM   275  C  CG2   . ILE A 1 37  ? 10.830  9.016   8.415   1    32.43  ? 36  ILE A CG2   1 
ATOM   276  C  CD1   . ILE A 1 37  ? 12.199  11.762  8.051   1    34.52  ? 36  ILE A CD1   1 
ATOM   277  N  N     . GLU A 1 38  ? 11.471  5.900   7.447   1    28.97  ? 37  GLU A N     1 
ATOM   278  C  CA    . GLU A 1 38  ? 10.579  4.783   7.645   1    28.17  ? 37  GLU A CA    1 
ATOM   279  C  C     . GLU A 1 38  ? 10.050  4.881   9.074   1    28.53  ? 37  GLU A C     1 
ATOM   280  O  O     . GLU A 1 38  ? 10.823  4.925   10.033  1    28.74  ? 37  GLU A O     1 
ATOM   281  C  CB    . GLU A 1 38  ? 11.301  3.455   7.439   1    28.92  ? 37  GLU A CB    1 
ATOM   282  C  CG    . GLU A 1 38  ? 10.447  2.260   7.821   1    31.13  ? 37  GLU A CG    1 
ATOM   283  C  CD    . GLU A 1 38  ? 10.819  0.952   7.161   1    34.88  ? 37  GLU A CD    1 
ATOM   284  O  OE1   . GLU A 1 38  ? 11.514  0.978   6.119   1    33.75  ? 37  GLU A OE1   1 
ATOM   285  O  OE2   . GLU A 1 38  ? 10.400  -0.107  7.681   1    36.46  ? 37  GLU A OE2   1 
ATOM   286  N  N     . ASP A 1 39  ? 8.737   4.916   9.211   1    27.73  ? 38  ASP A N     1 
ATOM   287  C  CA    . ASP A 1 39  ? 8.099   4.970   10.517  1    27.55  ? 38  ASP A CA    1 
ATOM   288  C  C     . ASP A 1 39  ? 6.713   4.347   10.402  1    27.89  ? 38  ASP A C     1 
ATOM   289  O  O     . ASP A 1 39  ? 6.178   4.175   9.290   1    27.33  ? 38  ASP A O     1 
ATOM   290  C  CB    . ASP A 1 39  ? 7.989   6.433   10.974  1    28.42  ? 38  ASP A CB    1 
ATOM   291  C  CG    . ASP A 1 39  ? 7.971   6.656   12.471  1    31.31  ? 38  ASP A CG    1 
ATOM   292  O  OD1   . ASP A 1 39  ? 7.952   5.658   13.219  1    30.58  ? 38  ASP A OD1   1 
ATOM   293  O  OD2   . ASP A 1 39  ? 7.958   7.835   12.893  1    33.7   ? 38  ASP A OD2   1 
ATOM   294  N  N     . SER A 1 40  ? 6.154   3.951   11.543  1    28.23  ? 39  SER A N     1 
ATOM   295  C  CA    . SER A 1 40  ? 4.806   3.438   11.581  1    28.83  ? 39  SER A CA    1 
ATOM   296  C  C     . SER A 1 40  ? 3.921   4.505   12.219  1    29.15  ? 39  SER A C     1 
ATOM   297  O  O     . SER A 1 40  ? 4.318   5.175   13.183  1    29.86  ? 39  SER A O     1 
ATOM   298  C  CB    . SER A 1 40  ? 4.713   2.088   12.287  1    31.16  ? 39  SER A CB    1 
ATOM   299  O  OG    . SER A 1 40  ? 4.864   2.201   13.689  1    34.79  ? 39  SER A OG    1 
ATOM   300  N  N     . TYR A 1 41  ? 2.757   4.723   11.608  1    28.07  ? 40  TYR A N     1 
ATOM   301  C  CA    . TYR A 1 41  ? 1.793   5.726   12.022  1    28.14  ? 40  TYR A CA    1 
ATOM   302  C  C     . TYR A 1 41  ? 0.505   5.084   12.463  1    28.28  ? 40  TYR A C     1 
ATOM   303  O  O     . TYR A 1 41  ? 0.157   3.996   12.005  1    27.61  ? 40  TYR A O     1 
ATOM   304  C  CB    . TYR A 1 41  ? 1.566   6.768   10.921  1    28.08  ? 40  TYR A CB    1 
ATOM   305  C  CG    . TYR A 1 41  ? 2.865   7.387   10.465  1    29.53  ? 40  TYR A CG    1 
ATOM   306  C  CD1   . TYR A 1 41  ? 3.561   6.867   9.380   1    30.59  ? 40  TYR A CD1   1 
ATOM   307  C  CD2   . TYR A 1 41  ? 3.462   8.409   11.192  1    30.8   ? 40  TYR A CD2   1 
ATOM   308  C  CE1   . TYR A 1 41  ? 4.800   7.369   9.012   1    31.76  ? 40  TYR A CE1   1 
ATOM   309  C  CE2   . TYR A 1 41  ? 4.702   8.922   10.831  1    32     ? 40  TYR A CE2   1 
ATOM   310  C  CZ    . TYR A 1 41  ? 5.357   8.419   9.724   1    33.31  ? 40  TYR A CZ    1 
ATOM   311  O  OH    . TYR A 1 41  ? 6.603   8.903   9.372   1    35.56  ? 40  TYR A OH    1 
ATOM   312  N  N     . ARG A 1 42  ? -0.182  5.737   13.396  1    28.61  ? 41  ARG A N     1 
ATOM   313  C  CA    . ARG A 1 42  ? -1.393  5.201   13.972  1    29.8   ? 41  ARG A CA    1 
ATOM   314  C  C     . ARG A 1 42  ? -2.586  6.028   13.586  1    29.65  ? 41  ARG A C     1 
ATOM   315  O  O     . ARG A 1 42  ? -2.514  7.260   13.581  1    29.79  ? 41  ARG A O     1 
ATOM   316  C  CB    . ARG A 1 42  ? -1.269  5.166   15.504  1    32.89  ? 41  ARG A CB    1 
ATOM   317  C  CG    . ARG A 1 42  ? -0.612  3.893   16.013  1    39.96  ? 41  ARG A CG    1 
ATOM   318  C  CD    . ARG A 1 42  ? 0.393   4.161   17.128  1    45.99  ? 41  ARG A CD    1 
ATOM   319  N  NE    . ARG A 1 42  ? 1.226   2.988   17.423  1    51.36  ? 41  ARG A NE    1 
ATOM   320  C  CZ    . ARG A 1 42  ? 2.304   2.636   16.725  1    54.89  ? 41  ARG A CZ    1 
ATOM   321  N  NH1   . ARG A 1 42  ? 2.678   3.344   15.666  1    55.41  ? 41  ARG A NH1   1 
ATOM   322  N  NH2   . ARG A 1 42  ? 2.996   1.553   17.059  1    55.09  ? 41  ARG A NH2   1 
ATOM   323  N  N     . LYS A 1 43  ? -3.704  5.361   13.302  1    29.19  ? 42  LYS A N     1 
ATOM   324  C  CA    . LYS A 1 43  ? -4.939  6.062   12.972  1    28.94  ? 42  LYS A CA    1 
ATOM   325  C  C     . LYS A 1 43  ? -6.138  5.266   13.450  1    27.94  ? 42  LYS A C     1 
ATOM   326  O  O     . LYS A 1 43  ? -6.287  4.108   13.082  1    27.17  ? 42  LYS A O     1 
ATOM   327  C  CB    . LYS A 1 43  ? -5.052  6.310   11.465  1    31.32  ? 42  LYS A CB    1 
ATOM   328  C  CG    . LYS A 1 43  ? -6.284  7.132   11.086  1    36.23  ? 42  LYS A CG    1 
ATOM   329  C  CD    . LYS A 1 43  ? -6.459  7.178   9.586   1    42.09  ? 42  LYS A CD    1 
ATOM   330  C  CE    . LYS A 1 43  ? -7.794  7.741   9.163   1    46.67  ? 42  LYS A CE    1 
ATOM   331  N  NZ    . LYS A 1 43  ? -7.886  9.204   9.387   1    49.57  ? 42  LYS A NZ    1 
ATOM   332  N  N     . GLN A 1 44  ? -7.005  5.894   14.254  1    27.51  ? 43  GLN A N     1 
ATOM   333  C  CA    . GLN A 1 44  ? -8.231  5.272   14.726  1    27.21  ? 43  GLN A CA    1 
ATOM   334  C  C     . GLN A 1 44  ? -9.341  5.672   13.754  1    26.79  ? 43  GLN A C     1 
ATOM   335  O  O     . GLN A 1 44  ? -9.537  6.859   13.487  1    26.51  ? 43  GLN A O     1 
ATOM   336  C  CB    . GLN A 1 44  ? -8.559  5.754   16.141  1    28.65  ? 43  GLN A CB    1 
ATOM   337  C  CG    . GLN A 1 44  ? -9.709  5.009   16.767  1    33.16  ? 43  GLN A CG    1 
ATOM   338  C  CD    . GLN A 1 44  ? -9.941  5.488   18.176  1    39.23  ? 43  GLN A CD    1 
ATOM   339  O  OE1   . GLN A 1 44  ? -9.172  5.179   19.094  1    41.4   ? 43  GLN A OE1   1 
ATOM   340  N  NE2   . GLN A 1 44  ? -11.004 6.252   18.370  1    38.72  ? 43  GLN A NE2   1 
ATOM   341  N  N     . VAL A 1 45  ? -10.048 4.685   13.198  1    26.3   ? 44  VAL A N     1 
ATOM   342  C  CA    . VAL A 1 45  ? -11.097 4.962   12.216  1    25.91  ? 44  VAL A CA    1 
ATOM   343  C  C     . VAL A 1 45  ? -12.166 3.882   12.262  1    24.6   ? 44  VAL A C     1 
ATOM   344  O  O     . VAL A 1 45  ? -11.886 2.738   12.619  1    25.23  ? 44  VAL A O     1 
ATOM   345  C  CB    . VAL A 1 45  ? -10.480 5.100   10.793  1    27.71  ? 44  VAL A CB    1 
ATOM   346  C  CG1   . VAL A 1 45  ? -9.838  3.796   10.337  1    28.61  ? 44  VAL A CG1   1 
ATOM   347  C  CG2   . VAL A 1 45  ? -11.507 5.590   9.785   1    28.22  ? 44  VAL A CG2   1 
ATOM   348  N  N     . VAL A 1 46  ? -13.406 4.247   11.951  1    22.73  ? 45  VAL A N     1 
ATOM   349  C  CA    . VAL A 1 46  ? -14.493 3.288   11.931  1    21.5   ? 45  VAL A CA    1 
ATOM   350  C  C     . VAL A 1 46  ? -14.633 2.752   10.504  1    20.2   ? 45  VAL A C     1 
ATOM   351  O  O     . VAL A 1 46  ? -14.747 3.527   9.558   1    20.07  ? 45  VAL A O     1 
ATOM   352  C  CB    . VAL A 1 46  ? -15.775 3.930   12.480  1    22.24  ? 45  VAL A CB    1 
ATOM   353  C  CG1   . VAL A 1 46  ? -16.959 2.961   12.402  1    22.65  ? 45  VAL A CG1   1 
ATOM   354  C  CG2   . VAL A 1 46  ? -15.545 4.418   13.912  1    22.41  ? 45  VAL A CG2   1 
ATOM   355  N  N     . ILE A 1 47  ? -14.483 1.445   10.340  1    19.35  ? 46  ILE A N     1 
ATOM   356  C  CA    . ILE A 1 47  ? -14.595 0.790   9.031   1    18.87  ? 46  ILE A CA    1 
ATOM   357  C  C     . ILE A 1 47  ? -15.656 -0.290  9.164   1    18.22  ? 46  ILE A C     1 
ATOM   358  O  O     . ILE A 1 47  ? -15.485 -1.232  9.944   1    17.88  ? 46  ILE A O     1 
ATOM   359  C  CB    . ILE A 1 47  ? -13.239 0.194   8.584   1    18.97  ? 46  ILE A CB    1 
ATOM   360  C  CG1   . ILE A 1 47  ? -12.113 1.252   8.601   1    19.46  ? 46  ILE A CG1   1 
ATOM   361  C  CG2   . ILE A 1 47  ? -13.331 -0.500  7.221   1    19.23  ? 46  ILE A CG2   1 
ATOM   362  C  CD1   . ILE A 1 47  ? -10.710 0.599   8.452   1    19.74  ? 46  ILE A CD1   1 
ATOM   363  N  N     . ASP A 1 48  ? -16.773 -0.128  8.445   1    17.87  ? 47  ASP A N     1 
ATOM   364  C  CA    . ASP A 1 48  ? -17.920 -1.048  8.488   1    17.73  ? 47  ASP A CA    1 
ATOM   365  C  C     . ASP A 1 48  ? -18.441 -1.240  9.903   1    18.98  ? 47  ASP A C     1 
ATOM   366  O  O     . ASP A 1 48  ? -18.728 -2.358  10.311  1    19.44  ? 47  ASP A O     1 
ATOM   367  C  CB    . ASP A 1 48  ? -17.613 -2.389  7.801   1    16.4   ? 47  ASP A CB    1 
ATOM   368  C  CG    . ASP A 1 48  ? -16.988 -2.180  6.451   1    18.28  ? 47  ASP A CG    1 
ATOM   369  O  OD1   . ASP A 1 48  ? -17.555 -1.391  5.651   1    16.83  ? 47  ASP A OD1   1 
ATOM   370  O  OD2   . ASP A 1 48  ? -15.927 -2.777  6.196   1    18.23  ? 47  ASP A OD2   1 
ATOM   371  N  N     . GLY A 1 49  ? -18.501 -0.154  10.654  1    20.46  ? 48  GLY A N     1 
ATOM   372  C  CA    . GLY A 1 49  ? -19.008 -0.153  12.019  1    22.12  ? 48  GLY A CA    1 
ATOM   373  C  C     . GLY A 1 49  ? -18.056 -0.668  13.083  1    23.57  ? 48  GLY A C     1 
ATOM   374  O  O     . GLY A 1 49  ? -18.437 -0.744  14.247  1    24.47  ? 48  GLY A O     1 
ATOM   375  N  N     . GLU A 1 50  ? -16.814 -1.024  12.710  1    22.84  ? 49  GLU A N     1 
ATOM   376  C  CA    . GLU A 1 50  ? -15.839 -1.505  13.690  1    22.38  ? 49  GLU A CA    1 
ATOM   377  C  C     . GLU A 1 50  ? -14.813 -0.414  13.952  1    23.07  ? 49  GLU A C     1 
ATOM   378  O  O     . GLU A 1 50  ? -14.271 0.153   13.000  1    23.18  ? 49  GLU A O     1 
ATOM   379  C  CB    . GLU A 1 50  ? -15.161 -2.794  13.182  1    22.65  ? 49  GLU A CB    1 
ATOM   380  C  CG    . GLU A 1 50  ? -14.031 -3.306  14.062  1    24.58  ? 49  GLU A CG    1 
ATOM   381  C  CD    . GLU A 1 50  ? -13.179 -4.406  13.452  1    27.21  ? 49  GLU A CD    1 
ATOM   382  O  OE1   . GLU A 1 50  ? -13.390 -4.756  12.273  1    25.48  ? 49  GLU A OE1   1 
ATOM   383  O  OE2   . GLU A 1 50  ? -12.297 -4.929  14.164  1    29.58  ? 49  GLU A OE2   1 
ATOM   384  N  N     . THR A 1 51  ? -14.544 -0.102  15.231  1    23.6   ? 50  THR A N     1 
ATOM   385  C  CA    . THR A 1 51  ? -13.535 0.902   15.559  1    25.03  ? 50  THR A CA    1 
ATOM   386  C  C     . THR A 1 51  ? -12.204 0.202   15.438  1    25.81  ? 50  THR A C     1 
ATOM   387  O  O     . THR A 1 51  ? -11.981 -0.813  16.102  1    26.61  ? 50  THR A O     1 
ATOM   388  C  CB    . THR A 1 51  ? -13.753 1.547   16.936  1    26.68  ? 50  THR A CB    1 
ATOM   389  O  OG1   . THR A 1 51  ? -15.073 2.087   16.998  1    26.92  ? 50  THR A OG1   1 
ATOM   390  C  CG2   . THR A 1 51  ? -12.722 2.662   17.211  1    27.2   ? 50  THR A CG2   1 
ATOM   391  N  N     . CYS A 1 52  ? -11.388 0.642   14.481  1    25.17  ? 51  CYS A N     1 
ATOM   392  C  CA    . CYS A 1 52  ? -10.104 0.008   14.166  1    24.96  ? 51  CYS A CA    1 
ATOM   393  C  C     . CYS A 1 52  ? -8.956  0.910   14.517  1    24.06  ? 51  CYS A C     1 
ATOM   394  O  O     . CYS A 1 52  ? -9.042  2.116   14.328  1    24.68  ? 51  CYS A O     1 
ATOM   395  C  CB    . CYS A 1 52  ? -10.011 -0.309  12.672  1    24.9   ? 51  CYS A CB    1 
ATOM   396  S  SG    . CYS A 1 52  ? -11.374 -1.261  11.997  1    28.88  ? 51  CYS A SG    1 
ATOM   397  N  N     . LEU A 1 53  ? -7.847  0.314   14.921  1    22.7   ? 52  LEU A N     1 
ATOM   398  C  CA    A LEU A 1 53  ? -6.613  1.052   15.129  0.5  22.94  ? 52  LEU A CA    1 
ATOM   399  C  CA    B LEU A 1 53  ? -6.612  1.043   15.125  0.5  22.87  ? 52  LEU A CA    1 
ATOM   400  C  C     . LEU A 1 53  ? -5.720  0.575   14.001  1    22.45  ? 52  LEU A C     1 
ATOM   401  O  O     . LEU A 1 53  ? -5.368  -0.595  13.973  1    22     ? 52  LEU A O     1 
ATOM   402  C  CB    A LEU A 1 53  ? -5.968  0.729   16.482  0.5  23.64  ? 52  LEU A CB    1 
ATOM   403  C  CB    B LEU A 1 53  ? -5.952  0.684   16.461  0.5  23.46  ? 52  LEU A CB    1 
ATOM   404  C  CG    A LEU A 1 53  ? -4.528  1.228   16.666  0.5  25.58  ? 52  LEU A CG    1 
ATOM   405  C  CG    B LEU A 1 53  ? -6.458  1.382   17.719  0.5  25.21  ? 52  LEU A CG    1 
ATOM   406  C  CD1   A LEU A 1 53  ? -4.456  2.747   16.630  0.5  25.91  ? 52  LEU A CD1   1 
ATOM   407  C  CD1   B LEU A 1 53  ? -5.553  1.061   18.898  0.5  25.91  ? 52  LEU A CD1   1 
ATOM   408  C  CD2   A LEU A 1 53  ? -3.911  0.664   17.940  0.5  26.49  ? 52  LEU A CD2   1 
ATOM   409  C  CD2   B LEU A 1 53  ? -6.534  2.894   17.538  0.5  25.86  ? 52  LEU A CD2   1 
ATOM   410  N  N     . LEU A 1 54  ? -5.408  1.442   13.048  1    21.77  ? 53  LEU A N     1 
ATOM   411  C  CA    . LEU A 1 54  ? -4.547  1.041   11.937  1    21.95  ? 53  LEU A CA    1 
ATOM   412  C  C     . LEU A 1 54  ? -3.130  1.383   12.327  1    22.24  ? 53  LEU A C     1 
ATOM   413  O  O     . LEU A 1 54  ? -2.868  2.522   12.709  1    22.95  ? 53  LEU A O     1 
ATOM   414  C  CB    . LEU A 1 54  ? -4.923  1.781   10.645  1    22.17  ? 53  LEU A CB    1 
ATOM   415  C  CG    . LEU A 1 54  ? -6.376  1.661   10.181  1    22.71  ? 53  LEU A CG    1 
ATOM   416  C  CD1   . LEU A 1 54  ? -6.573  2.404   8.867   1    22.29  ? 53  LEU A CD1   1 
ATOM   417  C  CD2   . LEU A 1 54  ? -6.801  0.199   10.028  1    23.27  ? 53  LEU A CD2   1 
ATOM   418  N  N     . ASP A 1 55  ? -2.224  0.410   12.275  1    21.69  ? 54  ASP A N     1 
ATOM   419  C  CA    . ASP A 1 55  ? -0.813  0.676   12.529  1    22.34  ? 54  ASP A CA    1 
ATOM   420  C  C     . ASP A 1 55  ? -0.148  0.496   11.176  1    20.96  ? 54  ASP A C     1 
ATOM   421  O  O     . ASP A 1 55  ? 0.003   -0.625  10.706  1    20     ? 54  ASP A O     1 
ATOM   422  C  CB    . ASP A 1 55  ? -0.221  -0.297  13.552  1    26.62  ? 54  ASP A CB    1 
ATOM   423  C  CG    . ASP A 1 55  ? 1.207   0.049   13.922  1    36.34  ? 54  ASP A CG    1 
ATOM   424  O  OD1   . ASP A 1 55  ? 1.567   1.256   13.864  1    39.17  ? 54  ASP A OD1   1 
ATOM   425  O  OD2   . ASP A 1 55  ? 1.967   -0.875  14.273  1    40.33  ? 54  ASP A OD2   1 
ATOM   426  N  N     . ILE A 1 56  ? 0.203   1.601   10.534  1    20.53  ? 55  ILE A N     1 
ATOM   427  C  CA    . ILE A 1 56  ? 0.696   1.583   9.163   1    20.17  ? 55  ILE A CA    1 
ATOM   428  C  C     . ILE A 1 56  ? 2.184   1.797   9.080   1    20.42  ? 55  ILE A C     1 
ATOM   429  O  O     . ILE A 1 56  ? 2.659   2.862   9.454   1    21.41  ? 55  ILE A O     1 
ATOM   430  C  CB    . ILE A 1 56  ? -0.061  2.696   8.382   1    19.9   ? 55  ILE A CB    1 
ATOM   431  C  CG1   . ILE A 1 56  ? -1.593  2.491   8.465   1    20.36  ? 55  ILE A CG1   1 
ATOM   432  C  CG2   . ILE A 1 56  ? 0.436   2.790   6.933   1    19.76  ? 55  ILE A CG2   1 
ATOM   433  C  CD1   . ILE A 1 56  ? -2.410  3.713   8.169   1    21.46  ? 55  ILE A CD1   1 
ATOM   434  N  N     . LEU A 1 57  ? 2.910   0.832   8.527   1    19.41  ? 56  LEU A N     1 
ATOM   435  C  CA    . LEU A 1 57  ? 4.341   0.967   8.345   1    19.41  ? 56  LEU A CA    1 
ATOM   436  C  C     . LEU A 1 57  ? 4.598   1.509   6.953   1    19.49  ? 56  LEU A C     1 
ATOM   437  O  O     . LEU A 1 57  ? 4.327   0.837   5.949   1    18.63  ? 56  LEU A O     1 
ATOM   438  C  CB    . LEU A 1 57  ? 5.058   -0.378  8.533   1    19.98  ? 56  LEU A CB    1 
ATOM   439  C  CG    . LEU A 1 57  ? 6.563   -0.363  8.217   1    21.82  ? 56  LEU A CG    1 
ATOM   440  C  CD1   . LEU A 1 57  ? 7.333   0.438   9.268   1    22.92  ? 56  LEU A CD1   1 
ATOM   441  C  CD2   . LEU A 1 57  ? 7.112   -1.761  8.103   1    22.65  ? 56  LEU A CD2   1 
ATOM   442  N  N     . ASP A 1 58  ? 5.109   2.735   6.900   1    19.63  ? 57  ASP A N     1 
ATOM   443  C  CA    . ASP A 1 58  ? 5.480   3.406   5.666   1    20.45  ? 57  ASP A CA    1 
ATOM   444  C  C     . ASP A 1 58  ? 6.955   3.045   5.411   1    22.79  ? 57  ASP A C     1 
ATOM   445  O  O     . ASP A 1 58  ? 7.841   3.633   6.035   1    23.59  ? 57  ASP A O     1 
ATOM   446  C  CB    . ASP A 1 58  ? 5.303   4.925   5.856   1    19.86  ? 57  ASP A CB    1 
ATOM   447  C  CG    . ASP A 1 58  ? 5.740   5.762   4.682   1    19.32  ? 57  ASP A CG    1 
ATOM   448  O  OD1   . ASP A 1 58  ? 5.796   5.220   3.560   1    18.71  ? 57  ASP A OD1   1 
ATOM   449  O  OD2   . ASP A 1 58  ? 6.057   6.964   4.887   1    19.89  ? 57  ASP A OD2   1 
ATOM   450  N  N     . THR A 1 59  ? 7.216   2.033   4.563   1    22.84  ? 58  THR A N     1 
ATOM   451  C  CA    . THR A 1 59  ? 8.574   1.577   4.312   1    23.74  ? 58  THR A CA    1 
ATOM   452  C  C     . THR A 1 59  ? 9.406   2.536   3.475   1    25.66  ? 58  THR A C     1 
ATOM   453  O  O     . THR A 1 59  ? 8.874   3.243   2.630   1    25.33  ? 58  THR A O     1 
ATOM   454  C  CB    . THR A 1 59  ? 8.611   0.176   3.650   1    24.02  ? 58  THR A CB    1 
ATOM   455  O  OG1   . THR A 1 59  ? 8.123   0.259   2.306   1    24.32  ? 58  THR A OG1   1 
ATOM   456  C  CG2   . THR A 1 59  ? 7.888   -0.910  4.462   1    24.23  ? 58  THR A CG2   1 
ATOM   457  N  N     . ALA A 1 60  ? 10.722  2.549   3.713   1    27.34  ? 59  ALA A N     1 
ATOM   458  C  CA    . ALA A 1 60  ? 11.660  3.363   2.929   1    30.14  ? 59  ALA A CA    1 
ATOM   459  C  C     . ALA A 1 60  ? 12.530  2.514   1.980   1    32.38  ? 59  ALA A C     1 
ATOM   460  O  O     . ALA A 1 60  ? 13.204  3.074   1.124   1    33.35  ? 59  ALA A O     1 
ATOM   461  C  CB    . ALA A 1 60  ? 12.550  4.200   3.839   1    30.38  ? 59  ALA A CB    1 
ATOM   462  N  N     . GLY A 1 61  ? 12.496  1.194   2.109   1    33.59  ? 60  GLY A N     1 
ATOM   463  C  CA    . GLY A 1 61  ? 13.246  0.309   1.226   1    35.43  ? 60  GLY A CA    1 
ATOM   464  C  C     . GLY A 1 61  ? 14.548  -0.215  1.796   1    36.79  ? 60  GLY A C     1 
ATOM   465  O  O     . GLY A 1 61  ? 15.586  -0.125  1.144   1    36.99  ? 60  GLY A O     1 
ATOM   466  N  N     . GLN A 1 62  ? 14.500  -0.798  2.992   1    37.19  ? 61  GLN A N     1 
ATOM   467  C  CA    . GLN A 1 62  ? 15.695  -1.340  3.634   1    38.26  ? 61  GLN A CA    1 
ATOM   468  C  C     . GLN A 1 62  ? 16.379  -2.442  2.811   1    39.21  ? 61  GLN A C     1 
ATOM   469  O  O     . GLN A 1 62  ? 17.600  -2.424  2.677   1    39.98  ? 61  GLN A O     1 
ATOM   470  C  CB    . GLN A 1 62  ? 15.383  -1.835  5.056   1    39.68  ? 61  GLN A CB    1 
ATOM   471  C  CG    . GLN A 1 62  ? 14.558  -0.865  5.907   1    42.33  ? 61  GLN A CG    1 
ATOM   472  C  CD    . GLN A 1 62  ? 15.165  0.511   6.039   1    46.54  ? 61  GLN A CD    1 
ATOM   473  O  OE1   . GLN A 1 62  ? 16.390  0.696   6.003   1    48.69  ? 61  GLN A OE1   1 
ATOM   474  N  NE2   . GLN A 1 62  ? 14.317  1.515   6.211   1    46.33  ? 61  GLN A NE2   1 
ATOM   475  N  N     . GLU A 1 63  ? 15.610  -3.396  2.275   1    39.03  ? 62  GLU A N     1 
ATOM   476  C  CA    . GLU A 1 63  ? 16.190  -4.478  1.482   1    39.84  ? 62  GLU A CA    1 
ATOM   477  C  C     . GLU A 1 63  ? 16.878  -3.970  0.208   1    41.03  ? 62  GLU A C     1 
ATOM   478  O  O     . GLU A 1 63  ? 17.991  -4.396  -0.104  1    41.11  ? 62  GLU A O     1 
ATOM   479  C  CB    . GLU A 1 63  ? 15.142  -5.551  1.152   1    41.62  ? 62  GLU A CB    1 
ATOM   480  C  CG    . GLU A 1 63  ? 14.873  -6.493  2.312   1    46.04  ? 62  GLU A CG    1 
ATOM   481  C  CD    . GLU A 1 63  ? 13.958  -7.665  2.005   1    50.67  ? 62  GLU A CD    1 
ATOM   482  O  OE1   . GLU A 1 63  ? 14.126  -8.288  0.932   1    51.83  ? 62  GLU A OE1   1 
ATOM   483  O  OE2   . GLU A 1 63  ? 13.072  -7.960  2.840   1    51.67  ? 62  GLU A OE2   1 
ATOM   484  N  N     . GLU A 1 64  ? 16.233  -3.044  -0.507  1    41.56  ? 63  GLU A N     1 
ATOM   485  C  CA    . GLU A 1 64  ? 16.767  -2.502  -1.760  1    42.63  ? 63  GLU A CA    1 
ATOM   486  C  C     . GLU A 1 64  ? 17.977  -1.595  -1.538  1    44.06  ? 63  GLU A C     1 
ATOM   487  O  O     . GLU A 1 64  ? 18.938  -1.656  -2.303  1    44.25  ? 63  GLU A O     1 
ATOM   488  C  CB    . GLU A 1 64  ? 15.674  -1.745  -2.546  1    43.69  ? 63  GLU A CB    1 
ATOM   489  C  CG    . GLU A 1 64  ? 14.534  -2.627  -3.028  1    46.69  ? 63  GLU A CG    1 
ATOM   490  C  CD    . GLU A 1 64  ? 13.559  -3.047  -1.944  1    50.8   ? 63  GLU A CD    1 
ATOM   491  O  OE1   . GLU A 1 64  ? 13.291  -2.221  -1.043  1    50.76  ? 63  GLU A OE1   1 
ATOM   492  O  OE2   . GLU A 1 64  ? 13.082  -4.204  -1.978  1    52.43  ? 63  GLU A OE2   1 
ATOM   493  N  N     . TYR A 1 65  ? 17.928  -0.745  -0.507  1    44.84  ? 64  TYR A N     1 
ATOM   494  C  CA    . TYR A 1 65  ? 19.022  0.181   -0.231  1    46.31  ? 64  TYR A CA    1 
ATOM   495  C  C     . TYR A 1 65  ? 19.761  -0.198  1.044   1    47.16  ? 64  TYR A C     1 
ATOM   496  O  O     . TYR A 1 65  ? 20.801  0.388   1.341   1    47.6   ? 64  TYR A O     1 
ATOM   497  C  CB    . TYR A 1 65  ? 18.506  1.622   -0.138  1    46.74  ? 64  TYR A CB    1 
ATOM   498  C  CG    . TYR A 1 65  ? 17.676  2.064   -1.323  1    47.99  ? 64  TYR A CG    1 
ATOM   499  C  CD1   . TYR A 1 65  ? 18.279  2.524   -2.484  1    49.16  ? 64  TYR A CD1   1 
ATOM   500  C  CD2   . TYR A 1 65  ? 16.289  2.064   -1.265  1    48.95  ? 64  TYR A CD2   1 
ATOM   501  C  CE1   . TYR A 1 65  ? 17.523  2.951   -3.568  1    50.13  ? 64  TYR A CE1   1 
ATOM   502  C  CE2   . TYR A 1 65  ? 15.523  2.480   -2.344  1    50.03  ? 64  TYR A CE2   1 
ATOM   503  C  CZ    . TYR A 1 65  ? 16.145  2.926   -3.496  1    51.19  ? 64  TYR A CZ    1 
ATOM   504  O  OH    . TYR A 1 65  ? 15.396  3.350   -4.570  1    52.88  ? 64  TYR A OH    1 
ATOM   505  N  N     . MET A 1 68  ? 19.470  -5.148  3.794   1    51.04  ? 67  MET A N     1 
ATOM   506  C  CA    . MET A 1 68  ? 19.101  -5.926  4.973   1    51.39  ? 67  MET A CA    1 
ATOM   507  C  C     . MET A 1 68  ? 17.581  -6.058  5.122   1    50.75  ? 67  MET A C     1 
ATOM   508  O  O     . MET A 1 68  ? 16.831  -5.190  4.671   1    50.68  ? 67  MET A O     1 
ATOM   509  C  CB    . MET A 1 68  ? 19.738  -5.337  6.247   1    52.84  ? 67  MET A CB    1 
ATOM   510  C  CG    . MET A 1 68  ? 19.111  -4.036  6.698   1    56.83  ? 67  MET A CG    1 
ATOM   511  S  SD    . MET A 1 68  ? 20.058  -3.192  7.988   1    66.2   ? 67  MET A SD    1 
ATOM   512  C  CE    . MET A 1 68  ? 21.560  -2.814  7.077   1    64.34  ? 67  MET A CE    1 
ATOM   513  N  N     . ARG A 1 69  ? 17.132  -7.149  5.753   1    49.75  ? 68  ARG A N     1 
ATOM   514  C  CA    . ARG A 1 69  ? 15.715  -7.404  5.979   1    49.26  ? 68  ARG A CA    1 
ATOM   515  C  C     . ARG A 1 69  ? 15.089  -6.339  6.868   1    48.32  ? 68  ARG A C     1 
ATOM   516  O  O     . ARG A 1 69  ? 15.682  -5.944  7.871   1    48.3   ? 68  ARG A O     1 
ATOM   517  C  CB    . ARG A 1 69  ? 15.536  -8.748  6.691   1    50.84  ? 68  ARG A CB    1 
ATOM   518  C  CG    . ARG A 1 69  ? 15.197  -9.913  5.793   1    53.94  ? 68  ARG A CG    1 
ATOM   519  C  CD    . ARG A 1 69  ? 14.938  -11.135 6.656   1    57.01  ? 68  ARG A CD    1 
ATOM   520  N  NE    . ARG A 1 69  ? 15.173  -12.387 5.939   1    59.53  ? 68  ARG A NE    1 
ATOM   521  C  CZ    . ARG A 1 69  ? 16.345  -13.010 5.878   1    61.76  ? 68  ARG A CZ    1 
ATOM   522  N  NH1   . ARG A 1 69  ? 17.410  -12.497 6.487   1    61.27  ? 68  ARG A NH1   1 
ATOM   523  N  NH2   . ARG A 1 69  ? 16.464  -14.147 5.206   1    61.8   ? 68  ARG A NH2   1 
ATOM   524  N  N     . ASP A 1 70  ? 13.867  -5.921  6.534   1    47.2   ? 69  ASP A N     1 
ATOM   525  C  CA    . ASP A 1 70  ? 13.112  -4.985  7.353   1    46.57  ? 69  ASP A CA    1 
ATOM   526  C  C     . ASP A 1 70  ? 12.310  -5.835  8.345   1    46.17  ? 69  ASP A C     1 
ATOM   527  O  O     . ASP A 1 70  ? 11.293  -6.417  7.972   1    45.85  ? 69  ASP A O     1 
ATOM   528  C  CB    . ASP A 1 70  ? 12.163  -4.164  6.477   1    47.12  ? 69  ASP A CB    1 
ATOM   529  C  CG    . ASP A 1 70  ? 11.421  -3.061  7.203   1    49.02  ? 69  ASP A CG    1 
ATOM   530  O  OD1   . ASP A 1 70  ? 11.406  -3.069  8.452   1    48.68  ? 69  ASP A OD1   1 
ATOM   531  O  OD2   . ASP A 1 70  ? 10.846  -2.196  6.524   1    51.08  ? 69  ASP A OD2   1 
ATOM   532  N  N     . GLN A 1 71  ? 12.770  -5.890  9.605   1    45.82  ? 70  GLN A N     1 
ATOM   533  C  CA    . GLN A 1 71  ? 12.171  -6.676  10.690  1    46.05  ? 70  GLN A CA    1 
ATOM   534  C  C     . GLN A 1 71  ? 10.730  -6.285  11.004  1    45.25  ? 70  GLN A C     1 
ATOM   535  O  O     . GLN A 1 71  ? 9.957   -7.109  11.480  1    45.32  ? 70  GLN A O     1 
ATOM   536  C  CB    . GLN A 1 71  ? 13.020  -6.540  11.968  1    48.13  ? 70  GLN A CB    1 
ATOM   537  C  CG    . GLN A 1 71  ? 14.521  -6.738  11.743  1    52.47  ? 70  GLN A CG    1 
ATOM   538  C  CD    . GLN A 1 71  ? 14.933  -8.178  11.917  1    57.4   ? 70  GLN A CD    1 
ATOM   539  O  OE1   . GLN A 1 71  ? 15.334  -8.602  13.009  1    58.96  ? 70  GLN A OE1   1 
ATOM   540  N  NE2   . GLN A 1 71  ? 14.845  -8.962  10.849  1    57.86  ? 70  GLN A NE2   1 
ATOM   541  N  N     . TYR A 1 72  ? 10.379  -5.026  10.753  1    44.33  ? 71  TYR A N     1 
ATOM   542  C  CA    . TYR A 1 72  ? 9.057   -4.485  11.035  1    43.94  ? 71  TYR A CA    1 
ATOM   543  C  C     . TYR A 1 72  ? 7.974   -4.954  10.054  1    41.64  ? 71  TYR A C     1 
ATOM   544  O  O     . TYR A 1 72  ? 6.791   -4.937  10.401  1    41.72  ? 71  TYR A O     1 
ATOM   545  C  CB    . TYR A 1 72  ? 9.137   -2.952  11.111  1    45.07  ? 71  TYR A CB    1 
ATOM   546  C  CG    . TYR A 1 72  ? 9.970   -2.496  12.288  1    47.34  ? 71  TYR A CG    1 
ATOM   547  C  CD1   . TYR A 1 72  ? 9.392   -2.288  13.532  1    48.98  ? 71  TYR A CD1   1 
ATOM   548  C  CD2   . TYR A 1 72  ? 11.347  -2.357  12.180  1    49.01  ? 71  TYR A CD2   1 
ATOM   549  C  CE1   . TYR A 1 72  ? 10.158  -1.919  14.632  1    50.37  ? 71  TYR A CE1   1 
ATOM   550  C  CE2   . TYR A 1 72  ? 12.124  -1.996  13.273  1    50.43  ? 71  TYR A CE2   1 
ATOM   551  C  CZ    . TYR A 1 72  ? 11.525  -1.772  14.498  1    51.62  ? 71  TYR A CZ    1 
ATOM   552  O  OH    . TYR A 1 72  ? 12.283  -1.399  15.581  1    53.74  ? 71  TYR A OH    1 
ATOM   553  N  N     . MET A 1 73  ? 8.373   -5.393  8.850   1    39.41  ? 72  MET A N     1 
ATOM   554  C  CA    . MET A 1 73  ? 7.456   -5.876  7.823   1    38.13  ? 72  MET A CA    1 
ATOM   555  C  C     . MET A 1 73  ? 6.841   -7.231  8.162   1    37.66  ? 72  MET A C     1 
ATOM   556  O  O     . MET A 1 73  ? 5.730   -7.523  7.719   1    37.6   ? 72  MET A O     1 
ATOM   557  C  CB    . MET A 1 73  ? 8.200   -6.036  6.491   1    37.78  ? 72  MET A CB    1 
ATOM   558  C  CG    . MET A 1 73  ? 8.234   -4.802  5.650   1    38.25  ? 72  MET A CG    1 
ATOM   559  S  SD    . MET A 1 73  ? 8.943   -5.221  4.045   1    38.77  ? 72  MET A SD    1 
ATOM   560  C  CE    . MET A 1 73  ? 7.581   -5.959  3.267   1    36.04  ? 72  MET A CE    1 
ATOM   561  N  N     . ARG A 1 74  ? 7.588   -8.080  8.881   1    36.72  ? 73  ARG A N     1 
ATOM   562  C  CA    . ARG A 1 74  ? 7.184   -9.450  9.208   1    36.47  ? 73  ARG A CA    1 
ATOM   563  C  C     . ARG A 1 74  ? 5.864   -9.543  9.994   1    34.53  ? 73  ARG A C     1 
ATOM   564  O  O     . ARG A 1 74  ? 5.099   -10.484 9.798   1    34.62  ? 73  ARG A O     1 
ATOM   565  C  CB    . ARG A 1 74  ? 8.331   -10.174 9.944   1    39.01  ? 73  ARG A CB    1 
ATOM   566  C  CG    . ARG A 1 74  ? 8.253   -11.694 9.874   1    44.01  ? 73  ARG A CG    1 
ATOM   567  C  CD    . ARG A 1 74  ? 9.436   -12.302 9.131   1    48.19  ? 73  ARG A CD    1 
ATOM   568  N  NE    . ARG A 1 74  ? 10.731  -11.969 9.739   1    51.21  ? 73  ARG A NE    1 
ATOM   569  C  CZ    . ARG A 1 74  ? 11.719  -11.340 9.101   1    53.48  ? 73  ARG A CZ    1 
ATOM   570  N  NH1   . ARG A 1 74  ? 12.866  -11.093 9.721   1    53.06  ? 73  ARG A NH1   1 
ATOM   571  N  NH2   . ARG A 1 74  ? 11.573  -10.974 7.827   1    52.13  ? 73  ARG A NH2   1 
ATOM   572  N  N     . THR A 1 75  ? 5.595   -8.569  10.865  1    32.71  ? 74  THR A N     1 
ATOM   573  C  CA    . THR A 1 75  ? 4.347   -8.553  11.631  1    31.79  ? 74  THR A CA    1 
ATOM   574  C  C     . THR A 1 75  ? 3.140   -7.989  10.847  1    29.55  ? 74  THR A C     1 
ATOM   575  O  O     . THR A 1 75  ? 2.032   -7.992  11.382  1    30.17  ? 74  THR A O     1 
ATOM   576  C  CB    . THR A 1 75  ? 4.536   -7.801  12.947  1    33.57  ? 74  THR A CB    1 
ATOM   577  O  OG1   . THR A 1 75  ? 4.881   -6.446  12.649  1    35.29  ? 74  THR A OG1   1 
ATOM   578  C  CG2   . THR A 1 75  ? 5.613   -8.436  13.830  1    34.13  ? 74  THR A CG2   1 
ATOM   579  N  N     . GLY A 1 76  ? 3.360   -7.522  9.616   1    26.59  ? 75  GLY A N     1 
ATOM   580  C  CA    . GLY A 1 76  ? 2.301   -6.962  8.787   1    24.4   ? 75  GLY A CA    1 
ATOM   581  C  C     . GLY A 1 76  ? 1.242   -7.978  8.427   1    20.96  ? 75  GLY A C     1 
ATOM   582  O  O     . GLY A 1 76  ? 1.560   -9.102  8.050   1    20.62  ? 75  GLY A O     1 
ATOM   583  N  N     . GLU A 1 77  ? -0.022  -7.610  8.595   1    18.61  ? 76  GLU A N     1 
ATOM   584  C  CA    . GLU A 1 77  ? -1.127  -8.504  8.247   1    16.99  ? 76  GLU A CA    1 
ATOM   585  C  C     . GLU A 1 77  ? -1.633  -8.281  6.818   1    15.7   ? 76  GLU A C     1 
ATOM   586  O  O     . GLU A 1 77  ? -2.200  -9.194  6.234   1    15.21  ? 76  GLU A O     1 
ATOM   587  C  CB    . GLU A 1 77  ? -2.270  -8.346  9.244   1    18.61  ? 76  GLU A CB    1 
ATOM   588  C  CG    . GLU A 1 77  ? -1.843  -8.563  10.683  1    20.11  ? 76  GLU A CG    1 
ATOM   589  C  CD    . GLU A 1 77  ? -2.974  -8.207  11.608  1    22.91  ? 76  GLU A CD    1 
ATOM   590  O  OE1   . GLU A 1 77  ? -3.182  -6.995  11.836  1    21.95  ? 76  GLU A OE1   1 
ATOM   591  O  OE2   . GLU A 1 77  ? -3.676  -9.133  12.077  1    25.27  ? 76  GLU A OE2   1 
ATOM   592  N  N     . GLY A 1 78  ? -1.422  -7.085  6.271   1    14.98  ? 77  GLY A N     1 
ATOM   593  C  CA    . GLY A 1 78  ? -1.840  -6.734  4.919   1    15.24  ? 77  GLY A CA    1 
ATOM   594  C  C     . GLY A 1 78  ? -0.857  -5.759  4.295   1    15.5   ? 77  GLY A C     1 
ATOM   595  O  O     . GLY A 1 78  ? -0.221  -4.970  4.998   1    16.14  ? 77  GLY A O     1 
ATOM   596  N  N     . PHE A 1 79  ? -0.714  -5.813  2.979   1    15.24  ? 78  PHE A N     1 
ATOM   597  C  CA    . PHE A 1 79  ? 0.262   -4.984  2.270   1    15.88  ? 78  PHE A CA    1 
ATOM   598  C  C     . PHE A 1 79  ? -0.346  -4.189  1.105   1    16.46  ? 78  PHE A C     1 
ATOM   599  O  O     . PHE A 1 79  ? -1.072  -4.759  0.289   1    16.22  ? 78  PHE A O     1 
ATOM   600  C  CB    . PHE A 1 79  ? 1.423   -5.876  1.736   1    15.77  ? 78  PHE A CB    1 
ATOM   601  C  CG    . PHE A 1 79  ? 2.215   -6.589  2.821   1    16.92  ? 78  PHE A CG    1 
ATOM   602  C  CD1   . PHE A 1 79  ? 1.689   -7.695  3.476   1    17.93  ? 78  PHE A CD1   1 
ATOM   603  C  CD2   . PHE A 1 79  ? 3.448   -6.112  3.229   1    17.73  ? 78  PHE A CD2   1 
ATOM   604  C  CE1   . PHE A 1 79  ? 2.372   -8.293  4.535   1    19.16  ? 78  PHE A CE1   1 
ATOM   605  C  CE2   . PHE A 1 79  ? 4.162   -6.753  4.247   1    18.87  ? 78  PHE A CE2   1 
ATOM   606  C  CZ    . PHE A 1 79  ? 3.614   -7.828  4.905   1    18.78  ? 78  PHE A CZ    1 
ATOM   607  N  N     . LEU A 1 80  ? -0.033  -2.883  1.017   1    16.8   ? 79  LEU A N     1 
ATOM   608  C  CA    . LEU A 1 80  ? -0.379  -2.063  -0.151  1    17.42  ? 79  LEU A CA    1 
ATOM   609  C  C     . LEU A 1 80  ? 0.863   -2.119  -1.023  1    17.73  ? 79  LEU A C     1 
ATOM   610  O  O     . LEU A 1 80  ? 1.947   -1.738  -0.547  1    17.76  ? 79  LEU A O     1 
ATOM   611  C  CB    . LEU A 1 80  ? -0.634  -0.577  0.198   1    17.55  ? 79  LEU A CB    1 
ATOM   612  C  CG    . LEU A 1 80  ? -1.960  -0.149  0.858   1    18.93  ? 79  LEU A CG    1 
ATOM   613  C  CD1   . LEU A 1 80  ? -2.117  1.351   0.782   1    19.54  ? 79  LEU A CD1   1 
ATOM   614  C  CD2   . LEU A 1 80  ? -3.189  -0.801  0.199   1    19.26  ? 79  LEU A CD2   1 
ATOM   615  N  N     . CYS A 1 81  ? 0.744   -2.644  -2.256  1    17.57  ? 80  CYS A N     1 
ATOM   616  C  CA    . CYS A 1 81  ? 1.857   -2.712  -3.204  1    17.72  ? 80  CYS A CA    1 
ATOM   617  C  C     . CYS A 1 81  ? 1.643   -1.588  -4.174  1    15.74  ? 80  CYS A C     1 
ATOM   618  O  O     . CYS A 1 81  ? 0.737   -1.633  -4.997  1    14.99  ? 80  CYS A O     1 
ATOM   619  C  CB    . CYS A 1 81  ? 1.905   -4.050  -3.921  1    22.38  ? 80  CYS A CB    1 
ATOM   620  S  SG    . CYS A 1 81  ? 2.327   -5.429  -2.850  1    34.16  ? 80  CYS A SG    1 
ATOM   621  N  N     . VAL A 1 82  ? 2.417   -0.535  -4.018  1    14.63  ? 81  VAL A N     1 
ATOM   622  C  CA    . VAL A 1 82  ? 2.198   0.699   -4.753  1    13.73  ? 81  VAL A CA    1 
ATOM   623  C  C     . VAL A 1 82  ? 3.150   0.924   -5.914  1    13.41  ? 81  VAL A C     1 
ATOM   624  O  O     . VAL A 1 82  ? 4.364   0.833   -5.768  1    13.81  ? 81  VAL A O     1 
ATOM   625  C  CB    . VAL A 1 82  ? 2.223   1.919   -3.792  1    13.6   ? 81  VAL A CB    1 
ATOM   626  C  CG1   . VAL A 1 82  ? 1.749   3.196   -4.496  1    13.73  ? 81  VAL A CG1   1 
ATOM   627  C  CG2   . VAL A 1 82  ? 1.390   1.664   -2.518  1    13.76  ? 81  VAL A CG2   1 
ATOM   628  N  N     . PHE A 1 83  ? 2.583   1.284   -7.057  1    12.88  ? 82  PHE A N     1 
ATOM   629  C  CA    . PHE A 1 83  ? 3.329   1.780   -8.221  1    12.23  ? 82  PHE A CA    1 
ATOM   630  C  C     . PHE A 1 83  ? 2.683   3.140   -8.551  1    12.87  ? 82  PHE A C     1 
ATOM   631  O  O     . PHE A 1 83  ? 1.626   3.476   -8.012  1    13.54  ? 82  PHE A O     1 
ATOM   632  C  CB    . PHE A 1 83  ? 3.263   0.809   -9.428  1    11.4   ? 82  PHE A CB    1 
ATOM   633  C  CG    . PHE A 1 83  ? 1.915   0.713   -10.122 1    11.65  ? 82  PHE A CG    1 
ATOM   634  C  CD1   . PHE A 1 83  ? 0.974   -0.211  -9.711  1    11.72  ? 82  PHE A CD1   1 
ATOM   635  C  CD2   . PHE A 1 83  ? 1.636   1.480   -11.244 1    12.65  ? 82  PHE A CD2   1 
ATOM   636  C  CE1   . PHE A 1 83  ? -0.243  -0.329  -10.372 1    12.48  ? 82  PHE A CE1   1 
ATOM   637  C  CE2   . PHE A 1 83  ? 0.411   1.364   -11.902 1    12.91  ? 82  PHE A CE2   1 
ATOM   638  C  CZ    . PHE A 1 83  ? -0.517  0.451   -11.464 1    12.12  ? 82  PHE A CZ    1 
ATOM   639  N  N     . ALA A 1 84  ? 3.307   3.924   -9.422  1    12.69  ? 83  ALA A N     1 
ATOM   640  C  CA    . ALA A 1 84  ? 2.750   5.196   -9.854  1    13.19  ? 83  ALA A CA    1 
ATOM   641  C  C     . ALA A 1 84  ? 2.372   5.035   -11.356 1    13.11  ? 83  ALA A C     1 
ATOM   642  O  O     . ALA A 1 84  ? 3.169   4.509   -12.127 1    12.37  ? 83  ALA A O     1 
ATOM   643  C  CB    . ALA A 1 84  ? 3.778   6.316   -9.653  1    12.38  ? 83  ALA A CB    1 
ATOM   644  N  N     . ILE A 1 85  ? 1.171   5.488   -11.758 1    13.61  ? 84  ILE A N     1 
ATOM   645  C  CA    . ILE A 1 85  ? 0.671   5.321   -13.141 1    14.7   ? 84  ILE A CA    1 
ATOM   646  C  C     . ILE A 1 85  ? 1.501   6.044   -14.213 1    14.38  ? 84  ILE A C     1 
ATOM   647  O  O     . ILE A 1 85  ? 1.340   5.758   -15.392 1    14.67  ? 84  ILE A O     1 
ATOM   648  C  CB    . ILE A 1 85  ? -0.837  5.679   -13.284 1    15.29  ? 84  ILE A CB    1 
ATOM   649  C  CG1   . ILE A 1 85  ? -1.057  7.191   -13.125 1    17.63  ? 84  ILE A CG1   1 
ATOM   650  C  CG2   . ILE A 1 85  ? -1.693  4.857   -12.308 1    15.22  ? 84  ILE A CG2   1 
ATOM   651  C  CD1   . ILE A 1 85  ? -2.276  7.643   -13.857 1    20.99  ? 84  ILE A CD1   1 
ATOM   652  N  N     . ASN A 1 86  ? 2.397   6.929   -13.809 1    14.42  ? 85  ASN A N     1 
ATOM   653  C  CA    . ASN A 1 86  ? 3.304   7.655   -14.695 1    15.02  ? 85  ASN A CA    1 
ATOM   654  C  C     . ASN A 1 86  ? 4.761   7.174   -14.478 1    15.92  ? 85  ASN A C     1 
ATOM   655  O  O     . ASN A 1 86  ? 5.692   7.962   -14.643 1    16.32  ? 85  ASN A O     1 
ATOM   656  C  CB    . ASN A 1 86  ? 3.197   9.166   -14.398 1    16.04  ? 85  ASN A CB    1 
ATOM   657  C  CG    . ASN A 1 86  ? 3.816   9.575   -13.067 1    18.28  ? 85  ASN A CG    1 
ATOM   658  O  OD1   . ASN A 1 86  ? 3.780   8.837   -12.078 1    18.94  ? 85  ASN A OD1   1 
ATOM   659  N  ND2   . ASN A 1 86  ? 4.469   10.716  -13.033 1    19.25  ? 85  ASN A ND2   1 
ATOM   660  N  N     . ASN A 1 87  ? 4.960   5.936   -13.992 1    15.72  ? 86  ASN A N     1 
ATOM   661  C  CA    . ASN A 1 87  ? 6.293   5.436   -13.705 1    15.28  ? 86  ASN A CA    1 
ATOM   662  C  C     . ASN A 1 87  ? 6.288   3.934   -14.031 1    14.42  ? 86  ASN A C     1 
ATOM   663  O  O     . ASN A 1 87  ? 6.001   3.094   -13.168 1    12.94  ? 86  ASN A O     1 
ATOM   664  C  CB    . ASN A 1 87  ? 6.664   5.760   -12.256 1    16.88  ? 86  ASN A CB    1 
ATOM   665  C  CG    . ASN A 1 87  ? 8.035   5.310   -11.814 1    21.98  ? 86  ASN A CG    1 
ATOM   666  O  OD1   . ASN A 1 87  ? 8.660   4.418   -12.385 1    21.79  ? 86  ASN A OD1   1 
ATOM   667  N  ND2   . ASN A 1 87  ? 8.503   5.876   -10.719 1    25.89  ? 86  ASN A ND2   1 
ATOM   668  N  N     . THR A 1 88  ? 6.584   3.614   -15.313 1    13.92  ? 87  THR A N     1 
ATOM   669  C  CA    . THR A 1 88  ? 6.589   2.258   -15.849 1    14.49  ? 87  THR A CA    1 
ATOM   670  C  C     . THR A 1 88  ? 7.505   1.351   -15.063 1    14.1   ? 87  THR A C     1 
ATOM   671  O  O     . THR A 1 88  ? 7.137   0.225   -14.757 1    14.01  ? 87  THR A O     1 
ATOM   672  C  CB    . THR A 1 88  ? 6.964   2.274   -17.352 1    16.46  ? 87  THR A CB    1 
ATOM   673  O  OG1   . THR A 1 88  ? 5.919   2.916   -18.083 1    18     ? 87  THR A OG1   1 
ATOM   674  C  CG2   . THR A 1 88  ? 7.154   0.873   -17.917 1    15.71  ? 87  THR A CG2   1 
ATOM   675  N  N     . LYS A 1 89  ? 8.671   1.853   -14.681 1    14.12  ? 88  LYS A N     1 
ATOM   676  C  CA    . LYS A 1 89  ? 9.622   1.080   -13.888 1    14.18  ? 88  LYS A CA    1 
ATOM   677  C  C     . LYS A 1 89  ? 9.014   0.631   -12.559 1    14.58  ? 88  LYS A C     1 
ATOM   678  O  O     . LYS A 1 89  ? 9.164   -0.536  -12.201 1    14.3   ? 88  LYS A O     1 
ATOM   679  C  CB    . LYS A 1 89  ? 10.880  1.891   -13.619 1    16.32  ? 88  LYS A CB    1 
ATOM   680  C  CG    . LYS A 1 89  ? 12.004  1.050   -13.058 1    24     ? 88  LYS A CG    1 
ATOM   681  C  CD    . LYS A 1 89  ? 13.264  1.913   -12.828 1    33.26  ? 88  LYS A CD    1 
ATOM   682  C  CE    . LYS A 1 89  ? 13.803  2.564   -14.090 1    39.75  ? 88  LYS A CE    1 
ATOM   683  N  NZ    . LYS A 1 89  ? 14.724  3.704   -13.771 1    44.5   ? 88  LYS A NZ    1 
ATOM   684  N  N     . SER A 1 90  ? 8.326   1.544   -11.834 1    13.92  ? 89  SER A N     1 
ATOM   685  C  CA    . SER A 1 90  ? 7.690   1.189   -10.561 1    13.86  ? 89  SER A CA    1 
ATOM   686  C  C     . SER A 1 90  ? 6.655   0.070   -10.728 1    14.22  ? 89  SER A C     1 
ATOM   687  O  O     . SER A 1 90  ? 6.521   -0.788  -9.844  1    14.92  ? 89  SER A O     1 
ATOM   688  C  CB    . SER A 1 90  ? 7.063   2.414   -9.909  1    13.72  ? 89  SER A CB    1 
ATOM   689  O  OG    . SER A 1 90  ? 5.871   2.821   -10.568 1    15.19  ? 89  SER A OG    1 
ATOM   690  N  N     . PHE A 1 91  ? 5.946   0.051   -11.865 1    13.41  ? 90  PHE A N     1 
ATOM   691  C  CA    . PHE A 1 91  ? 4.982   -1.011  -12.177 1    13.4   ? 90  PHE A CA    1 
ATOM   692  C  C     . PHE A 1 91  ? 5.710   -2.348  -12.416 1    13.59  ? 90  PHE A C     1 
ATOM   693  O  O     . PHE A 1 91  ? 5.253   -3.414  -11.969 1    12.45  ? 90  PHE A O     1 
ATOM   694  C  CB    . PHE A 1 91  ? 4.158   -0.640  -13.410 1    12.47  ? 90  PHE A CB    1 
ATOM   695  C  CG    . PHE A 1 91  ? 3.181   -1.718  -13.824 1    13.77  ? 90  PHE A CG    1 
ATOM   696  C  CD1   . PHE A 1 91  ? 2.050   -1.982  -13.064 1    14.4   ? 90  PHE A CD1   1 
ATOM   697  C  CD2   . PHE A 1 91  ? 3.390   -2.464  -14.982 1    14.81  ? 90  PHE A CD2   1 
ATOM   698  C  CE1   . PHE A 1 91  ? 1.149   -2.966  -13.458 1    15.55  ? 90  PHE A CE1   1 
ATOM   699  C  CE2   . PHE A 1 91  ? 2.511   -3.475  -15.347 1    15.21  ? 90  PHE A CE2   1 
ATOM   700  C  CZ    . PHE A 1 91  ? 1.386   -3.705  -14.598 1    15.39  ? 90  PHE A CZ    1 
ATOM   701  N  N     . GLU A 1 92  ? 6.834   -2.285  -13.160 1    13.47  ? 91  GLU A N     1 
ATOM   702  C  CA    . GLU A 1 92  ? 7.688   -3.440  -13.462 1    13.98  ? 91  GLU A CA    1 
ATOM   703  C  C     . GLU A 1 92  ? 8.331   -3.997  -12.209 1    15.37  ? 91  GLU A C     1 
ATOM   704  O  O     . GLU A 1 92  ? 8.483   -5.208  -12.116 1    15.93  ? 91  GLU A O     1 
ATOM   705  C  CB    . GLU A 1 92  ? 8.786   -3.059  -14.482 1    14.12  ? 91  GLU A CB    1 
ATOM   706  C  CG    . GLU A 1 92  ? 8.202   -2.649  -15.830 1    14.31  ? 91  GLU A CG    1 
ATOM   707  C  CD    . GLU A 1 92  ? 9.218   -2.115  -16.829 1    14.98  ? 91  GLU A CD    1 
ATOM   708  O  OE1   . GLU A 1 92  ? 10.364  -1.838  -16.421 1    13.64  ? 91  GLU A OE1   1 
ATOM   709  O  OE2   . GLU A 1 92  ? 8.884   -2.016  -18.031 1    16.17  ? 91  GLU A OE2   1 
ATOM   710  N  N     . ASP A 1 93  ? 8.622   -3.137  -11.218 1    15.98  ? 92  ASP A N     1 
ATOM   711  C  CA    . ASP A 1 93  ? 9.187   -3.533  -9.935  1    17.28  ? 92  ASP A CA    1 
ATOM   712  C  C     . ASP A 1 93  ? 8.159   -4.230  -9.024  1    16.68  ? 92  ASP A C     1 
ATOM   713  O  O     . ASP A 1 93  ? 8.583   -4.808  -8.025  1    16.55  ? 92  ASP A O     1 
ATOM   714  C  CB    . ASP A 1 93  ? 9.710   -2.312  -9.163  1    19.31  ? 92  ASP A CB    1 
ATOM   715  C  CG    . ASP A 1 93  ? 10.950  -1.662  -9.751  1    24.54  ? 92  ASP A CG    1 
ATOM   716  O  OD1   . ASP A 1 93  ? 11.617  -2.305  -10.596 1    22.77  ? 92  ASP A OD1   1 
ATOM   717  O  OD2   . ASP A 1 93  ? 11.244  -0.503  -9.373  1    28.11  ? 92  ASP A OD2   1 
ATOM   718  N  N     . ILE A 1 94  ? 6.838   -4.159  -9.331  1    15.72  ? 93  ILE A N     1 
ATOM   719  C  CA    . ILE A 1 94  ? 5.805   -4.772  -8.482  1    15.51  ? 93  ILE A CA    1 
ATOM   720  C  C     . ILE A 1 94  ? 6.076   -6.280  -8.240  1    16.36  ? 93  ILE A C     1 
ATOM   721  O  O     . ILE A 1 94  ? 5.892   -6.765  -7.128  1    16.05  ? 93  ILE A O     1 
ATOM   722  C  CB    . ILE A 1 94  ? 4.347   -4.508  -8.989  1    14.68  ? 93  ILE A CB    1 
ATOM   723  C  CG1   . ILE A 1 94  ? 3.919   -3.019  -8.805  1    13.71  ? 93  ILE A CG1   1 
ATOM   724  C  CG2   . ILE A 1 94  ? 3.320   -5.472  -8.310  1    14.82  ? 93  ILE A CG2   1 
ATOM   725  C  CD1   . ILE A 1 94  ? 3.694   -2.571  -7.371  1    13.76  ? 93  ILE A CD1   1 
ATOM   726  N  N     . HIS A 1 95  ? 6.578   -6.995  -9.253  1    17.29  ? 94  HIS A N     1 
ATOM   727  C  CA    . HIS A 1 95  ? 6.903   -8.426  -9.105  1    19.22  ? 94  HIS A CA    1 
ATOM   728  C  C     . HIS A 1 95  ? 7.869   -8.665  -7.930  1    19.01  ? 94  HIS A C     1 
ATOM   729  O  O     . HIS A 1 95  ? 7.597   -9.524  -7.087  1    18.56  ? 94  HIS A O     1 
ATOM   730  C  CB    . HIS A 1 95  ? 7.487   -8.976  -10.413 1    21.85  ? 94  HIS A CB    1 
ATOM   731  C  CG    . HIS A 1 95  ? 7.964   -10.395 -10.329 1    28.05  ? 94  HIS A CG    1 
ATOM   732  N  ND1   . HIS A 1 95  ? 7.075   -11.456 -10.316 1    30.75  ? 94  HIS A ND1   1 
ATOM   733  C  CD2   . HIS A 1 95  ? 9.225   -10.881 -10.248 1    30.32  ? 94  HIS A CD2   1 
ATOM   734  C  CE1   . HIS A 1 95  ? 7.817   -12.550 -10.222 1    31.78  ? 94  HIS A CE1   1 
ATOM   735  N  NE2   . HIS A 1 95  ? 9.117   -12.257 -10.176 1    31.74  ? 94  HIS A NE2   1 
ATOM   736  N  N     . HIS A 1 96  ? 8.925   -7.825  -7.830  1    18.82  ? 95  HIS A N     1 
ATOM   737  C  CA    . HIS A 1 96  ? 9.930   -7.912  -6.771  1    19.7   ? 95  HIS A CA    1 
ATOM   738  C  C     . HIS A 1 96  ? 9.310   -7.704  -5.372  1    17.93  ? 95  HIS A C     1 
ATOM   739  O  O     . HIS A 1 96  ? 9.658   -8.420  -4.434  1    16.98  ? 95  HIS A O     1 
ATOM   740  C  CB    . HIS A 1 96  ? 11.105  -6.939  -7.063  1    22.49  ? 95  HIS A CB    1 
ATOM   741  C  CG    . HIS A 1 96  ? 11.926  -6.569  -5.866  1    28.47  ? 95  HIS A CG    1 
ATOM   742  N  ND1   . HIS A 1 96  ? 12.991  -7.353  -5.452  1    31.68  ? 95  HIS A ND1   1 
ATOM   743  C  CD2   . HIS A 1 96  ? 11.789  -5.526  -5.008  1    30.54  ? 95  HIS A CD2   1 
ATOM   744  C  CE1   . HIS A 1 96  ? 13.469  -6.768  -4.361  1    32.55  ? 95  HIS A CE1   1 
ATOM   745  N  NE2   . HIS A 1 96  ? 12.773  -5.668  -4.050  1    32.3   ? 95  HIS A NE2   1 
ATOM   746  N  N     . TYR A 1 97  ? 8.413   -6.716  -5.229  1    17.38  ? 96  TYR A N     1 
ATOM   747  C  CA    . TYR A 1 97  ? 7.764   -6.465  -3.945  1    17.19  ? 96  TYR A CA    1 
ATOM   748  C  C     . TYR A 1 97  ? 6.814   -7.595  -3.573  1    17.38  ? 96  TYR A C     1 
ATOM   749  O  O     . TYR A 1 97  ? 6.726   -7.931  -2.407  1    17.33  ? 96  TYR A O     1 
ATOM   750  C  CB    . TYR A 1 97  ? 7.067   -5.097  -3.910  1    16.51  ? 96  TYR A CB    1 
ATOM   751  C  CG    . TYR A 1 97  ? 8.085   -3.986  -4.000  1    17.24  ? 96  TYR A CG    1 
ATOM   752  C  CD1   . TYR A 1 97  ? 8.935   -3.708  -2.938  1    18.17  ? 96  TYR A CD1   1 
ATOM   753  C  CD2   . TYR A 1 97  ? 8.287   -3.299  -5.185  1    17.99  ? 96  TYR A CD2   1 
ATOM   754  C  CE1   . TYR A 1 97  ? 9.909   -2.720  -3.034  1    18.83  ? 96  TYR A CE1   1 
ATOM   755  C  CE2   . TYR A 1 97  ? 9.261   -2.315  -5.294  1    19.28  ? 96  TYR A CE2   1 
ATOM   756  C  CZ    . TYR A 1 97  ? 10.073  -2.032  -4.217  1    19.96  ? 96  TYR A CZ    1 
ATOM   757  O  OH    . TYR A 1 97  ? 11.060  -1.087  -4.349  1    22.33  ? 96  TYR A OH    1 
ATOM   758  N  N     . ARG A 1 98  ? 6.091   -8.151  -4.547  1    17.43  ? 97  ARG A N     1 
ATOM   759  C  CA    . ARG A 1 98  ? 5.190   -9.273  -4.293  1    18.65  ? 97  ARG A CA    1 
ATOM   760  C  C     . ARG A 1 98  ? 6.005   -10.521 -3.849  1    18.81  ? 97  ARG A C     1 
ATOM   761  O  O     . ARG A 1 98  ? 5.608   -11.209 -2.905  1    18.95  ? 97  ARG A O     1 
ATOM   762  C  CB    . ARG A 1 98  ? 4.344   -9.561  -5.548  1    20.4   ? 97  ARG A CB    1 
ATOM   763  C  CG    . ARG A 1 98  ? 3.717   -10.957 -5.597  1    25.3   ? 97  ARG A CG    1 
ATOM   764  C  CD    . ARG A 1 98  ? 2.291   -11.004 -5.127  1    29.98  ? 97  ARG A CD    1 
ATOM   765  N  NE    . ARG A 1 98  ? 1.748   -12.360 -5.255  1    34.32  ? 97  ARG A NE    1 
ATOM   766  C  CZ    . ARG A 1 98  ? 0.915   -12.919 -4.380  1    38.03  ? 97  ARG A CZ    1 
ATOM   767  N  NH1   . ARG A 1 98  ? 0.501   -12.239 -3.321  1    37.13  ? 97  ARG A NH1   1 
ATOM   768  N  NH2   . ARG A 1 98  ? 0.469   -14.155 -4.575  1    38.94  ? 97  ARG A NH2   1 
ATOM   769  N  N     . GLU A 1 99  ? 7.143   -10.786 -4.500  1    18.36  ? 98  GLU A N     1 
ATOM   770  C  CA    . GLU A 1 99  ? 8.019   -11.911 -4.118  1    19.17  ? 98  GLU A CA    1 
ATOM   771  C  C     . GLU A 1 99  ? 8.583   -11.700 -2.692  1    19.29  ? 98  GLU A C     1 
ATOM   772  O  O     . GLU A 1 99  ? 8.707   -12.640 -1.909  1    19.18  ? 98  GLU A O     1 
ATOM   773  C  CB    . GLU A 1 99  ? 9.168   -12.073 -5.140  1    21.09  ? 98  GLU A CB    1 
ATOM   774  C  CG    . GLU A 1 99  ? 8.710   -12.592 -6.489  1    27.32  ? 98  GLU A CG    1 
ATOM   775  C  CD    . GLU A 1 99  ? 8.033   -13.950 -6.456  1    35.56  ? 98  GLU A CD    1 
ATOM   776  O  OE1   . GLU A 1 99  ? 8.527   -14.847 -5.738  1    37.76  ? 98  GLU A OE1   1 
ATOM   777  O  OE2   . GLU A 1 99  ? 7.005   -14.119 -7.147  1    39.14  ? 98  GLU A OE2   1 
ATOM   778  N  N     . GLN A 1 100 ? 8.918   -10.461 -2.365  1    19.42  ? 99  GLN A N     1 
ATOM   779  C  CA    . GLN A 1 100 ? 9.411   -10.082 -1.059  1    19.81  ? 99  GLN A CA    1 
ATOM   780  C  C     . GLN A 1 100 ? 8.327   -10.336 0.005   1    20.31  ? 99  GLN A C     1 
ATOM   781  O  O     . GLN A 1 100 ? 8.620   -10.915 1.044   1    19.77  ? 99  GLN A O     1 
ATOM   782  C  CB    . GLN A 1 100 ? 9.807   -8.610  -1.091  1    21.09  ? 99  GLN A CB    1 
ATOM   783  C  CG    . GLN A 1 100 ? 10.161  -7.992  0.247   1    23.38  ? 99  GLN A CG    1 
ATOM   784  C  CD    . GLN A 1 100 ? 10.598  -6.574  -0.015  1    28.71  ? 99  GLN A CD    1 
ATOM   785  O  OE1   . GLN A 1 100 ? 9.806   -5.638  0.021   1    29.24  ? 99  GLN A OE1   1 
ATOM   786  N  NE2   . GLN A 1 100 ? 11.865  -6.388  -0.345  1    31.06  ? 99  GLN A NE2   1 
ATOM   787  N  N     . ILE A 1 101 ? 7.078   -9.929  -0.271  1    20.2   ? 100 ILE A N     1 
ATOM   788  C  CA    . ILE A 1 101 ? 5.983   -10.139 0.667   1    20.55  ? 100 ILE A CA    1 
ATOM   789  C  C     . ILE A 1 101 ? 5.723   -11.627 0.873   1    19.77  ? 100 ILE A C     1 
ATOM   790  O  O     . ILE A 1 101 ? 5.596   -12.066 2.016   1    19.44  ? 100 ILE A O     1 
ATOM   791  C  CB    . ILE A 1 101 ? 4.743   -9.334  0.240   1    21.96  ? 100 ILE A CB    1 
ATOM   792  C  CG1   . ILE A 1 101 ? 5.006   -7.842  0.503   1    22.71  ? 100 ILE A CG1   1 
ATOM   793  C  CG2   . ILE A 1 101 ? 3.478   -9.789  1.007   1    23.21  ? 100 ILE A CG2   1 
ATOM   794  C  CD1   . ILE A 1 101 ? 4.178   -6.968  -0.351  1    23.82  ? 100 ILE A CD1   1 
ATOM   795  N  N     . LYS A 1 102 ? 5.750   -12.413 -0.207  1    19.58  ? 101 LYS A N     1 
ATOM   796  C  CA    . LYS A 1 102 ? 5.564   -13.865 -0.119  1    20.06  ? 101 LYS A CA    1 
ATOM   797  C  C     . LYS A 1 102 ? 6.665   -14.502 0.752   1    21.08  ? 101 LYS A C     1 
ATOM   798  O  O     . LYS A 1 102 ? 6.385   -15.389 1.548   1    20.89  ? 101 LYS A O     1 
ATOM   799  C  CB    . LYS A 1 102 ? 5.556   -14.498 -1.516  1    21.12  ? 101 LYS A CB    1 
ATOM   800  C  CG    . LYS A 1 102 ? 4.223   -14.296 -2.245  1    25.76  ? 101 LYS A CG    1 
ATOM   801  C  CD    . LYS A 1 102 ? 4.358   -14.408 -3.754  1    32.08  ? 101 LYS A CD    1 
ATOM   802  C  CE    . LYS A 1 102 ? 4.792   -15.765 -4.230  1    36.57  ? 101 LYS A CE    1 
ATOM   803  N  NZ    . LYS A 1 102 ? 4.936   -15.809 -5.714  1    39.07  ? 101 LYS A NZ    1 
ATOM   804  N  N     . ARG A 1 103 ? 7.901   -14.042 0.590   1    21.2   ? 102 ARG A N     1 
ATOM   805  C  CA    . ARG A 1 103 ? 9.034   -14.533 1.353   1    22.32  ? 102 ARG A CA    1 
ATOM   806  C  C     . ARG A 1 103 ? 8.897   -14.174 2.839   1    23.26  ? 102 ARG A C     1 
ATOM   807  O  O     . ARG A 1 103 ? 9.012   -15.077 3.667   1    23.25  ? 102 ARG A O     1 
ATOM   808  C  CB    . ARG A 1 103 ? 10.347  -13.983 0.785   1    23.8   ? 102 ARG A CB    1 
ATOM   809  C  CG    . ARG A 1 103 ? 11.580  -14.717 1.277   1    28.15  ? 102 ARG A CG    1 
ATOM   810  C  CD    . ARG A 1 103 ? 12.827  -13.860 1.166   1    31.03  ? 102 ARG A CD    1 
ATOM   811  N  NE    . ARG A 1 103 ? 12.860  -12.890 2.254   1    35.05  ? 102 ARG A NE    1 
ATOM   812  C  CZ    . ARG A 1 103 ? 12.998  -11.578 2.094   1    37.87  ? 102 ARG A CZ    1 
ATOM   813  N  NH1   . ARG A 1 103 ? 13.148  -11.062 0.879   1    37.47  ? 102 ARG A NH1   1 
ATOM   814  N  NH2   . ARG A 1 103 ? 12.995  -10.773 3.149   1    37.63  ? 102 ARG A NH2   1 
ATOM   815  N  N     . VAL A 1 104 ? 8.642   -12.878 3.183   1    23.33  ? 103 VAL A N     1 
ATOM   816  C  CA    . VAL A 1 104 ? 8.515   -12.488 4.587   1    23.91  ? 103 VAL A CA    1 
ATOM   817  C  C     . VAL A 1 104 ? 7.359   -13.195 5.292   1    23.43  ? 103 VAL A C     1 
ATOM   818  O  O     . VAL A 1 104 ? 7.477   -13.451 6.482   1    23.64  ? 103 VAL A O     1 
ATOM   819  C  CB    . VAL A 1 104 ? 8.494   -10.958 4.884   1    25.23  ? 103 VAL A CB    1 
ATOM   820  C  CG1   . VAL A 1 104 ? 9.538   -10.209 4.077   1    25.27  ? 103 VAL A CG1   1 
ATOM   821  C  CG2   . VAL A 1 104 ? 7.112   -10.360 4.683   1    26.61  ? 103 VAL A CG2   1 
ATOM   822  N  N     . LYS A 1 105 ? 6.256   -13.518 4.588   1    22.74  ? 104 LYS A N     1 
ATOM   823  C  CA    . LYS A 1 105 ? 5.126   -14.193 5.229   1    22.64  ? 104 LYS A CA    1 
ATOM   824  C  C     . LYS A 1 105 ? 5.108   -15.708 5.015   1    23.01  ? 104 LYS A C     1 
ATOM   825  O  O     . LYS A 1 105 ? 4.212   -16.370 5.541   1    23.21  ? 104 LYS A O     1 
ATOM   826  C  CB    . LYS A 1 105 ? 3.795   -13.599 4.737   1    23.12  ? 104 LYS A CB    1 
ATOM   827  C  CG    . LYS A 1 105 ? 3.691   -12.098 4.939   1    24.25  ? 104 LYS A CG    1 
ATOM   828  C  CD    . LYS A 1 105 ? 3.715   -11.694 6.416   1    24.88  ? 104 LYS A CD    1 
ATOM   829  C  CE    . LYS A 1 105 ? 2.521   -12.197 7.177   1    27.54  ? 104 LYS A CE    1 
ATOM   830  N  NZ    . LYS A 1 105 ? 2.505   -11.655 8.574   1    28.86  ? 104 LYS A NZ    1 
ATOM   831  N  N     . ASP A 1 106 ? 6.061   -16.253 4.221   1    22.46  ? 105 ASP A N     1 
ATOM   832  C  CA    . ASP A 1 106 ? 6.161   -17.650 3.790   1    23.35  ? 105 ASP A CA    1 
ATOM   833  C  C     . ASP A 1 106 ? 4.790   -18.153 3.310   1    24.14  ? 105 ASP A C     1 
ATOM   834  O  O     . ASP A 1 106 ? 4.260   -19.122 3.856   1    24.14  ? 105 ASP A O     1 
ATOM   835  C  CB    . ASP A 1 106 ? 6.744   -18.555 4.887   1    24.75  ? 105 ASP A CB    1 
ATOM   836  C  CG    . ASP A 1 106 ? 6.930   -19.970 4.386   1    27.45  ? 105 ASP A CG    1 
ATOM   837  O  OD1   . ASP A 1 106 ? 7.305   -20.135 3.202   1    26.5   ? 105 ASP A OD1   1 
ATOM   838  O  OD2   . ASP A 1 106 ? 6.629   -20.908 5.146   1    30.06  ? 105 ASP A OD2   1 
ATOM   839  N  N     . SER A 1 107 ? 4.177   -17.422 2.367   1    24.35  ? 106 SER A N     1 
ATOM   840  C  CA    . SER A 1 107 ? 2.833   -17.746 1.917   1    24.89  ? 106 SER A CA    1 
ATOM   841  C  C     . SER A 1 107 ? 2.507   -17.099 0.578   1    25.53  ? 106 SER A C     1 
ATOM   842  O  O     . SER A 1 107 ? 3.009   -16.025 0.260   1    25.11  ? 106 SER A O     1 
ATOM   843  C  CB    . SER A 1 107 ? 1.824   -17.272 2.963   1    26.4   ? 106 SER A CB    1 
ATOM   844  O  OG    . SER A 1 107 ? 0.481   -17.406 2.529   1    28.94  ? 106 SER A OG    1 
ATOM   845  N  N     . GLU A 1 108 ? 1.658   -17.759 -0.207  1    25.97  ? 107 GLU A N     1 
ATOM   846  C  CA    . GLU A 1 108 ? 1.174   -17.185 -1.460  1    27.1   ? 107 GLU A CA    1 
ATOM   847  C  C     . GLU A 1 108 ? -0.227  -16.557 -1.286  1    27.17  ? 107 GLU A C     1 
ATOM   848  O  O     . GLU A 1 108 ? -0.799  -16.069 -2.261  1    27.38  ? 107 GLU A O     1 
ATOM   849  C  CB    . GLU A 1 108 ? 1.133   -18.253 -2.554  1    31.37  ? 107 GLU A CB    1 
ATOM   850  C  CG    . GLU A 1 108 ? 2.507   -18.589 -3.101  1    40.02  ? 107 GLU A CG    1 
ATOM   851  C  CD    . GLU A 1 108 ? 2.580   -19.885 -3.885  1    50.66  ? 107 GLU A CD    1 
ATOM   852  O  OE1   . GLU A 1 108 ? 1.689   -20.746 -3.695  1    53.64  ? 107 GLU A OE1   1 
ATOM   853  O  OE2   . GLU A 1 108 ? 3.534   -20.045 -4.681  1    54.12  ? 107 GLU A OE2   1 
ATOM   854  N  N     . ASP A 1 109 ? -0.778  -16.569 -0.052  1    26.44  ? 108 ASP A N     1 
ATOM   855  C  CA    . ASP A 1 109 ? -2.103  -16.087 0.261   1    26.51  ? 108 ASP A CA    1 
ATOM   856  C  C     . ASP A 1 109 ? -1.978  -14.979 1.294   1    25.12  ? 108 ASP A C     1 
ATOM   857  O  O     . ASP A 1 109 ? -2.348  -15.156 2.451   1    26.48  ? 108 ASP A O     1 
ATOM   858  C  CB    . ASP A 1 109 ? -2.946  -17.258 0.796   1    29.64  ? 108 ASP A CB    1 
ATOM   859  C  CG    . ASP A 1 109 ? -4.392  -16.911 1.046   1    38.07  ? 108 ASP A CG    1 
ATOM   860  O  OD1   . ASP A 1 109 ? -4.987  -17.496 1.982   1    40.04  ? 108 ASP A OD1   1 
ATOM   861  O  OD2   . ASP A 1 109 ? -4.927  -16.039 0.319   1    41.07  ? 108 ASP A OD2   1 
ATOM   862  N  N     . VAL A 1 110 ? -1.425  -13.837 0.883   1    22.47  ? 109 VAL A N     1 
ATOM   863  C  CA    . VAL A 1 110 ? -1.224  -12.722 1.794   1    20.55  ? 109 VAL A CA    1 
ATOM   864  C  C     . VAL A 1 110 ? -2.190  -11.606 1.456   1    18.7   ? 109 VAL A C     1 
ATOM   865  O  O     . VAL A 1 110 ? -2.269  -11.234 0.290   1    19.38  ? 109 VAL A O     1 
ATOM   866  C  CB    . VAL A 1 110 ? 0.232   -12.216 1.705   1    21.24  ? 109 VAL A CB    1 
ATOM   867  C  CG1   . VAL A 1 110 ? 0.473   -11.038 2.656   1    21.28  ? 109 VAL A CG1   1 
ATOM   868  C  CG2   . VAL A 1 110 ? 1.220   -13.355 1.962   1    21.96  ? 109 VAL A CG2   1 
ATOM   869  N  N     . PRO A 1 111 ? -2.889  -11.028 2.456   1    16.71  ? 110 PRO A N     1 
ATOM   870  C  CA    . PRO A 1 111 ? -3.785  -9.882  2.191   1    15.99  ? 110 PRO A CA    1 
ATOM   871  C  C     . PRO A 1 111 ? -2.984  -8.764  1.542   1    16.52  ? 110 PRO A C     1 
ATOM   872  O  O     . PRO A 1 111 ? -1.937  -8.374  2.077   1    16.54  ? 110 PRO A O     1 
ATOM   873  C  CB    . PRO A 1 111 ? -4.252  -9.484  3.590   1    16.42  ? 110 PRO A CB    1 
ATOM   874  C  CG    . PRO A 1 111 ? -4.226  -10.794 4.364   1    16.89  ? 110 PRO A CG    1 
ATOM   875  C  CD    . PRO A 1 111 ? -2.916  -11.401 3.887   1    15.7   ? 110 PRO A CD    1 
ATOM   876  N  N     . MET A 1 112 ? -3.393  -8.363  0.338   1    15.97  ? 111 MET A N     1 
ATOM   877  C  CA    . MET A 1 112 ? -2.623  -7.413  -0.449  1    16.26  ? 111 MET A CA    1 
ATOM   878  C  C     . MET A 1 112 ? -3.516  -6.668  -1.434  1    15.7   ? 111 MET A C     1 
ATOM   879  O  O     . MET A 1 112 ? -4.499  -7.234  -1.921  1    16.75  ? 111 MET A O     1 
ATOM   880  C  CB    . MET A 1 112 ? -1.587  -8.245  -1.228  1    18.14  ? 111 MET A CB    1 
ATOM   881  C  CG    . MET A 1 112 ? -0.611  -7.464  -2.065  1    20.98  ? 111 MET A CG    1 
ATOM   882  S  SD    . MET A 1 112 ? 0.511   -8.645  -2.900  1    25.09  ? 111 MET A SD    1 
ATOM   883  C  CE    . MET A 1 112 ? 1.303   -9.296  -1.579  1    23.61  ? 111 MET A CE    1 
ATOM   884  N  N     . VAL A 1 113 ? -3.201  -5.391  -1.696  1    14.62  ? 112 VAL A N     1 
ATOM   885  C  CA    . VAL A 1 113 ? -3.921  -4.557  -2.657  1    13.88  ? 112 VAL A CA    1 
ATOM   886  C  C     . VAL A 1 113 ? -2.886  -3.902  -3.569  1    14     ? 112 VAL A C     1 
ATOM   887  O  O     . VAL A 1 113 ? -1.889  -3.361  -3.084  1    14.56  ? 112 VAL A O     1 
ATOM   888  C  CB    . VAL A 1 113 ? -4.814  -3.508  -1.960  1    14.36  ? 112 VAL A CB    1 
ATOM   889  C  CG1   . VAL A 1 113 ? -5.399  -2.503  -2.961  1    14.94  ? 112 VAL A CG1   1 
ATOM   890  C  CG2   . VAL A 1 113 ? -5.931  -4.179  -1.140  1    14.1   ? 112 VAL A CG2   1 
ATOM   891  N  N     . LEU A 1 114 ? -3.086  -4.005  -4.893  1    12.8   ? 113 LEU A N     1 
ATOM   892  C  CA    . LEU A 1 114 ? -2.195  -3.360  -5.853  1    12.22  ? 113 LEU A CA    1 
ATOM   893  C  C     . LEU A 1 114 ? -2.741  -1.956  -6.034  1    12     ? 113 LEU A C     1 
ATOM   894  O  O     . LEU A 1 114 ? -3.920  -1.784  -6.363  1    11.39  ? 113 LEU A O     1 
ATOM   895  C  CB    . LEU A 1 114 ? -2.237  -4.085  -7.191  1    11.8   ? 113 LEU A CB    1 
ATOM   896  C  CG    . LEU A 1 114 ? -1.396  -3.447  -8.318  1    11.79  ? 113 LEU A CG    1 
ATOM   897  C  CD1   . LEU A 1 114 ? 0.104   -3.569  -7.992  1    11.1   ? 113 LEU A CD1   1 
ATOM   898  C  CD2   . LEU A 1 114 ? -1.671  -4.129  -9.634  1    12.21  ? 113 LEU A CD2   1 
ATOM   899  N  N     . VAL A 1 115 ? -1.912  -0.957  -5.753  1    11.72  ? 114 VAL A N     1 
ATOM   900  C  CA    . VAL A 1 115 ? -2.315  0.441   -5.840  1    11.93  ? 114 VAL A CA    1 
ATOM   901  C  C     . VAL A 1 115 ? -1.583  1.176   -6.970  1    12.13  ? 114 VAL A C     1 
ATOM   902  O  O     . VAL A 1 115 ? -0.348  1.205   -6.996  1    12.73  ? 114 VAL A O     1 
ATOM   903  C  CB    . VAL A 1 115 ? -2.070  1.144   -4.478  1    13.13  ? 114 VAL A CB    1 
ATOM   904  C  CG1   . VAL A 1 115 ? -2.337  2.650   -4.565  1    13.64  ? 114 VAL A CG1   1 
ATOM   905  C  CG2   . VAL A 1 115 ? -2.904  0.507   -3.357  1    13.19  ? 114 VAL A CG2   1 
ATOM   906  N  N     . GLY A 1 116 ? -2.352  1.795   -7.859  1    11.56  ? 115 GLY A N     1 
ATOM   907  C  CA    . GLY A 1 116 ? -1.831  2.647   -8.923  1    12.08  ? 115 GLY A CA    1 
ATOM   908  C  C     . GLY A 1 116 ? -1.991  4.105   -8.531  1    12.22  ? 115 GLY A C     1 
ATOM   909  O  O     . GLY A 1 116 ? -3.056  4.688   -8.721  1    12.29  ? 115 GLY A O     1 
ATOM   910  N  N     . ASN A 1 117 ? -0.947  4.691   -7.929  1    11.87  ? 116 ASN A N     1 
ATOM   911  C  CA    . ASN A 1 117 ? -0.991  6.048   -7.408  1    11.79  ? 116 ASN A CA    1 
ATOM   912  C  C     . ASN A 1 117 ? -0.691  7.120   -8.466  1    13.47  ? 116 ASN A C     1 
ATOM   913  O  O     . ASN A 1 117 ? -0.234  6.802   -9.575  1    14.42  ? 116 ASN A O     1 
ATOM   914  C  CB    . ASN A 1 117 ? -0.085  6.201   -6.164  1    10.98  ? 116 ASN A CB    1 
ATOM   915  C  CG    . ASN A 1 117 ? -0.312  7.503   -5.402  1    13.02  ? 116 ASN A CG    1 
ATOM   916  O  OD1   . ASN A 1 117 ? -1.457  7.921   -5.184  1    14.1   ? 116 ASN A OD1   1 
ATOM   917  N  ND2   . ASN A 1 117 ? 0.760   8.191   -5.032  1    12.67  ? 116 ASN A ND2   1 
ATOM   918  N  N     . LYS A 1 118 ? -0.995  8.393   -8.124  1    13.25  ? 117 LYS A N     1 
ATOM   919  C  CA    . LYS A 1 118 ? -0.826  9.586   -8.966  1    14.12  ? 117 LYS A CA    1 
ATOM   920  C  C     . LYS A 1 118 ? -1.819  9.609   -10.115 1    14.93  ? 117 LYS A C     1 
ATOM   921  O  O     . LYS A 1 118 ? -1.497  10.114  -11.198 1    14.52  ? 117 LYS A O     1 
ATOM   922  C  CB    . LYS A 1 118 ? 0.614   9.760   -9.474  1    14.18  ? 117 LYS A CB    1 
ATOM   923  C  CG    . LYS A 1 118 ? 1.676   9.512   -8.396  1    15.16  ? 117 LYS A CG    1 
ATOM   924  C  CD    . LYS A 1 118 ? 2.983   10.204  -8.735  1    16.41  ? 117 LYS A CD    1 
ATOM   925  C  CE    . LYS A 1 118 ? 4.048   9.868   -7.716  1    17.8   ? 117 LYS A CE    1 
ATOM   926  N  NZ    . LYS A 1 118 ? 5.378   10.390  -8.142  1    18.16  ? 117 LYS A NZ    1 
ATOM   927  N  N     . CYS A 1 119 ? -3.035  9.114   -9.871  1    15.38  ? 118 CYS A N     1 
ATOM   928  C  CA    . CYS A 1 119 ? -4.050  9.074   -10.925 1    17.3   ? 118 CYS A CA    1 
ATOM   929  C  C     . CYS A 1 119 ? -4.528  10.477  -11.360 1    17.88  ? 118 CYS A C     1 
ATOM   930  O  O     . CYS A 1 119 ? -5.153  10.586  -12.412 1    18.46  ? 118 CYS A O     1 
ATOM   931  C  CB    . CYS A 1 119 ? -5.214  8.162   -10.558 1    18.48  ? 118 CYS A CB    1 
ATOM   932  S  SG    . CYS A 1 119 ? -6.294  8.820   -9.250  1    24.39  ? 118 CYS A SG    1 
ATOM   933  N  N     . ASP A 1 120 ? -4.168  11.539  -10.620 1    17.64  ? 119 ASP A N     1 
ATOM   934  C  CA    . ASP A 1 120 ? -4.483  12.920  -11.002 1    18.56  ? 119 ASP A CA    1 
ATOM   935  C  C     . ASP A 1 120 ? -3.548  13.428  -12.135 1    20.07  ? 119 ASP A C     1 
ATOM   936  O  O     . ASP A 1 120 ? -3.862  14.424  -12.797 1    20.4   ? 119 ASP A O     1 
ATOM   937  C  CB    . ASP A 1 120 ? -4.305  13.835  -9.772  1    19.43  ? 119 ASP A CB    1 
ATOM   938  C  CG    . ASP A 1 120 ? -2.898  13.783  -9.200  1    21.74  ? 119 ASP A CG    1 
ATOM   939  O  OD1   . ASP A 1 120 ? -2.546  12.754  -8.579  1    21.35  ? 119 ASP A OD1   1 
ATOM   940  O  OD2   . ASP A 1 120 ? -2.138  14.753  -9.397  1    22.86  ? 119 ASP A OD2   1 
ATOM   941  N  N     . LEU A 1 121 ? -2.365  12.810  -12.305 1    20.63  ? 120 LEU A N     1 
ATOM   942  C  CA    . LEU A 1 121 ? -1.401  13.262  -13.307 1    21.72  ? 120 LEU A CA    1 
ATOM   943  C  C     . LEU A 1 121 ? -1.788  12.844  -14.727 1    24.25  ? 120 LEU A C     1 
ATOM   944  O  O     . LEU A 1 121 ? -2.172  11.706  -14.960 1    24.79  ? 120 LEU A O     1 
ATOM   945  C  CB    . LEU A 1 121 ? 0.016   12.760  -12.991 1    20.9   ? 120 LEU A CB    1 
ATOM   946  C  CG    . LEU A 1 121 ? 0.696   13.365  -11.772 1    21.44  ? 120 LEU A CG    1 
ATOM   947  C  CD1   . LEU A 1 121 ? 2.082   12.806  -11.607 1    22.18  ? 120 LEU A CD1   1 
ATOM   948  C  CD2   . LEU A 1 121 ? 0.800   14.902  -11.875 1    21.11  ? 120 LEU A CD2   1 
ATOM   949  N  N     . PRO A 1 122 ? -1.574  13.725  -15.712 1    25.23  ? 121 PRO A N     1 
ATOM   950  C  CA    . PRO A 1 122 ? -1.924  13.369  -17.105 1    26.27  ? 121 PRO A CA    1 
ATOM   951  C  C     . PRO A 1 122 ? -0.882  12.548  -17.885 1    27.92  ? 121 PRO A C     1 
ATOM   952  O  O     . PRO A 1 122 ? -1.177  12.147  -19.008 1    29.75  ? 121 PRO A O     1 
ATOM   953  C  CB    . PRO A 1 122 ? -2.103  14.736  -17.759 1    26.38  ? 121 PRO A CB    1 
ATOM   954  C  CG    . PRO A 1 122 ? -1.128  15.611  -17.023 1    26.06  ? 121 PRO A CG    1 
ATOM   955  C  CD    . PRO A 1 122 ? -1.127  15.128  -15.597 1    24.56  ? 121 PRO A CD    1 
ATOM   956  N  N     . SER A 1 123 ? 0.323   12.300  -17.339 1    27.51  ? 122 SER A N     1 
ATOM   957  C  CA    . SER A 1 123 ? 1.364   11.566  -18.084 1    27.81  ? 122 SER A CA    1 
ATOM   958  C  C     . SER A 1 123 ? 1.351   10.032  -17.884 1    27.04  ? 122 SER A C     1 
ATOM   959  O  O     . SER A 1 123 ? 2.403   9.416   -17.616 1    28.32  ? 122 SER A O     1 
ATOM   960  C  CB    . SER A 1 123 ? 2.743   12.132  -17.768 1    30.45  ? 122 SER A CB    1 
ATOM   961  O  OG    . SER A 1 123 ? 2.916   12.236  -16.364 1    34.37  ? 122 SER A OG    1 
ATOM   962  N  N     . ARG A 1 124 ? 0.180   9.414   -18.074 1    24.03  ? 123 ARG A N     1 
ATOM   963  C  CA    . ARG A 1 124 ? 0.000   7.983   -17.893 1    21.49  ? 123 ARG A CA    1 
ATOM   964  C  C     . ARG A 1 124 ? 0.842   7.107   -18.826 1    19.73  ? 123 ARG A C     1 
ATOM   965  O  O     . ARG A 1 124 ? 0.805   7.272   -20.045 1    19.87  ? 123 ARG A O     1 
ATOM   966  C  CB    . ARG A 1 124 ? -1.476  7.624   -18.044 1    21.3   ? 123 ARG A CB    1 
ATOM   967  C  CG    . ARG A 1 124 ? -1.768  6.198   -17.720 1    20.81  ? 123 ARG A CG    1 
ATOM   968  C  CD    . ARG A 1 124 ? -3.175  5.792   -18.076 1    21.95  ? 123 ARG A CD    1 
ATOM   969  N  NE    . ARG A 1 124 ? -4.152  6.263   -17.093 1    23.97  ? 123 ARG A NE    1 
ATOM   970  C  CZ    . ARG A 1 124 ? -4.492  5.602   -15.986 1    23.38  ? 123 ARG A CZ    1 
ATOM   971  N  NH1   . ARG A 1 124 ? -3.896  4.459   -15.676 1    20.67  ? 123 ARG A NH1   1 
ATOM   972  N  NH2   . ARG A 1 124 ? -5.414  6.094   -15.170 1    22.31  ? 123 ARG A NH2   1 
ATOM   973  N  N     . THR A 1 125 ? 1.601   6.181   -18.246 1    17.51  ? 124 THR A N     1 
ATOM   974  C  CA    . THR A 1 125 ? 2.380   5.197   -19.001 1    16.55  ? 124 THR A CA    1 
ATOM   975  C  C     . THR A 1 125 ? 1.947   3.753   -18.645 1    15.69  ? 124 THR A C     1 
ATOM   976  O  O     . THR A 1 125 ? 2.310   2.833   -19.352 1    15.57  ? 124 THR A O     1 
ATOM   977  C  CB    . THR A 1 125 ? 3.888   5.442   -18.893 1    16.47  ? 124 THR A CB    1 
ATOM   978  O  OG1   . THR A 1 125 ? 4.306   5.336   -17.529 1    17.12  ? 124 THR A OG1   1 
ATOM   979  C  CG2   . THR A 1 125 ? 4.299   6.822   -19.457 1    15.71  ? 124 THR A CG2   1 
ATOM   980  N  N     . VAL A 1 126 ? 1.168   3.562   -17.578 1    15.64  ? 125 VAL A N     1 
ATOM   981  C  CA    . VAL A 1 126 ? 0.668   2.247   -17.166 1    16.37  ? 125 VAL A CA    1 
ATOM   982  C  C     . VAL A 1 126 ? -0.844  2.267   -17.321 1    16.56  ? 125 VAL A C     1 
ATOM   983  O  O     . VAL A 1 126 ? -1.539  2.999   -16.621 1    16.69  ? 125 VAL A O     1 
ATOM   984  C  CB    . VAL A 1 126 ? 1.094   1.879   -15.732 1    17.15  ? 125 VAL A CB    1 
ATOM   985  C  CG1   . VAL A 1 126 ? 0.644   0.466   -15.380 1    18.04  ? 125 VAL A CG1   1 
ATOM   986  C  CG2   . VAL A 1 126 ? 2.611   2.011   -15.576 1    17.95  ? 125 VAL A CG2   1 
ATOM   987  N  N     . ASP A 1 127 ? -1.342  1.504   -18.269 1    16.54  ? 126 ASP A N     1 
ATOM   988  C  CA    . ASP A 1 127 ? -2.765  1.443   -18.552 1    17.41  ? 126 ASP A CA    1 
ATOM   989  C  C     . ASP A 1 127 ? -3.487  0.663   -17.470 1    17.51  ? 126 ASP A C     1 
ATOM   990  O  O     . ASP A 1 127 ? -2.933  -0.292  -16.914 1    17.66  ? 126 ASP A O     1 
ATOM   991  C  CB    . ASP A 1 127 ? -2.995  0.779   -19.913 1    20.52  ? 126 ASP A CB    1 
ATOM   992  C  CG    . ASP A 1 127 ? -4.423  0.939   -20.385 1    26.39  ? 126 ASP A CG    1 
ATOM   993  O  OD1   . ASP A 1 127 ? -4.712  1.954   -21.055 1    27.57  ? 126 ASP A OD1   1 
ATOM   994  O  OD2   . ASP A 1 127 ? -5.267  0.062   -20.048 1    27.06  ? 126 ASP A OD2   1 
ATOM   995  N  N     . THR A 1 128 ? -4.733  1.033   -17.181 1    17.55  ? 127 THR A N     1 
ATOM   996  C  CA    . THR A 1 128 ? -5.534  0.305   -16.182 1    18.47  ? 127 THR A CA    1 
ATOM   997  C  C     . THR A 1 128 ? -5.634  -1.214  -16.499 1    18.82  ? 127 THR A C     1 
ATOM   998  O  O     . THR A 1 128 ? -5.596  -2.009  -15.585 1    18.83  ? 127 THR A O     1 
ATOM   999  C  CB    . THR A 1 128 ? -6.903  0.962   -15.993 1    19.94  ? 127 THR A CB    1 
ATOM   1000 O  OG1   . THR A 1 128 ? -7.598  0.295   -14.924 1    20.88  ? 127 THR A OG1   1 
ATOM   1001 C  CG2   . THR A 1 128 ? -7.746  0.924   -17.264 1    20.87  ? 127 THR A CG2   1 
ATOM   1002 N  N     . LYS A 1 129 ? -5.651  -1.608  -17.782 1    19.36  ? 128 LYS A N     1 
ATOM   1003 C  CA    . LYS A 1 129 ? -5.731  -3.020  -18.157 1    19.43  ? 128 LYS A CA    1 
ATOM   1004 C  C     . LYS A 1 129 ? -4.460  -3.761  -17.858 1    18.78  ? 128 LYS A C     1 
ATOM   1005 O  O     . LYS A 1 129 ? -4.531  -4.928  -17.491 1    19.18  ? 128 LYS A O     1 
ATOM   1006 C  CB    . LYS A 1 129 ? -6.174  -3.195  -19.615 1    22.34  ? 128 LYS A CB    1 
ATOM   1007 C  CG    . LYS A 1 129 ? -7.592  -2.673  -19.849 1    26.53  ? 128 LYS A CG    1 
ATOM   1008 C  CD    . LYS A 1 129 ? -8.618  -3.555  -19.137 1    30.71  ? 128 LYS A CD    1 
ATOM   1009 C  CE    . LYS A 1 129 ? -9.984  -2.932  -19.098 1    33.81  ? 128 LYS A CE    1 
ATOM   1010 N  NZ    . LYS A 1 129 ? -10.910 -3.705  -18.207 1    36.39  ? 128 LYS A NZ    1 
ATOM   1011 N  N     . GLN A 1 130 ? -3.291  -3.093  -17.940 1    17.88  ? 129 GLN A N     1 
ATOM   1012 C  CA    . GLN A 1 130 ? -2.027  -3.745  -17.562 1    17.51  ? 129 GLN A CA    1 
ATOM   1013 C  C     . GLN A 1 130 ? -2.060  -4.068  -16.065 1    16.79  ? 129 GLN A C     1 
ATOM   1014 O  O     . GLN A 1 130 ? -1.699  -5.181  -15.666 1    17.11  ? 129 GLN A O     1 
ATOM   1015 C  CB    . GLN A 1 130 ? -0.824  -2.831  -17.859 1    18.53  ? 129 GLN A CB    1 
ATOM   1016 C  CG    . GLN A 1 130 ? -0.529  -2.665  -19.345 1    20.03  ? 129 GLN A CG    1 
ATOM   1017 C  CD    . GLN A 1 130 ? 0.548   -1.620  -19.545 1    23.86  ? 129 GLN A CD    1 
ATOM   1018 O  OE1   . GLN A 1 130 ? 0.272   -0.419  -19.665 1    24.11  ? 129 GLN A OE1   1 
ATOM   1019 N  NE2   . GLN A 1 130 ? 1.804   -2.056  -19.573 1    23.73  ? 129 GLN A NE2   1 
ATOM   1020 N  N     . ALA A 1 131 ? -2.511  -3.103  -15.246 1    15.68  ? 130 ALA A N     1 
ATOM   1021 C  CA    . ALA A 1 131 ? -2.568  -3.296  -13.788 1    16.4   ? 130 ALA A CA    1 
ATOM   1022 C  C     . ALA A 1 131 ? -3.642  -4.300  -13.404 1    16.48  ? 130 ALA A C     1 
ATOM   1023 O  O     . ALA A 1 131 ? -3.419  -5.127  -12.514 1    16.77  ? 130 ALA A O     1 
ATOM   1024 C  CB    . ALA A 1 131 ? -2.815  -1.976  -13.101 1    15.65  ? 130 ALA A CB    1 
ATOM   1025 N  N     . GLN A 1 132 ? -4.788  -4.267  -14.099 1    16.14  ? 131 GLN A N     1 
ATOM   1026 C  CA    . GLN A 1 132 ? -5.837  -5.263  -13.867 1    17.1   ? 131 GLN A CA    1 
ATOM   1027 C  C     . GLN A 1 132 ? -5.316  -6.690  -14.184 1    18.35  ? 131 GLN A C     1 
ATOM   1028 O  O     . GLN A 1 132 ? -5.617  -7.610  -13.431 1    19.47  ? 131 GLN A O     1 
ATOM   1029 C  CB    . GLN A 1 132 ? -7.120  -4.955  -14.686 1    17.1   ? 131 GLN A CB    1 
ATOM   1030 C  CG    . GLN A 1 132 ? -7.917  -3.744  -14.188 1    18.01  ? 131 GLN A CG    1 
ATOM   1031 C  CD    . GLN A 1 132 ? -9.079  -3.451  -15.106 1    19.63  ? 131 GLN A CD    1 
ATOM   1032 O  OE1   . GLN A 1 132 ? -9.765  -4.367  -15.579 1    22.71  ? 131 GLN A OE1   1 
ATOM   1033 N  NE2   . GLN A 1 132 ? -9.344  -2.183  -15.366 1    17.05  ? 131 GLN A NE2   1 
ATOM   1034 N  N     . ASP A 1 133 ? -4.537  -6.873  -15.272 1    18.49  ? 132 ASP A N     1 
ATOM   1035 C  CA    . ASP A 1 133 ? -3.994  -8.197  -15.627 1    18.24  ? 132 ASP A CA    1 
ATOM   1036 C  C     . ASP A 1 133 ? -3.049  -8.675  -14.543 1    17.49  ? 132 ASP A C     1 
ATOM   1037 O  O     . ASP A 1 133 ? -3.047  -9.861  -14.190 1    16.84  ? 132 ASP A O     1 
ATOM   1038 C  CB    . ASP A 1 133 ? -3.208  -8.177  -16.968 1    20.73  ? 132 ASP A CB    1 
ATOM   1039 C  CG    . ASP A 1 133 ? -4.038  -8.179  -18.231 1    27.14  ? 132 ASP A CG    1 
ATOM   1040 O  OD1   . ASP A 1 133 ? -5.228  -8.488  -18.149 1    28.2   ? 132 ASP A OD1   1 
ATOM   1041 O  OD2   . ASP A 1 133 ? -3.486  -7.849  -19.310 1    30.01  ? 132 ASP A OD2   1 
ATOM   1042 N  N     . LEU A 1 134 ? -2.197  -7.766  -14.047 1    16.49  ? 133 LEU A N     1 
ATOM   1043 C  CA    . LEU A 1 134 ? -1.250  -8.131  -13.010 1    16.4   ? 133 LEU A CA    1 
ATOM   1044 C  C     . LEU A 1 134 ? -1.989  -8.554  -11.721 1    16.4   ? 133 LEU A C     1 
ATOM   1045 O  O     . LEU A 1 134 ? -1.688  -9.604  -11.156 1    15.45  ? 133 LEU A O     1 
ATOM   1046 C  CB    . LEU A 1 134 ? -0.304  -6.953  -12.724 1    16.4   ? 133 LEU A CB    1 
ATOM   1047 C  CG    . LEU A 1 134 ? 0.784   -7.239  -11.698 1    17.59  ? 133 LEU A CG    1 
ATOM   1048 C  CD1   . LEU A 1 134 ? 1.610   -8.446  -12.111 1    17.73  ? 133 LEU A CD1   1 
ATOM   1049 C  CD2   . LEU A 1 134 ? 1.697   -6.038  -11.552 1    17.97  ? 133 LEU A CD2   1 
ATOM   1050 N  N     . ALA A 1 135 ? -2.958  -7.715  -11.263 1    16.41  ? 134 ALA A N     1 
ATOM   1051 C  CA    . ALA A 1 135 ? -3.699  -7.996  -10.047 1    17.17  ? 134 ALA A CA    1 
ATOM   1052 C  C     . ALA A 1 135 ? -4.510  -9.299  -10.165 1    17.44  ? 134 ALA A C     1 
ATOM   1053 O  O     . ALA A 1 135 ? -4.600  -10.039 -9.192  1    17.28  ? 134 ALA A O     1 
ATOM   1054 C  CB    . ALA A 1 135 ? -4.604  -6.825  -9.713  1    17.27  ? 134 ALA A CB    1 
ATOM   1055 N  N     . ARG A 1 136 ? -5.077  -9.585  -11.351 1    17.39  ? 135 ARG A N     1 
ATOM   1056 C  CA    . ARG A 1 136 ? -5.811  -10.835 -11.560 1    18.05  ? 135 ARG A CA    1 
ATOM   1057 C  C     . ARG A 1 136 ? -4.896  -12.068 -11.438 1    19.19  ? 135 ARG A C     1 
ATOM   1058 O  O     . ARG A 1 136 ? -5.311  -13.067 -10.848 1    19.17  ? 135 ARG A O     1 
ATOM   1059 C  CB    . ARG A 1 136 ? -6.513  -10.848 -12.916 1    18.21  ? 135 ARG A CB    1 
ATOM   1060 C  CG    . ARG A 1 136 ? -7.308  -12.149 -13.195 1    21.54  ? 135 ARG A CG    1 
ATOM   1061 C  CD    . ARG A 1 136 ? -8.003  -12.232 -14.545 1    25.56  ? 135 ARG A CD    1 
ATOM   1062 N  NE    . ARG A 1 136 ? -7.963  -10.977 -15.288 1    31.89  ? 135 ARG A NE    1 
ATOM   1063 C  CZ    . ARG A 1 136 ? -7.163  -10.729 -16.318 1    33.67  ? 135 ARG A CZ    1 
ATOM   1064 N  NH1   . ARG A 1 136 ? -6.360  -11.677 -16.789 1    35.15  ? 135 ARG A NH1   1 
ATOM   1065 N  NH2   . ARG A 1 136 ? -7.181  -9.542  -16.905 1    31.99  ? 135 ARG A NH2   1 
ATOM   1066 N  N     . SER A 1 137 ? -3.639  -11.990 -11.925 1    19.94  ? 136 SER A N     1 
ATOM   1067 C  CA    . SER A 1 137 ? -2.718  -13.141 -11.806 1    20.51  ? 136 SER A CA    1 
ATOM   1068 C  C     . SER A 1 137 ? -2.329  -13.381 -10.350 1    19.55  ? 136 SER A C     1 
ATOM   1069 O  O     . SER A 1 137 ? -2.152  -14.532 -9.947  1    19.25  ? 136 SER A O     1 
ATOM   1070 C  CB    . SER A 1 137 ? -1.477  -12.957 -12.672 1    23.93  ? 136 SER A CB    1 
ATOM   1071 O  OG    . SER A 1 137 ? -0.703  -11.908 -12.111 1    30.84  ? 136 SER A OG    1 
ATOM   1072 N  N     . TYR A 1 138 ? -2.241  -12.307 -9.538  1    18.4   ? 137 TYR A N     1 
ATOM   1073 C  CA    . TYR A 1 138 ? -1.952  -12.455 -8.119  1    18.13  ? 137 TYR A CA    1 
ATOM   1074 C  C     . TYR A 1 138 ? -3.224  -12.807 -7.278  1    16.91  ? 137 TYR A C     1 
ATOM   1075 O  O     . TYR A 1 138 ? -3.094  -13.222 -6.130  1    16.05  ? 137 TYR A O     1 
ATOM   1076 C  CB    . TYR A 1 138 ? -1.357  -11.158 -7.536  1    19.07  ? 137 TYR A CB    1 
ATOM   1077 C  CG    . TYR A 1 138 ? -0.018  -10.735 -8.092  1    20.75  ? 137 TYR A CG    1 
ATOM   1078 C  CD1   . TYR A 1 138 ? 0.832   -11.654 -8.698  1    22.23  ? 137 TYR A CD1   1 
ATOM   1079 C  CD2   . TYR A 1 138 ? 0.425   -9.428  -7.963  1    21.84  ? 137 TYR A CD2   1 
ATOM   1080 C  CE1   . TYR A 1 138 ? 2.064   -11.263 -9.215  1    23.18  ? 137 TYR A CE1   1 
ATOM   1081 C  CE2   . TYR A 1 138 ? 1.657   -9.030  -8.458  1    22.77  ? 137 TYR A CE2   1 
ATOM   1082 C  CZ    . TYR A 1 138 ? 2.478   -9.950  -9.074  1    23.46  ? 137 TYR A CZ    1 
ATOM   1083 O  OH    . TYR A 1 138 ? 3.694   -9.529  -9.549  1    24.13  ? 137 TYR A OH    1 
ATOM   1084 N  N     . GLY A 1 139 ? -4.410  -12.584 -7.824  1    16.29  ? 138 GLY A N     1 
ATOM   1085 C  CA    . GLY A 1 139 ? -5.653  -12.829 -7.092  1    16.99  ? 138 GLY A CA    1 
ATOM   1086 C  C     . GLY A 1 139 ? -5.929  -11.744 -6.067  1    16.64  ? 138 GLY A C     1 
ATOM   1087 O  O     . GLY A 1 139 ? -6.418  -12.016 -4.965  1    16.88  ? 138 GLY A O     1 
ATOM   1088 N  N     . ILE A 1 140 ? -5.562  -10.497 -6.399  1    15.86  ? 139 ILE A N     1 
ATOM   1089 C  CA    . ILE A 1 140 ? -5.760  -9.378  -5.482  1    15.36  ? 139 ILE A CA    1 
ATOM   1090 C  C     . ILE A 1 140 ? -6.499  -8.240  -6.163  1    15.59  ? 139 ILE A C     1 
ATOM   1091 O  O     . ILE A 1 140 ? -6.509  -8.139  -7.407  1    16.44  ? 139 ILE A O     1 
ATOM   1092 C  CB    . ILE A 1 140 ? -4.372  -8.887  -4.923  1    15.87  ? 139 ILE A CB    1 
ATOM   1093 C  CG1   . ILE A 1 140 ? -3.498  -8.215  -6.045  1    16.13  ? 139 ILE A CG1   1 
ATOM   1094 C  CG2   . ILE A 1 140 ? -3.622  -10.018 -4.185  1    16.01  ? 139 ILE A CG2   1 
ATOM   1095 C  CD1   . ILE A 1 140 ? -2.104  -7.720  -5.585  1    16.35  ? 139 ILE A CD1   1 
ATOM   1096 N  N     . PRO A 1 141 ? -7.120  -7.345  -5.360  1    14.4   ? 140 PRO A N     1 
ATOM   1097 C  CA    . PRO A 1 141 ? -7.764  -6.163  -5.952  1    13.68  ? 140 PRO A CA    1 
ATOM   1098 C  C     . PRO A 1 141 ? -6.740  -5.136  -6.460  1    13.61  ? 140 PRO A C     1 
ATOM   1099 O  O     . PRO A 1 141 ? -5.609  -5.052  -5.953  1    13.05  ? 140 PRO A O     1 
ATOM   1100 C  CB    . PRO A 1 141 ? -8.549  -5.528  -4.778  1    14.27  ? 140 PRO A CB    1 
ATOM   1101 C  CG    . PRO A 1 141 ? -8.521  -6.571  -3.641  1    15.17  ? 140 PRO A CG    1 
ATOM   1102 C  CD    . PRO A 1 141 ? -7.243  -7.358  -3.889  1    13.9   ? 140 PRO A CD    1 
ATOM   1103 N  N     . PHE A 1 142 ? -7.178  -4.313  -7.432  1    13.17  ? 141 PHE A N     1 
ATOM   1104 C  CA    . PHE A 1 142 ? -6.391  -3.214  -7.980  1    13.02  ? 141 PHE A CA    1 
ATOM   1105 C  C     . PHE A 1 142 ? -7.256  -1.975  -7.856  1    13.03  ? 141 PHE A C     1 
ATOM   1106 O  O     . PHE A 1 142 ? -8.435  -1.973  -8.254  1    13.58  ? 141 PHE A O     1 
ATOM   1107 C  CB    . PHE A 1 142 ? -5.963  -3.454  -9.454  1    12.59  ? 141 PHE A CB    1 
ATOM   1108 C  CG    . PHE A 1 142 ? -5.527  -2.186  -10.169 1    13.1   ? 141 PHE A CG    1 
ATOM   1109 C  CD1   . PHE A 1 142 ? -4.427  -1.466  -9.730  1    13.65  ? 141 PHE A CD1   1 
ATOM   1110 C  CD2   . PHE A 1 142 ? -6.263  -1.680  -11.226 1    13.72  ? 141 PHE A CD2   1 
ATOM   1111 C  CE1   . PHE A 1 142 ? -4.065  -0.271  -10.345 1    15.14  ? 141 PHE A CE1   1 
ATOM   1112 C  CE2   . PHE A 1 142 ? -5.901  -0.482  -11.838 1    14.83  ? 141 PHE A CE2   1 
ATOM   1113 C  CZ    . PHE A 1 142 ? -4.798  0.209   -11.403 1    14.9   ? 141 PHE A CZ    1 
ATOM   1114 N  N     . ILE A 1 143 ? -6.666  -0.912  -7.303  1    12.51  ? 142 ILE A N     1 
ATOM   1115 C  CA    . ILE A 1 143 ? -7.349  0.363   -7.088  1    12.92  ? 142 ILE A CA    1 
ATOM   1116 C  C     . ILE A 1 143 ? -6.394  1.481   -7.478  1    13.06  ? 142 ILE A C     1 
ATOM   1117 O  O     . ILE A 1 143 ? -5.220  1.432   -7.099  1    12.9   ? 142 ILE A O     1 
ATOM   1118 C  CB    . ILE A 1 143 ? -7.732  0.509   -5.572  1    13.75  ? 142 ILE A CB    1 
ATOM   1119 C  CG1   . ILE A 1 143 ? -8.635  -0.658  -5.097  1    15.79  ? 142 ILE A CG1   1 
ATOM   1120 C  CG2   . ILE A 1 143 ? -8.402  1.876   -5.280  1    14.49  ? 142 ILE A CG2   1 
ATOM   1121 C  CD1   . ILE A 1 143 ? -9.035  -0.649  -3.632  1    16.09  ? 142 ILE A CD1   1 
ATOM   1122 N  N     . GLU A 1 144 ? -6.890  2.503   -8.192  1    13.19  ? 143 GLU A N     1 
ATOM   1123 C  CA    . GLU A 1 144 ? -6.105  3.686   -8.511  1    14.07  ? 143 GLU A CA    1 
ATOM   1124 C  C     . GLU A 1 144 ? -6.345  4.748   -7.445  1    14.78  ? 143 GLU A C     1 
ATOM   1125 O  O     . GLU A 1 144 ? -7.475  4.924   -6.966  1    15.34  ? 143 GLU A O     1 
ATOM   1126 C  CB    . GLU A 1 144 ? -6.444  4.250   -9.896  1    15.96  ? 143 GLU A CB    1 
ATOM   1127 C  CG    . GLU A 1 144 ? -5.890  3.351   -10.990 1    19.13  ? 143 GLU A CG    1 
ATOM   1128 C  CD    . GLU A 1 144 ? -5.684  3.954   -12.363 1    22.86  ? 143 GLU A CD    1 
ATOM   1129 O  OE1   . GLU A 1 144 ? -6.147  5.093   -12.596 1    24.32  ? 143 GLU A OE1   1 
ATOM   1130 O  OE2   . GLU A 1 144 ? -5.057  3.278   -13.209 1    21.53  ? 143 GLU A OE2   1 
ATOM   1131 N  N     . THR A 1 145 ? -5.290  5.488   -7.098  1    14.2   ? 144 THR A N     1 
ATOM   1132 C  CA    . THR A 1 145 ? -5.408  6.537   -6.086  1    13.52  ? 144 THR A CA    1 
ATOM   1133 C  C     . THR A 1 145 ? -4.726  7.844   -6.510  1    14.29  ? 144 THR A C     1 
ATOM   1134 O  O     . THR A 1 145 ? -3.917  7.863   -7.439  1    13.59  ? 144 THR A O     1 
ATOM   1135 C  CB    . THR A 1 145 ? -4.747  6.041   -4.770  1    13.2   ? 144 THR A CB    1 
ATOM   1136 O  OG1   . THR A 1 145 ? -3.346  5.830   -4.994  1    13.31  ? 144 THR A OG1   1 
ATOM   1137 C  CG2   . THR A 1 145 ? -5.401  4.786   -4.205  1    12.94  ? 144 THR A CG2   1 
ATOM   1138 N  N     . SER A 1 146 ? -5.020  8.924   -5.786  1    14.58  ? 145 SER A N     1 
ATOM   1139 C  CA    . SER A 1 146 ? -4.245  10.135  -5.872  1    15.86  ? 145 SER A CA    1 
ATOM   1140 C  C     . SER A 1 146 ? -4.061  10.617  -4.454  1    16.56  ? 145 SER A C     1 
ATOM   1141 O  O     . SER A 1 146 ? -5.032  11.062  -3.849  1    17.11  ? 145 SER A O     1 
ATOM   1142 C  CB    . SER A 1 146 ? -4.937  11.237  -6.669  1    17.39  ? 145 SER A CB    1 
ATOM   1143 O  OG    . SER A 1 146 ? -4.162  12.428  -6.531  1    17.68  ? 145 SER A OG    1 
ATOM   1144 N  N     . ALA A 1 147 ? -2.833  10.578  -3.937  1    16.67  ? 146 ALA A N     1 
ATOM   1145 C  CA    . ALA A 1 147 ? -2.509  11.177  -2.640  1    17.47  ? 146 ALA A CA    1 
ATOM   1146 C  C     . ALA A 1 147 ? -2.715  12.727  -2.691  1    18.09  ? 146 ALA A C     1 
ATOM   1147 O  O     . ALA A 1 147 ? -2.883  13.357  -1.645  1    18.16  ? 146 ALA A O     1 
ATOM   1148 C  CB    . ALA A 1 147 ? -1.064  10.871  -2.288  1    17.2   ? 146 ALA A CB    1 
ATOM   1149 N  N     . LYS A 1 148 ? -2.711  13.336  -3.898  1    17.95  ? 147 LYS A N     1 
ATOM   1150 C  CA    . LYS A 1 148 ? -2.935  14.769  -4.055  1    18.65  ? 147 LYS A CA    1 
ATOM   1151 C  C     . LYS A 1 148 ? -4.395  15.161  -3.881  1    19.4   ? 147 LYS A C     1 
ATOM   1152 O  O     . LYS A 1 148 ? -4.685  16.088  -3.132  1    20.04  ? 147 LYS A O     1 
ATOM   1153 C  CB    . LYS A 1 148 ? -2.384  15.278  -5.403  1    19.58  ? 147 LYS A CB    1 
ATOM   1154 C  CG    . LYS A 1 148 ? -2.600  16.770  -5.633  1    22.79  ? 147 LYS A CG    1 
ATOM   1155 C  CD    . LYS A 1 148 ? -1.827  17.196  -6.867  1    27.34  ? 147 LYS A CD    1 
ATOM   1156 C  CE    . LYS A 1 148 ? -1.969  18.673  -7.188  1    31.56  ? 147 LYS A CE    1 
ATOM   1157 N  NZ    . LYS A 1 148 ? -1.296  18.984  -8.483  1    33.16  ? 147 LYS A NZ    1 
ATOM   1158 N  N     . THR A 1 149 ? -5.314  14.479  -4.565  1    18.94  ? 148 THR A N     1 
ATOM   1159 C  CA    . THR A 1 149 ? -6.737  14.836  -4.481  1    18.87  ? 148 THR A CA    1 
ATOM   1160 C  C     . THR A 1 149 ? -7.527  14.026  -3.445  1    19.7   ? 148 THR A C     1 
ATOM   1161 O  O     . THR A 1 149 ? -8.699  14.315  -3.245  1    20.25  ? 148 THR A O     1 
ATOM   1162 C  CB    . THR A 1 149 ? -7.393  14.680  -5.866  1    18.3   ? 148 THR A CB    1 
ATOM   1163 O  OG1   . THR A 1 149 ? -7.498  13.283  -6.167  1    17.32  ? 148 THR A OG1   1 
ATOM   1164 C  CG2   . THR A 1 149 ? -6.614  15.413  -6.997  1    17.39  ? 148 THR A CG2   1 
ATOM   1165 N  N     . ARG A 1 150 ? -6.914  12.973  -2.864  1    19.66  ? 149 ARG A N     1 
ATOM   1166 C  CA    . ARG A 1 150 ? -7.497  11.994  -1.919  1    19.44  ? 149 ARG A CA    1 
ATOM   1167 C  C     . ARG A 1 150 ? -8.395  10.951  -2.620  1    18.3   ? 149 ARG A C     1 
ATOM   1168 O  O     . ARG A 1 150 ? -8.922  10.046  -1.972  1    18.1   ? 149 ARG A O     1 
ATOM   1169 C  CB    . ARG A 1 150 ? -8.213  12.646  -0.707  1    21.19  ? 149 ARG A CB    1 
ATOM   1170 C  CG    . ARG A 1 150 ? -8.241  11.718  0.518   1    25.42  ? 149 ARG A CG    1 
ATOM   1171 C  CD    . ARG A 1 150 ? -9.058  12.278  1.684   1    29.13  ? 149 ARG A CD    1 
ATOM   1172 N  NE    . ARG A 1 150 ? -9.250  11.285  2.748   1    31.07  ? 149 ARG A NE    1 
ATOM   1173 C  CZ    . ARG A 1 150 ? -8.543  11.252  3.873   1    31.84  ? 149 ARG A CZ    1 
ATOM   1174 N  NH1   . ARG A 1 150 ? -7.602  12.160  4.100   1    31.84  ? 149 ARG A NH1   1 
ATOM   1175 N  NH2   . ARG A 1 150 ? -8.788  10.325  4.794   1    28.67  ? 149 ARG A NH2   1 
ATOM   1176 N  N     . GLN A 1 151 ? -8.535  11.029  -3.959  1    18.32  ? 150 GLN A N     1 
ATOM   1177 C  CA    . GLN A 1 151 ? -9.321  10.066  -4.740  1    18.4   ? 150 GLN A CA    1 
ATOM   1178 C  C     . GLN A 1 151 ? -8.795  8.645   -4.498  1    15.96  ? 150 GLN A C     1 
ATOM   1179 O  O     . GLN A 1 151 ? -7.593  8.433   -4.601  1    15.51  ? 150 GLN A O     1 
ATOM   1180 C  CB    . GLN A 1 151 ? -9.191  10.414  -6.234  1    22.42  ? 150 GLN A CB    1 
ATOM   1181 C  CG    . GLN A 1 151 ? -9.684  9.346   -7.199  1    31.33  ? 150 GLN A CG    1 
ATOM   1182 C  CD    . GLN A 1 151 ? -11.176 9.222   -7.181  1    42.33  ? 150 GLN A CD    1 
ATOM   1183 O  OE1   . GLN A 1 151 ? -11.910 10.220  -7.059  1    47.29  ? 150 GLN A OE1   1 
ATOM   1184 N  NE2   . GLN A 1 151 ? -11.661 7.990   -7.297  1    43.88  ? 150 GLN A NE2   1 
ATOM   1185 N  N     . GLY A 1 152 ? -9.675  7.742   -4.082  1    14.68  ? 151 GLY A N     1 
ATOM   1186 C  CA    . GLY A 1 152 ? -9.334  6.350   -3.834  1    15.02  ? 151 GLY A CA    1 
ATOM   1187 C  C     . GLY A 1 152 ? -8.494  6.014   -2.616  1    15.05  ? 151 GLY A C     1 
ATOM   1188 O  O     . GLY A 1 152 ? -8.309  4.830   -2.337  1    15.48  ? 151 GLY A O     1 
ATOM   1189 N  N     . VAL A 1 153 ? -8.003  7.017   -1.860  1    14.43  ? 152 VAL A N     1 
ATOM   1190 C  CA    . VAL A 1 153 ? -7.116  6.766   -0.723  1    15.08  ? 152 VAL A CA    1 
ATOM   1191 C  C     . VAL A 1 153 ? -7.779  5.982   0.387   1    16.31  ? 152 VAL A C     1 
ATOM   1192 O  O     . VAL A 1 153 ? -7.277  4.920   0.758   1    16.29  ? 152 VAL A O     1 
ATOM   1193 C  CB    . VAL A 1 153 ? -6.449  8.058   -0.190  1    15.89  ? 152 VAL A CB    1 
ATOM   1194 C  CG1   . VAL A 1 153 ? -5.513  7.743   0.979   1    16.54  ? 152 VAL A CG1   1 
ATOM   1195 C  CG2   . VAL A 1 153 ? -5.695  8.763   -1.311  1    15.86  ? 152 VAL A CG2   1 
ATOM   1196 N  N     . ASP A 1 154 ? -8.923  6.458   0.918   1    16.82  ? 153 ASP A N     1 
ATOM   1197 C  CA    . ASP A 1 154 ? -9.637  5.728   1.961   1    17.9   ? 153 ASP A CA    1 
ATOM   1198 C  C     . ASP A 1 154 ? -10.027 4.337   1.468   1    17.82  ? 153 ASP A C     1 
ATOM   1199 O  O     . ASP A 1 154 ? -9.851  3.358   2.187   1    17.57  ? 153 ASP A O     1 
ATOM   1200 C  CB    . ASP A 1 154 ? -10.909 6.471   2.407   1    20.36  ? 153 ASP A CB    1 
ATOM   1201 C  CG    . ASP A 1 154 ? -10.627 7.838   2.973   1    27.82  ? 153 ASP A CG    1 
ATOM   1202 O  OD1   . ASP A 1 154 ? -9.873  7.930   3.955   1    26.92  ? 153 ASP A OD1   1 
ATOM   1203 O  OD2   . ASP A 1 154 ? -11.134 8.813   2.418   1    34.49  ? 153 ASP A OD2   1 
ATOM   1204 N  N     . ASP A 1 155 ? -10.474 4.255   0.218   1    17.6   ? 154 ASP A N     1 
ATOM   1205 C  CA    . ASP A 1 155 ? -10.879 2.993   -0.385  1    17.97  ? 154 ASP A CA    1 
ATOM   1206 C  C     . ASP A 1 155 ? -9.738  1.990   -0.444  1    17.15  ? 154 ASP A C     1 
ATOM   1207 O  O     . ASP A 1 155 ? -9.956  0.832   -0.104  1    16.62  ? 154 ASP A O     1 
ATOM   1208 C  CB    . ASP A 1 155 ? -11.459 3.234   -1.772  1    21.74  ? 154 ASP A CB    1 
ATOM   1209 C  CG    . ASP A 1 155 ? -12.147 2.039   -2.396  1    31.7   ? 154 ASP A CG    1 
ATOM   1210 O  OD1   . ASP A 1 155 ? -12.381 1.033   -1.674  1    33.23  ? 154 ASP A OD1   1 
ATOM   1211 O  OD2   . ASP A 1 155 ? -12.489 2.117   -3.604  1    35.8   ? 154 ASP A OD2   1 
ATOM   1212 N  N     . ALA A 1 156 ? -8.522  2.426   -0.818  1    16.46  ? 155 ALA A N     1 
ATOM   1213 C  CA    . ALA A 1 156 ? -7.385  1.498   -0.888  1    15.83  ? 155 ALA A CA    1 
ATOM   1214 C  C     . ALA A 1 156 ? -7.062  0.939   0.504   1    13.89  ? 155 ALA A C     1 
ATOM   1215 O  O     . ALA A 1 156 ? -6.878  -0.265  0.636   1    13.33  ? 155 ALA A O     1 
ATOM   1216 C  CB    . ALA A 1 156 ? -6.161  2.186   -1.492  1    16.14  ? 155 ALA A CB    1 
ATOM   1217 N  N     . PHE A 1 157 ? -6.994  1.800   1.535   1    13.47  ? 156 PHE A N     1 
ATOM   1218 C  CA    . PHE A 1 157 ? -6.693  1.315   2.890   1    14.21  ? 156 PHE A CA    1 
ATOM   1219 C  C     . PHE A 1 157 ? -7.834  0.469   3.489   1    14.74  ? 156 PHE A C     1 
ATOM   1220 O  O     . PHE A 1 157 ? -7.561  -0.551  4.111   1    14.63  ? 156 PHE A O     1 
ATOM   1221 C  CB    . PHE A 1 157 ? -6.294  2.467   3.826   1    14.19  ? 156 PHE A CB    1 
ATOM   1222 C  CG    . PHE A 1 157 ? -4.898  2.994   3.583   1    14.35  ? 156 PHE A CG    1 
ATOM   1223 C  CD1   . PHE A 1 157 ? -4.681  4.074   2.742   1    14.5   ? 156 PHE A CD1   1 
ATOM   1224 C  CD2   . PHE A 1 157 ? -3.805  2.425   4.220   1    15.07  ? 156 PHE A CD2   1 
ATOM   1225 C  CE1   . PHE A 1 157 ? -3.406  4.599   2.577   1    15.83  ? 156 PHE A CE1   1 
ATOM   1226 C  CE2   . PHE A 1 157 ? -2.524  2.922   4.017   1    15.79  ? 156 PHE A CE2   1 
ATOM   1227 C  CZ    . PHE A 1 157 ? -2.331  4.023   3.223   1    15.52  ? 156 PHE A CZ    1 
ATOM   1228 N  N     . TYR A 1 158 ? -9.114  0.856   3.287   1    15.45  ? 157 TYR A N     1 
ATOM   1229 C  CA    . TYR A 1 158 ? -10.252 0.088   3.829   1    15.96  ? 157 TYR A CA    1 
ATOM   1230 C  C     . TYR A 1 158 ? -10.375 -1.252  3.101   1    15.21  ? 157 TYR A C     1 
ATOM   1231 O  O     . TYR A 1 158 ? -10.737 -2.251  3.713   1    13.8   ? 157 TYR A O     1 
ATOM   1232 C  CB    . TYR A 1 158 ? -11.591 0.832   3.664   1    17.14  ? 157 TYR A CB    1 
ATOM   1233 C  CG    . TYR A 1 158 ? -11.801 2.078   4.501   1    19.85  ? 157 TYR A CG    1 
ATOM   1234 C  CD1   . TYR A 1 158 ? -10.740 2.700   5.141   1    20.88  ? 157 TYR A CD1   1 
ATOM   1235 C  CD2   . TYR A 1 158 ? -13.048 2.686   4.568   1    22.18  ? 157 TYR A CD2   1 
ATOM   1236 C  CE1   . TYR A 1 158 ? -10.918 3.889   5.838   1    23     ? 157 TYR A CE1   1 
ATOM   1237 C  CE2   . TYR A 1 158 ? -13.233 3.876   5.249   1    23.61  ? 157 TYR A CE2   1 
ATOM   1238 C  CZ    . TYR A 1 158 ? -12.172 4.465   5.898   1    24.85  ? 157 TYR A CZ    1 
ATOM   1239 O  OH    . TYR A 1 158 ? -12.387 5.635   6.572   1    28.24  ? 157 TYR A OH    1 
ATOM   1240 N  N     . THR A 1 159 ? -10.092 -1.273  1.785   1    14.84  ? 158 THR A N     1 
ATOM   1241 C  CA    . THR A 1 159 ? -10.124 -2.526  1.013   1    14.68  ? 158 THR A CA    1 
ATOM   1242 C  C     . THR A 1 159 ? -9.054  -3.477  1.559   1    14.16  ? 158 THR A C     1 
ATOM   1243 O  O     . THR A 1 159 ? -9.334  -4.665  1.719   1    13.73  ? 158 THR A O     1 
ATOM   1244 C  CB    . THR A 1 159 ? -9.880  -2.247  -0.477  1    15.61  ? 158 THR A CB    1 
ATOM   1245 O  OG1   . THR A 1 159 ? -10.993 -1.484  -0.982  1    15.37  ? 158 THR A OG1   1 
ATOM   1246 C  CG2   . THR A 1 159 ? -9.680  -3.540  -1.291  1    16.16  ? 158 THR A CG2   1 
ATOM   1247 N  N     . LEU A 1 160 ? -7.871  -2.938  1.950   1    13.23  ? 159 LEU A N     1 
ATOM   1248 C  CA    . LEU A 1 160 ? -6.837  -3.783  2.548   1    13.23  ? 159 LEU A CA    1 
ATOM   1249 C  C     . LEU A 1 160 ? -7.318  -4.380  3.873   1    13.83  ? 159 LEU A C     1 
ATOM   1250 O  O     . LEU A 1 160 ? -7.141  -5.574  4.091   1    14.45  ? 159 LEU A O     1 
ATOM   1251 C  CB    . LEU A 1 160 ? -5.500  -3.044  2.734   1    12.75  ? 159 LEU A CB    1 
ATOM   1252 C  CG    . LEU A 1 160 ? -4.330  -3.908  3.262   1    13.59  ? 159 LEU A CG    1 
ATOM   1253 C  CD1   . LEU A 1 160 ? -4.099  -5.113  2.355   1    14.03  ? 159 LEU A CD1   1 
ATOM   1254 C  CD2   . LEU A 1 160 ? -3.050  -3.056  3.425   1    13.12  ? 159 LEU A CD2   1 
ATOM   1255 N  N     . VAL A 1 161 ? -7.951  -3.571  4.733   1    13.74  ? 160 VAL A N     1 
ATOM   1256 C  CA    . VAL A 1 161 ? -8.535  -4.021  6.004   1    14.7   ? 160 VAL A CA    1 
ATOM   1257 C  C     . VAL A 1 161 ? -9.563  -5.139  5.738   1    14.69  ? 160 VAL A C     1 
ATOM   1258 O  O     . VAL A 1 161 ? -9.542  -6.168  6.412   1    14.33  ? 160 VAL A O     1 
ATOM   1259 C  CB    . VAL A 1 161 ? -9.180  -2.829  6.749   1    15.63  ? 160 VAL A CB    1 
ATOM   1260 C  CG1   . VAL A 1 161 ? -10.012 -3.296  7.946   1    17.05  ? 160 VAL A CG1   1 
ATOM   1261 C  CG2   . VAL A 1 161 ? -8.123  -1.818  7.185   1    16.25  ? 160 VAL A CG2   1 
ATOM   1262 N  N     . ARG A 1 162 ? -10.410 -4.967  4.694   1    13.69  ? 161 ARG A N     1 
ATOM   1263 C  CA    . ARG A 1 162 ? -11.400 -5.978  4.332   1    13.23  ? 161 ARG A CA    1 
ATOM   1264 C  C     . ARG A 1 162 ? -10.746 -7.253  3.829   1    14.37  ? 161 ARG A C     1 
ATOM   1265 O  O     . ARG A 1 162 ? -11.254 -8.334  4.098   1    14.87  ? 161 ARG A O     1 
ATOM   1266 C  CB    . ARG A 1 162 ? -12.376 -5.429  3.291   1    12.86  ? 161 ARG A CB    1 
ATOM   1267 C  CG    . ARG A 1 162 ? -13.240 -4.338  3.890   1    13.1   ? 161 ARG A CG    1 
ATOM   1268 C  CD    . ARG A 1 162 ? -14.146 -3.696  2.882   1    13.74  ? 161 ARG A CD    1 
ATOM   1269 N  NE    . ARG A 1 162 ? -14.867 -2.594  3.533   1    16.75  ? 161 ARG A NE    1 
ATOM   1270 C  CZ    . ARG A 1 162 ? -14.902 -1.351  3.076   1    17.6   ? 161 ARG A CZ    1 
ATOM   1271 N  NH1   . ARG A 1 162 ? -14.355 -1.051  1.902   1    15.39  ? 161 ARG A NH1   1 
ATOM   1272 N  NH2   . ARG A 1 162 ? -15.558 -0.410  3.749   1    17.76  ? 161 ARG A NH2   1 
ATOM   1273 N  N     . GLU A 1 163 ? -9.605  -7.137  3.129   1    14.02  ? 162 GLU A N     1 
ATOM   1274 C  CA    . GLU A 1 163 ? -8.840  -8.294  2.651   1    14.58  ? 162 GLU A CA    1 
ATOM   1275 C  C     . GLU A 1 163 ? -8.237  -9.068  3.823   1    15.02  ? 162 GLU A C     1 
ATOM   1276 O  O     . GLU A 1 163 ? -8.240  -10.304 3.808   1    15.82  ? 162 GLU A O     1 
ATOM   1277 C  CB    . GLU A 1 163 ? -7.745  -7.849  1.678   1    16.28  ? 162 GLU A CB    1 
ATOM   1278 C  CG    . GLU A 1 163 ? -8.285  -7.488  0.302   1    18.41  ? 162 GLU A CG    1 
ATOM   1279 C  CD    . GLU A 1 163 ? -8.883  -8.663  -0.455  1    21.4   ? 162 GLU A CD    1 
ATOM   1280 O  OE1   . GLU A 1 163 ? -8.175  -9.681  -0.644  1    18.19  ? 162 GLU A OE1   1 
ATOM   1281 O  OE2   . GLU A 1 163 ? -10.060 -8.562  -0.868  1    23.05  ? 162 GLU A OE2   1 
ATOM   1282 N  N     . ILE A 1 164 ? -7.769  -8.358  4.856   1    15.09  ? 163 ILE A N     1 
ATOM   1283 C  CA    . ILE A 1 164 ? -7.226  -8.991  6.060   1    16.14  ? 163 ILE A CA    1 
ATOM   1284 C  C     . ILE A 1 164 ? -8.346  -9.772  6.764   1    16.66  ? 163 ILE A C     1 
ATOM   1285 O  O     . ILE A 1 164 ? -8.158  -10.942 7.101   1    16.86  ? 163 ILE A O     1 
ATOM   1286 C  CB    . ILE A 1 164 ? -6.614  -7.926  6.994   1    17.11  ? 163 ILE A CB    1 
ATOM   1287 C  CG1   . ILE A 1 164 ? -5.357  -7.292  6.363   1    16.86  ? 163 ILE A CG1   1 
ATOM   1288 C  CG2   . ILE A 1 164 ? -6.297  -8.542  8.389   1    18.7   ? 163 ILE A CG2   1 
ATOM   1289 C  CD1   . ILE A 1 164 ? -4.912  -6.070  7.116   1    16.91  ? 163 ILE A CD1   1 
ATOM   1290 N  N     . ARG A 1 165 ? -9.536  -9.148  6.913   1    16.08  ? 164 ARG A N     1 
ATOM   1291 C  CA    . ARG A 1 165 ? -10.686 -9.820  7.531   1    16.79  ? 164 ARG A CA    1 
ATOM   1292 C  C     . ARG A 1 165 ? -11.107 -11.048 6.741   1    18.83  ? 164 ARG A C     1 
ATOM   1293 O  O     . ARG A 1 165 ? -11.546 -12.040 7.327   1    18.79  ? 164 ARG A O     1 
ATOM   1294 C  CB    . ARG A 1 165 ? -11.889 -8.874  7.627   1    16.39  ? 164 ARG A CB    1 
ATOM   1295 C  CG    . ARG A 1 165 ? -11.728 -7.713  8.579   1    15.09  ? 164 ARG A CG    1 
ATOM   1296 C  CD    . ARG A 1 165 ? -12.824 -6.727  8.246   1    15.76  ? 164 ARG A CD    1 
ATOM   1297 N  NE    . ARG A 1 165 ? -12.869 -5.558  9.125   1    17.8   ? 164 ARG A NE    1 
ATOM   1298 C  CZ    . ARG A 1 165 ? -13.593 -4.467  8.876   1    18.3   ? 164 ARG A CZ    1 
ATOM   1299 N  NH1   . ARG A 1 165 ? -14.351 -4.395  7.782   1    16.6   ? 164 ARG A NH1   1 
ATOM   1300 N  NH2   . ARG A 1 165 ? -13.550 -3.431  9.706   1    17.01  ? 164 ARG A NH2   1 
ATOM   1301 N  N     . LYS A 1 166 ? -11.012 -10.978 5.398   1    20.04  ? 165 LYS A N     1 
ATOM   1302 C  CA    . LYS A 1 166 ? -11.355 -12.101 4.529   1    21.47  ? 165 LYS A CA    1 
ATOM   1303 C  C     . LYS A 1 166 ? -10.421 -13.317 4.753   1    22.78  ? 165 LYS A C     1 
ATOM   1304 O  O     . LYS A 1 166 ? -10.833 -14.462 4.541   1    22.99  ? 165 LYS A O     1 
ATOM   1305 C  CB    . LYS A 1 166 ? -11.275 -11.645 3.069   1    23.58  ? 165 LYS A CB    1 
ATOM   1306 C  CG    . LYS A 1 166 ? -12.090 -12.466 2.111   1    27.63  ? 165 LYS A CG    1 
ATOM   1307 C  CD    . LYS A 1 166 ? -12.055 -11.859 0.718   1    32.61  ? 165 LYS A CD    1 
ATOM   1308 C  CE    . LYS A 1 166 ? -10.767 -12.188 0.008   1    35.8   ? 165 LYS A CE    1 
ATOM   1309 N  NZ    . LYS A 1 166 ? -10.647 -11.446 -1.271  1    39.35  ? 165 LYS A NZ    1 
ATOM   1310 N  N     . HIS A 1 167 ? -9.176  -13.056 5.182   1    23.2   ? 166 HIS A N     1 
ATOM   1311 C  CA    . HIS A 1 167 ? -8.125  -14.041 5.412   1    24.84  ? 166 HIS A CA    1 
ATOM   1312 C  C     . HIS A 1 167 ? -8.105  -14.578 6.853   1    24.99  ? 166 HIS A C     1 
ATOM   1313 O  O     . HIS A 1 167 ? -7.729  -15.729 7.070   1    25.44  ? 166 HIS A O     1 
ATOM   1314 C  CB    . HIS A 1 167 ? -6.765  -13.381 5.084   1    26.71  ? 166 HIS A CB    1 
ATOM   1315 C  CG    . HIS A 1 167 ? -5.569  -14.254 5.292   1    31.97  ? 166 HIS A CG    1 
ATOM   1316 N  ND1   . HIS A 1 167 ? -4.617  -13.964 6.265   1    34.91  ? 166 HIS A ND1   1 
ATOM   1317 C  CD2   . HIS A 1 167 ? -5.176  -15.358 4.615   1    33.95  ? 166 HIS A CD2   1 
ATOM   1318 C  CE1   . HIS A 1 167 ? -3.695  -14.908 6.157   1    35.4   ? 166 HIS A CE1   1 
ATOM   1319 N  NE2   . HIS A 1 167 ? -3.988  -15.771 5.185   1    35.35  ? 166 HIS A NE2   1 
ATOM   1320 N  N     . LYS A 1 168 ? -8.468  -13.745 7.834   1    24.55  ? 167 LYS A N     1 
ATOM   1321 C  CA    . LYS A 1 168 ? -8.392  -14.159 9.235   1    24.43  ? 167 LYS A CA    1 
ATOM   1322 C  C     . LYS A 1 168 ? -9.418  -13.479 10.112  1    24.08  ? 167 LYS A C     1 
ATOM   1323 O  O     . LYS A 1 168 ? -9.866  -12.389 9.793   1    23.66  ? 167 LYS A O     1 
ATOM   1324 C  CB    . LYS A 1 168 ? -6.977  -13.863 9.778   1    25.26  ? 167 LYS A CB    1 
ATOM   1325 C  CG    . LYS A 1 168 ? -6.599  -12.383 9.722   1    27.26  ? 167 LYS A CG    1 
ATOM   1326 C  CD    . LYS A 1 168 ? -5.164  -12.090 10.177  1    29     ? 167 LYS A CD    1 
ATOM   1327 C  CE    . LYS A 1 168 ? -4.993  -12.237 11.672  1    30.23  ? 167 LYS A CE    1 
ATOM   1328 N  NZ    . LYS A 1 168 ? -3.618  -11.853 12.113  1    29.39  ? 167 LYS A NZ    1 
ATOM   1329 N  N     . GLU A 1 169 ? -9.790  -14.126 11.241  1    24.04  ? 168 GLU A N     1 
ATOM   1330 C  CA    . GLU A 1 169 ? -10.706 -13.515 12.192  1    24.6   ? 168 GLU A CA    1 
ATOM   1331 C  C     . GLU A 1 169 ? -9.965  -12.380 12.906  1    25.19  ? 168 GLU A C     1 
ATOM   1332 O  O     . GLU A 1 169 ? -8.806  -12.550 13.293  1    26.25  ? 168 GLU A O     1 
ATOM   1333 C  CB    . GLU A 1 169 ? -11.201 -14.567 13.195  1    26.87  ? 168 GLU A CB    1 
ATOM   1334 C  CG    . GLU A 1 169 ? -12.228 -14.032 14.179  1    30.37  ? 168 GLU A CG    1 
ATOM   1335 C  CD    . GLU A 1 169 ? -12.754 -15.053 15.175  1    35.07  ? 168 GLU A CD    1 
ATOM   1336 O  OE1   . GLU A 1 169 ? -12.235 -16.193 15.201  1    35.38  ? 168 GLU A OE1   1 
ATOM   1337 O  OE2   . GLU A 1 169 ? -13.690 -14.708 15.929  1    37.29  ? 168 GLU A OE2   1 
ATOM   1338 N  N     . LYS A 1 170 ? -10.599 -11.220 13.053  1    24.57  ? 169 LYS A N     1 
ATOM   1339 C  CA    . LYS A 1 170 ? -9.967  -10.067 13.686  1    24.46  ? 169 LYS A CA    1 
ATOM   1340 C  C     . LYS A 1 170 ? -10.652 -9.601  14.974  1    25.27  ? 169 LYS A C     1 
ATOM   1341 O  O     . LYS A 1 170 ? -11.875 -9.628  15.022  1    26.02  ? 169 LYS A O     1 
ATOM   1342 C  CB    . LYS A 1 170 ? -9.847  -8.917  12.670  1    23.52  ? 169 LYS A CB    1 
ATOM   1343 C  CG    . LYS A 1 170 ? -8.782  -9.211  11.605  1    24.46  ? 169 LYS A CG    1 
ATOM   1344 C  CD    . LYS A 1 170 ? -7.348  -9.251  12.213  1    25     ? 169 LYS A CD    1 
ATOM   1345 C  CE    . LYS A 1 170 ? -6.963  -7.899  12.792  1    25.57  ? 169 LYS A CE    1 
ATOM   1346 N  NZ    . LYS A 1 170 ? -5.755  -7.961  13.627  1    24.27  ? 169 LYS A NZ    1 
HETATM 1347 C  C1    . QWH B 2 .   ? 17.083  5.147   0.687   1    54.16  ? 201 QWH A C1    1 
HETATM 1348 C  C2    . QWH B 2 .   ? 17.437  4.411   1.819   1    56.01  ? 201 QWH A C2    1 
HETATM 1349 C  C7    . QWH B 2 .   ? 15.141  5.922   -0.702  1    48.89  ? 201 QWH A C7    1 
HETATM 1350 C  C8    . QWH B 2 .   ? 19.406  5.733   0.461   1    55.41  ? 201 QWH A C8    1 
HETATM 1351 C  C9    . QWH B 2 .   ? 13.726  5.491   -0.986  1    46.13  ? 201 QWH A C9    1 
HETATM 1352 C  C12   . QWH B 2 .   ? 12.986  6.404   -1.929  1    43.41  ? 201 QWH A C12   1 
HETATM 1353 C  C13   . QWH B 2 .   ? 19.223  3.617   3.453   1    55.87  ? 201 QWH A C13   1 
HETATM 1354 C  C14   . QWH B 2 .   ? 20.532  6.435   -0.236  1    55.4   ? 201 QWH A C14   1 
HETATM 1355 N  N3    . QWH B 2 .   ? 19.725  5.028   1.559   1    55.76  ? 201 QWH A N3    1 
HETATM 1356 C  C4    . QWH B 2 .   ? 18.772  4.377   2.240   1    55.92  ? 201 QWH A C4    1 
HETATM 1357 N  N5    . QWH B 2 .   ? 15.736  5.159   0.243   1    51.52  ? 201 QWH A N5    1 
HETATM 1358 C  C6    . QWH B 2 .   ? 18.103  5.801   -0.004  1    54.75  ? 201 QWH A C6    1 
HETATM 1359 O  O10   . QWH B 2 .   ? 15.690  6.848   -1.291  1    48.98  ? 201 QWH A O10   1 
HETATM 1360 BR BR1   . QWH B 2 .   ? 16.101  3.473   2.778   1    58.18  ? 201 QWH A BR1   1 
HETATM 1361 H  H18   . QWH B 2 .   ? 13.159  5.425   -0.058  1    55.36  ? 201 QWH A H18   1 
HETATM 1362 H  H17   . QWH B 2 .   ? 13.733  4.478   -1.385  1    55.36  ? 201 QWH A H17   1 
HETATM 1363 H  H21   . QWH B 2 .   ? 13.339  7.433   -1.892  1    52.09  ? 201 QWH A H21   1 
HETATM 1364 H  H20   . QWH B 2 .   ? 11.927  6.437   -1.676  1    52.09  ? 201 QWH A H20   1 
HETATM 1365 H  H24   . QWH B 2 .   ? 20.298  3.678   3.620   1    67.04  ? 201 QWH A H24   1 
HETATM 1366 H  H23   . QWH B 2 .   ? 18.969  2.562   3.361   1    67.04  ? 201 QWH A H23   1 
HETATM 1367 H  H22   . QWH B 2 .   ? 18.734  3.995   4.349   1    67.04  ? 201 QWH A H22   1 
HETATM 1368 H  H27   . QWH B 2 .   ? 21.301  6.797   0.443   1    66.48  ? 201 QWH A H27   1 
HETATM 1369 H  H26   . QWH B 2 .   ? 20.167  7.296   -0.796  1    66.48  ? 201 QWH A H26   1 
HETATM 1370 H  H25   . QWH B 2 .   ? 21.016  5.765   -0.945  1    66.48  ? 201 QWH A H25   1 
HETATM 1371 H  H15   . QWH B 2 .   ? 15.147  4.464   0.679   1    61.82  ? 201 QWH A H15   1 
HETATM 1372 H  H16   . QWH B 2 .   ? 17.911  6.389   -0.900  1    65.7   ? 201 QWH A H16   1 
HETATM 1373 P  PB    . GDP C 3 .   ? 7.715   7.458   -1.515  1    19.11  ? 202 GDP A PB    1 
HETATM 1374 O  O1B   . GDP C 3 .   ? 9.178   7.370   -1.754  1    18.47  ? 202 GDP A O1B   1 
HETATM 1375 O  O2B   . GDP C 3 .   ? 6.988   6.269   -2.131  1    18.53  ? 202 GDP A O2B   1 
HETATM 1376 O  O3B   . GDP C 3 .   ? 7.357   7.551   -0.055  1    18.55  ? 202 GDP A O3B   1 
HETATM 1377 O  O3A   . GDP C 3 .   ? 7.102   8.729   -2.254  1    18.72  ? 202 GDP A O3A   1 
HETATM 1378 P  PA    . GDP C 3 .   ? 6.613   10.145  -1.721  1    19.37  ? 202 GDP A PA    1 
HETATM 1379 O  O1A   . GDP C 3 .   ? 7.719   10.735  -0.929  1    19.42  ? 202 GDP A O1A   1 
HETATM 1380 O  O2A   . GDP C 3 .   ? 5.367   9.992   -0.911  1    19.09  ? 202 GDP A O2A   1 
HETATM 1381 O  "O5'" . GDP C 3 .   ? 6.276   10.935  -3.044  1    18.89  ? 202 GDP A "O5'" 1 
HETATM 1382 C  "C5'" . GDP C 3 .   ? 7.292   11.241  -4.029  1    18.68  ? 202 GDP A "C5'" 1 
HETATM 1383 C  "C4'" . GDP C 3 .   ? 6.873   12.488  -4.772  1    18.38  ? 202 GDP A "C4'" 1 
HETATM 1384 O  "O4'" . GDP C 3 .   ? 5.679   12.226  -5.551  1    17.62  ? 202 GDP A "O4'" 1 
HETATM 1385 C  "C3'" . GDP C 3 .   ? 6.558   13.701  -3.894  1    18.82  ? 202 GDP A "C3'" 1 
HETATM 1386 O  "O3'" . GDP C 3 .   ? 7.027   14.890  -4.521  1    19.23  ? 202 GDP A "O3'" 1 
HETATM 1387 C  "C2'" . GDP C 3 .   ? 5.033   13.656  -3.791  1    18.98  ? 202 GDP A "C2'" 1 
HETATM 1388 O  "O2'" . GDP C 3 .   ? 4.421   14.917  -3.553  1    19.86  ? 202 GDP A "O2'" 1 
HETATM 1389 C  "C1'" . GDP C 3 .   ? 4.655   13.130  -5.177  1    18.18  ? 202 GDP A "C1'" 1 
HETATM 1390 N  N9    . GDP C 3 .   ? 3.375   12.409  -5.173  1    17.8   ? 202 GDP A N9    1 
HETATM 1391 C  C8    . GDP C 3 .   ? 3.033   11.356  -4.365  1    17.66  ? 202 GDP A C8    1 
HETATM 1392 N  N7    . GDP C 3 .   ? 1.795   10.956  -4.525  1    17.44  ? 202 GDP A N7    1 
HETATM 1393 C  C5    . GDP C 3 .   ? 1.296   11.791  -5.510  1    17.28  ? 202 GDP A C5    1 
HETATM 1394 C  C6    . GDP C 3 .   ? 0.018   11.835  -6.133  1    17.27  ? 202 GDP A C6    1 
HETATM 1395 O  O6    . GDP C 3 .   ? -0.921  11.069  -5.932  1    16.71  ? 202 GDP A O6    1 
HETATM 1396 N  N1    . GDP C 3 .   ? -0.064  12.832  -7.090  1    17.25  ? 202 GDP A N1    1 
HETATM 1397 C  C2    . GDP C 3 .   ? 0.957   13.679  -7.425  1    17.41  ? 202 GDP A C2    1 
HETATM 1398 N  N2    . GDP C 3 .   ? 0.727   14.549  -8.406  1    17.42  ? 202 GDP A N2    1 
HETATM 1399 N  N3    . GDP C 3 .   ? 2.155   13.644  -6.851  1    17.8   ? 202 GDP A N3    1 
HETATM 1400 C  C4    . GDP C 3 .   ? 2.258   12.688  -5.917  1    17.53  ? 202 GDP A C4    1 
HETATM 1401 MG MG    . MG  D 4 .   ? 8.494   7.624   1.656   1    25.06  2 203 MG  A MG    1 
HETATM 1402 S  S     . SO4 E 5 .   ? 4.184   20.465  2.345   0.5  38.17  ? 204 SO4 A S     1 
HETATM 1403 O  O1    . SO4 E 5 .   ? 4.318   19.262  3.166   0.5  38.43  ? 204 SO4 A O1    1 
HETATM 1404 O  O2    . SO4 E 5 .   ? 5.207   21.438  2.747   0.5  38     ? 204 SO4 A O2    1 
HETATM 1405 O  O3    . SO4 E 5 .   ? 2.850   21.058  2.521   0.5  37.9   ? 204 SO4 A O3    1 
HETATM 1406 O  O4    . SO4 E 5 .   ? 4.372   20.092  0.937   0.5  38.19  ? 204 SO4 A O4    1 
HETATM 1407 O  O     . HOH F 6 .   ? -4.914  9.918   -14.720 1    44.84  ? 301 HOH A O     1 
HETATM 1408 O  O     . HOH F 6 .   ? -6.050  -3.327  20.472  1    52.84  ? 302 HOH A O     1 
HETATM 1409 O  O     . HOH F 6 .   ? -12.087 -16.156 3.298   1    25.76  ? 303 HOH A O     1 
HETATM 1410 O  O     . HOH F 6 .   ? 11.891  -4.037  -12.357 1    44.33  ? 304 HOH A O     1 
HETATM 1411 O  O     . HOH F 6 .   ? 5.023   12.579  -15.040 1    41.51  ? 305 HOH A O     1 
HETATM 1412 O  O     . HOH F 6 .   ? -8.987  -8.703  -14.901 1    29.73  ? 306 HOH A O     1 
HETATM 1413 O  O     . HOH F 6 .   ? 4.290   -4.589  10.372  1    31.81  ? 307 HOH A O     1 
HETATM 1414 O  O     . HOH F 6 .   ? -5.678  -9.610  -1.070  1    17.44  ? 308 HOH A O     1 
HETATM 1415 O  O     . HOH F 6 .   ? -7.819  -7.513  -12.181 1    25.3   ? 309 HOH A O     1 
HETATM 1416 O  O     . HOH F 6 .   ? 9.129   9.894   1.026   1    20.76  ? 310 HOH A O     1 
HETATM 1417 O  O     . HOH F 6 .   ? 0.819   -9.624  12.943  1    44.09  ? 311 HOH A O     1 
HETATM 1418 O  O     . HOH F 6 .   ? -10.585 8.979   -0.337  1    22.38  ? 312 HOH A O     1 
HETATM 1419 O  O     . HOH F 6 .   ? -0.430  10.799  -21.084 1    27.86  ? 313 HOH A O     1 
HETATM 1420 O  O     . HOH F 6 .   ? -2.382  17.089  -10.487 1    24.3   ? 314 HOH A O     1 
HETATM 1421 O  O     . HOH F 6 .   ? -7.175  -6.765  -18.226 1    28.54  ? 315 HOH A O     1 
HETATM 1422 O  O     . HOH F 6 .   ? -8.076  6.662   -11.793 1    30.19  ? 316 HOH A O     1 
HETATM 1423 O  O     . HOH F 6 .   ? 10.557  9.549   -2.218  1    26.3   ? 317 HOH A O     1 
HETATM 1424 O  O     . HOH F 6 .   ? -3.253  9.762   13.996  1    30.54  ? 318 HOH A O     1 
HETATM 1425 O  O     . HOH F 6 .   ? -7.834  -7.902  -9.682  1    24.79  ? 319 HOH A O     1 
HETATM 1426 O  O     . HOH F 6 .   ? 4.659   -11.296 -11.381 1    43.39  ? 320 HOH A O     1 
HETATM 1427 O  O     . HOH F 6 .   ? -6.685  11.270  11.443  1    35.49  ? 321 HOH A O     1 
HETATM 1428 O  O     . HOH F 6 .   ? 5.238   -12.465 -8.241  1    43.4   ? 322 HOH A O     1 
HETATM 1429 O  O     . HOH F 6 .   ? 8.036   5.848   2.262   1    21.4   ? 323 HOH A O     1 
HETATM 1430 O  O     . HOH F 6 .   ? 11.736  -1.651  4.065   1    35.64  ? 324 HOH A O     1 
HETATM 1431 O  O     . HOH F 6 .   ? -10.278 7.280   6.652   1    25.87  ? 325 HOH A O     1 
HETATM 1432 O  O     . HOH F 6 .   ? -7.662  12.542  -8.734  1    28.39  ? 326 HOH A O     1 
HETATM 1433 O  O     . HOH F 6 .   ? 11.867  -0.159  -17.870 1    20.66  ? 327 HOH A O     1 
HETATM 1434 O  O     . HOH F 6 .   ? -8.349  -10.971 -2.999  1    27.97  ? 328 HOH A O     1 
HETATM 1435 O  O     . HOH F 6 .   ? 9.981   -17.585 3.348   0.5  21.46  ? 329 HOH A O     1 
HETATM 1436 O  O     . HOH F 6 .   ? -17.596 1.185   16.606  1    37.92  ? 330 HOH A O     1 
HETATM 1437 O  O     . HOH F 6 .   ? -1.781  -12.715 -1.935  1    27.69  ? 331 HOH A O     1 
HETATM 1438 O  O     . HOH F 6 .   ? 3.753   -1.385  12.293  1    45.04  ? 332 HOH A O     1 
HETATM 1439 O  O     . HOH F 6 .   ? 8.243   10.055  11.352  1    41.84  ? 333 HOH A O     1 
HETATM 1440 O  O     . HOH F 6 .   ? -20.924 -1.108  15.283  1    33.8   ? 334 HOH A O     1 
HETATM 1441 O  O     . HOH F 6 .   ? 0.466   13.465  1.626   1    21.45  ? 335 HOH A O     1 
HETATM 1442 O  O     . HOH F 6 .   ? 9.935   7.982   3.279   1    22.08  ? 336 HOH A O     1 
HETATM 1443 O  O     . HOH F 6 .   ? -9.376  -3.502  -10.311 1    14.76  ? 337 HOH A O     1 
HETATM 1444 O  O     . HOH F 6 .   ? 9.291   -0.726  0.039   1    20.31  ? 338 HOH A O     1 
HETATM 1445 O  O     . HOH F 6 .   ? -3.659  -12.091 -15.652 1    35.47  ? 339 HOH A O     1 
HETATM 1446 O  O     . HOH F 6 .   ? 10.259  6.778   0.692   1    26.35  ? 340 HOH A O     1 
HETATM 1447 O  O     . HOH F 6 .   ? -7.453  -11.993 1.801   1    30.2   ? 341 HOH A O     1 
HETATM 1448 O  O     . HOH F 6 .   ? 6.557   -0.153  -7.097  1    14.6   ? 342 HOH A O     1 
HETATM 1449 O  O     . HOH F 6 .   ? 13.155  2.006   -5.448  1    31.65  ? 343 HOH A O     1 
HETATM 1450 O  O     . HOH F 6 .   ? -14.787 3.607   -4.006  1    74.5   ? 344 HOH A O     1 
HETATM 1451 O  O     . HOH F 6 .   ? 1.066   0.999   -21.909 1    47.32  ? 345 HOH A O     1 
HETATM 1452 O  O     . HOH F 6 .   ? -2.494  -11.744 7.313   1    27.17  ? 346 HOH A O     1 
HETATM 1453 O  O     . HOH F 6 .   ? -9.378  -6.843  -16.795 1    20.73  ? 347 HOH A O     1 
HETATM 1454 O  O     . HOH F 6 .   ? 10.396  -3.018  0.769   1    34.88  ? 348 HOH A O     1 
HETATM 1455 O  O     . HOH F 6 .   ? 6.023   8.904   -10.424 1    16.74  ? 349 HOH A O     1 
HETATM 1456 O  O     . HOH F 6 .   ? 10.979  0.949   -1.233  1    32.33  ? 350 HOH A O     1 
HETATM 1457 O  O     . HOH F 6 .   ? 7.718   9.084   -13.072 1    25.19  ? 351 HOH A O     1 
HETATM 1458 O  O     . HOH F 6 .   ? -3.616  10.026  -16.672 1    50.41  ? 352 HOH A O     1 
HETATM 1459 O  O     . HOH F 6 .   ? 12.430  -3.080  -14.982 1    39.12  ? 353 HOH A O     1 
HETATM 1460 O  O     . HOH F 6 .   ? 9.491   12.829  -1.539  1    34.71  ? 354 HOH A O     1 
HETATM 1461 O  O     . HOH F 6 .   ? 3.130   -14.090 -7.026  1    40.99  ? 355 HOH A O     1 
HETATM 1462 O  O     . HOH F 6 .   ? -3.860  20.773  3.938   1    49.44  ? 356 HOH A O     1 
HETATM 1463 O  O     . HOH F 6 .   ? 5.658   -6.218  -11.881 1    29.96  ? 357 HOH A O     1 
HETATM 1464 O  O     . HOH F 6 .   ? -14.098 -8.373  4.155   1    17.19  ? 358 HOH A O     1 
HETATM 1465 O  O     . HOH F 6 .   ? -12.036 4.217   -5.475  1    23.54  ? 359 HOH A O     1 
HETATM 1466 O  O     . HOH F 6 .   ? -10.309 4.812   -7.274  1    30.66  ? 360 HOH A O     1 
HETATM 1467 O  O     . HOH F 6 .   ? 1.519   -16.302 6.487   1    50.01  ? 361 HOH A O     1 
HETATM 1468 O  O     . HOH F 6 .   ? -13.552 -2.625  -0.350  1    13.85  ? 362 HOH A O     1 
HETATM 1469 O  O     . HOH F 6 .   ? 1.223   -15.253 -7.116  1    41.24  ? 363 HOH A O     1 
HETATM 1470 O  O     . HOH F 6 .   ? -6.742  8.627   15.123  1    38.5   ? 364 HOH A O     1 
HETATM 1471 O  O     . HOH F 6 .   ? 7.747   7.410   7.189   1    30.72  ? 365 HOH A O     1 
HETATM 1472 O  O     . HOH F 6 .   ? 17.875  -13.025 9.289   1    45.04  ? 366 HOH A O     1 
HETATM 1473 O  O     . HOH F 6 .   ? -17.191 2.211   6.790   1    28.65  ? 367 HOH A O     1 
HETATM 1474 O  O     . HOH F 6 .   ? 2.274   -2.522  10.428  1    32.35  ? 368 HOH A O     1 
HETATM 1475 O  O     . HOH F 6 .   ? -3.517  19.060  0.950   1    31.84  ? 369 HOH A O     1 
HETATM 1476 O  O     . HOH F 6 .   ? 3.619   0.227   -19.389 1    24.43  ? 370 HOH A O     1 
HETATM 1477 O  O     . HOH F 6 .   ? -5.722  3.474   -18.458 1    27.87  ? 371 HOH A O     1 
HETATM 1478 O  O     . HOH F 6 .   ? -6.483  -6.594  17.596  1    39     ? 372 HOH A O     1 
HETATM 1479 O  O     . HOH F 6 .   ? 9.033   -18.729 1.290   1    30.73  ? 373 HOH A O     1 
HETATM 1480 O  O     . HOH F 6 .   ? -15.679 -1.889  17.269  1    32.1   ? 374 HOH A O     1 
HETATM 1481 O  O     . HOH F 6 .   ? 5.659   12.285  -10.843 1    27.53  ? 375 HOH A O     1 
HETATM 1482 O  O     . HOH F 6 .   ? -18.654 2.345   9.102   1    26.68  ? 376 HOH A O     1 
HETATM 1483 O  O     . HOH F 6 .   ? -0.651  -7.067  -19.522 1    33.5   ? 377 HOH A O     1 
HETATM 1484 O  O     . HOH F 6 .   ? -10.546 9.551   8.147   1    43.21  ? 378 HOH A O     1 
HETATM 1485 O  O     . HOH F 6 .   ? -12.514 8.605   -3.883  1    24.19  ? 379 HOH A O     1 
HETATM 1486 O  O     . HOH F 6 .   ? -2.462  1.869   -14.011 1    21.16  ? 380 HOH A O     1 
HETATM 1487 O  O     . HOH F 6 .   ? 11.166  3.321   -1.053  1    42.85  ? 381 HOH A O     1 
HETATM 1488 O  O     . HOH F 6 .   ? -11.555 6.636   -1.238  1    16.33  ? 382 HOH A O     1 
HETATM 1489 O  O     . HOH F 6 .   ? 3.733   7.717   14.652  1    40.16  ? 383 HOH A O     1 
HETATM 1490 O  O     . HOH F 6 .   ? -13.254 -3.432  17.673  1    48.34  ? 384 HOH A O     1 
HETATM 1491 O  O     . HOH F 6 .   ? -5.573  -13.448 1.756   1    30.18  ? 385 HOH A O     1 
HETATM 1492 O  O     . HOH F 6 .   ? 4.946   13.355  -8.635  1    22.68  ? 386 HOH A O     1 
HETATM 1493 O  O     . HOH F 6 .   ? 11.332  5.502   -13.411 1    36.42  ? 387 HOH A O     1 
HETATM 1494 O  O     . HOH F 6 .   ? -0.662  9.723   13.401  0.50 106.37 ? 388 HOH A O     1 
HETATM 1495 O  O     . HOH F 6 .   ? -7.233  -9.421  15.954  1    42.73  ? 389 HOH A O     1 
HETATM 1496 O  O     . HOH F 6 .   ? -4.437  -15.834 -2.785  1    45.15  ? 390 HOH A O     1 
HETATM 1497 O  O     . HOH F 6 .   ? -0.314  -15.112 4.992   1    38.53  ? 391 HOH A O     1 
HETATM 1498 O  O     . HOH F 6 .   ? -9.043  -17.318 11.023  1    45.47  ? 392 HOH A O     1 
HETATM 1499 O  O     . HOH F 6 .   ? -1.244  -12.657 9.885   1    33.69  ? 393 HOH A O     1 
HETATM 1500 O  O     . HOH F 6 .   ? 8.790   11.008  -8.204  1    46.87  ? 394 HOH A O     1 
HETATM 1501 O  O     . HOH F 6 .   ? -5.595  -12.261 -1.350  1    27.22  ? 395 HOH A O     1 
HETATM 1502 O  O     . HOH F 6 .   ? 10.998  2.781   -18.323 0.33 28.04  ? 396 HOH A O     1 
# 
